data_1SSM
#
_entry.id   1SSM
#
_cell.length_a   107.100
_cell.length_b   126.600
_cell.length_c   107.300
_cell.angle_alpha   90.00
_cell.angle_beta   90.00
_cell.angle_gamma   90.00
#
_symmetry.space_group_name_H-M   'P 21 21 2'
#
loop_
_entity.id
_entity.type
_entity.pdbx_description
1 polymer 'Serine acetyltransferase'
2 water water
#
_entity_poly.entity_id   1
_entity_poly.type   'polypeptide(L)'
_entity_poly.pdbx_seq_one_letter_code
;(MSE)TLDVWQHIRQEAKELAENEP(MSE)LASFFHSTILKHQNLGGALSYLLANKLANPI(MSE)PAISLREIIEEAYQ
SNPSIIDCAACDIQAVRHRDPAVELWSTPLLYLKGFHAIQSYRITHYLWNQNRKSLALYLQNQISVAFDVDIHPAAKIGH
GI(MSE)FDHATGIVVGETSVIENDVSILQGVTLGGTGKESGDRHPKVREGV(MSE)IGAGAKILGNIEVGKYAKIGANS
VVLNPVPEYATAAGVPARIVSQ
;
_entity_poly.pdbx_strand_id   A,B,C,D,E,F
#
# COMPACT_ATOMS: atom_id res chain seq x y z
N THR A 2 -8.97 -27.18 20.77
CA THR A 2 -8.48 -26.15 19.91
C THR A 2 -6.98 -26.25 19.78
N LEU A 3 -6.32 -26.52 20.89
CA LEU A 3 -4.88 -26.66 20.94
C LEU A 3 -4.29 -27.75 20.03
N ASP A 4 -5.04 -28.84 19.85
CA ASP A 4 -4.56 -29.92 19.00
C ASP A 4 -4.74 -29.52 17.54
N VAL A 5 -5.80 -28.78 17.26
CA VAL A 5 -6.05 -28.32 15.90
C VAL A 5 -4.89 -27.39 15.58
N TRP A 6 -4.50 -26.57 16.56
CA TRP A 6 -3.36 -25.65 16.37
C TRP A 6 -2.05 -26.40 16.14
N GLN A 7 -1.70 -27.31 17.05
CA GLN A 7 -0.48 -28.09 16.89
C GLN A 7 -0.42 -28.77 15.51
N HIS A 8 -1.54 -29.34 15.06
CA HIS A 8 -1.58 -29.96 13.74
C HIS A 8 -1.34 -28.88 12.64
N ILE A 9 -1.95 -27.70 12.80
CA ILE A 9 -1.77 -26.65 11.78
C ILE A 9 -0.30 -26.23 11.67
N ARG A 10 0.36 -26.03 12.81
CA ARG A 10 1.77 -25.67 12.84
C ARG A 10 2.58 -26.77 12.15
N GLN A 11 2.30 -28.01 12.54
CA GLN A 11 3.02 -29.12 11.98
C GLN A 11 2.95 -29.14 10.47
N GLU A 12 1.75 -29.07 9.92
CA GLU A 12 1.64 -29.06 8.46
C GLU A 12 2.34 -27.83 7.92
N ALA A 13 2.14 -26.69 8.56
CA ALA A 13 2.76 -25.50 8.03
C ALA A 13 4.27 -25.61 7.89
N LYS A 14 4.90 -26.33 8.82
CA LYS A 14 6.36 -26.46 8.78
C LYS A 14 6.78 -27.28 7.58
N GLU A 15 5.98 -28.28 7.24
CA GLU A 15 6.31 -29.11 6.10
C GLU A 15 5.89 -28.41 4.82
N LEU A 16 4.73 -27.75 4.81
CA LEU A 16 4.30 -27.04 3.62
C LEU A 16 5.37 -26.03 3.23
N ALA A 17 5.87 -25.32 4.22
CA ALA A 17 6.90 -24.34 3.98
C ALA A 17 8.14 -25.01 3.36
N GLU A 18 8.52 -26.18 3.86
CA GLU A 18 9.71 -26.88 3.31
C GLU A 18 9.56 -27.20 1.86
N ASN A 19 8.36 -27.64 1.53
CA ASN A 19 8.09 -28.04 0.18
C ASN A 19 7.85 -26.96 -0.83
N GLU A 20 7.53 -25.75 -0.37
CA GLU A 20 7.22 -24.68 -1.32
C GLU A 20 7.95 -23.40 -0.95
N PRO A 21 9.18 -23.24 -1.45
CA PRO A 21 9.91 -22.03 -1.13
C PRO A 21 9.25 -20.70 -1.48
N LEU A 23 6.28 -20.00 -1.08
CA LEU A 23 5.25 -19.65 -0.14
C LEU A 23 5.69 -19.75 1.31
N ALA A 24 6.99 -19.98 1.54
CA ALA A 24 7.46 -20.14 2.90
C ALA A 24 7.21 -18.87 3.73
N SER A 25 7.38 -17.70 3.13
CA SER A 25 7.20 -16.44 3.86
C SER A 25 5.78 -16.37 4.37
N PHE A 26 4.85 -16.76 3.50
CA PHE A 26 3.40 -16.83 3.75
C PHE A 26 3.06 -17.77 4.90
N PHE A 27 3.54 -19.00 4.85
CA PHE A 27 3.29 -19.94 5.95
C PHE A 27 3.78 -19.39 7.27
N HIS A 28 4.93 -18.75 7.21
CA HIS A 28 5.54 -18.16 8.37
C HIS A 28 4.77 -16.96 8.95
N SER A 29 4.35 -16.03 8.12
CA SER A 29 3.59 -14.86 8.58
C SER A 29 2.20 -15.25 9.07
N THR A 30 1.56 -16.16 8.36
CA THR A 30 0.23 -16.56 8.71
C THR A 30 0.11 -17.60 9.82
N ILE A 31 1.07 -18.51 9.92
CA ILE A 31 1.01 -19.53 10.94
C ILE A 31 2.16 -19.65 11.92
N LEU A 32 3.35 -20.00 11.42
CA LEU A 32 4.48 -20.28 12.32
C LEU A 32 4.98 -19.24 13.30
N LYS A 33 4.74 -17.97 13.04
CA LYS A 33 5.20 -16.94 13.95
C LYS A 33 4.18 -16.69 15.05
N HIS A 34 3.04 -17.36 14.98
CA HIS A 34 2.05 -17.15 16.04
C HIS A 34 2.11 -18.25 17.09
N GLN A 35 1.52 -17.99 18.25
CA GLN A 35 1.55 -18.96 19.33
C GLN A 35 0.27 -19.69 19.61
N ASN A 36 -0.80 -19.32 18.91
CA ASN A 36 -2.11 -19.92 19.06
C ASN A 36 -2.98 -19.54 17.85
N LEU A 37 -4.10 -20.22 17.72
CA LEU A 37 -4.99 -20.01 16.60
C LEU A 37 -5.48 -18.57 16.55
N GLY A 38 -5.71 -17.99 17.73
CA GLY A 38 -6.20 -16.65 17.83
C GLY A 38 -5.29 -15.69 17.11
N GLY A 39 -4.00 -15.82 17.37
CA GLY A 39 -3.01 -14.92 16.77
C GLY A 39 -3.04 -15.05 15.25
N ALA A 40 -3.02 -16.29 14.75
CA ALA A 40 -3.03 -16.51 13.30
C ALA A 40 -4.29 -15.98 12.62
N LEU A 41 -5.41 -16.37 13.19
CA LEU A 41 -6.68 -15.97 12.62
C LEU A 41 -6.85 -14.45 12.60
N SER A 42 -6.55 -13.81 13.72
CA SER A 42 -6.68 -12.36 13.75
C SER A 42 -5.75 -11.75 12.66
N TYR A 43 -4.51 -12.24 12.56
CA TYR A 43 -3.57 -11.72 11.56
C TYR A 43 -4.16 -11.89 10.15
N LEU A 44 -4.66 -13.09 9.86
CA LEU A 44 -5.23 -13.42 8.55
C LEU A 44 -6.40 -12.55 8.20
N LEU A 45 -7.38 -12.47 9.10
CA LEU A 45 -8.58 -11.70 8.85
C LEU A 45 -8.31 -10.19 8.78
N ALA A 46 -7.40 -9.70 9.61
CA ALA A 46 -7.11 -8.28 9.58
C ALA A 46 -6.54 -7.89 8.21
N ASN A 47 -5.69 -8.74 7.65
CA ASN A 47 -5.09 -8.47 6.34
C ASN A 47 -6.10 -8.59 5.20
N LYS A 48 -6.96 -9.59 5.29
CA LYS A 48 -7.95 -9.84 4.24
C LYS A 48 -8.98 -8.73 4.22
N LEU A 49 -9.28 -8.18 5.39
CA LEU A 49 -10.29 -7.16 5.51
C LEU A 49 -9.80 -5.73 5.37
N ALA A 50 -8.47 -5.56 5.41
CA ALA A 50 -7.87 -4.23 5.29
C ALA A 50 -8.18 -3.50 3.96
N ASN A 51 -8.15 -2.17 4.02
CA ASN A 51 -8.38 -1.36 2.83
C ASN A 51 -7.66 -0.11 3.18
N PRO A 52 -7.61 0.83 2.24
CA PRO A 52 -6.89 2.09 2.49
C PRO A 52 -7.39 2.94 3.65
N ILE A 53 -8.68 2.92 3.95
CA ILE A 53 -9.10 3.76 5.06
C ILE A 53 -8.93 3.07 6.40
N PRO A 55 -6.79 0.14 7.67
CA PRO A 55 -5.66 -0.80 7.54
C PRO A 55 -5.61 -2.01 8.51
N ALA A 56 -4.90 -3.04 8.05
CA ALA A 56 -4.72 -4.29 8.80
C ALA A 56 -4.36 -4.01 10.26
N ILE A 57 -3.45 -3.09 10.48
CA ILE A 57 -3.06 -2.82 11.85
C ILE A 57 -4.25 -2.27 12.64
N SER A 58 -5.12 -1.51 11.99
CA SER A 58 -6.24 -1.01 12.77
C SER A 58 -7.27 -2.10 12.99
N LEU A 59 -7.50 -2.97 12.01
CA LEU A 59 -8.50 -4.01 12.26
C LEU A 59 -8.09 -5.09 13.28
N ARG A 60 -6.82 -5.50 13.30
CA ARG A 60 -6.41 -6.58 14.23
C ARG A 60 -6.68 -6.30 15.68
N GLU A 61 -6.44 -5.06 16.07
CA GLU A 61 -6.69 -4.62 17.44
C GLU A 61 -8.19 -4.79 17.71
N ILE A 62 -9.03 -4.61 16.68
CA ILE A 62 -10.46 -4.81 16.91
C ILE A 62 -10.75 -6.28 17.16
N ILE A 63 -10.14 -7.16 16.38
CA ILE A 63 -10.34 -8.62 16.48
C ILE A 63 -9.77 -9.23 17.76
N GLU A 64 -8.58 -8.75 18.14
CA GLU A 64 -7.92 -9.24 19.33
C GLU A 64 -8.71 -8.82 20.56
N GLU A 65 -9.38 -7.69 20.49
CA GLU A 65 -10.23 -7.25 21.60
C GLU A 65 -11.32 -8.31 21.67
N ALA A 66 -11.97 -8.56 20.54
CA ALA A 66 -13.03 -9.57 20.50
C ALA A 66 -12.61 -10.96 21.00
N TYR A 67 -11.40 -11.39 20.69
CA TYR A 67 -10.98 -12.71 21.09
C TYR A 67 -10.67 -12.77 22.55
N GLN A 68 -10.18 -11.66 23.07
CA GLN A 68 -9.85 -11.64 24.48
C GLN A 68 -11.10 -11.52 25.35
N SER A 69 -12.23 -11.07 24.80
CA SER A 69 -13.47 -10.91 25.58
C SER A 69 -14.39 -12.10 25.46
N ASN A 70 -14.21 -12.86 24.38
CA ASN A 70 -15.04 -14.01 24.17
C ASN A 70 -14.12 -15.01 23.55
N PRO A 71 -13.28 -15.65 24.36
CA PRO A 71 -12.34 -16.64 23.82
C PRO A 71 -13.02 -17.77 23.10
N SER A 72 -14.27 -18.05 23.44
CA SER A 72 -15.01 -19.19 22.82
C SER A 72 -15.05 -19.14 21.30
N ILE A 73 -14.99 -17.92 20.76
CA ILE A 73 -15.01 -17.66 19.33
C ILE A 73 -13.94 -18.45 18.57
N ILE A 74 -12.73 -18.51 19.12
CA ILE A 74 -11.62 -19.23 18.51
C ILE A 74 -11.92 -20.71 18.55
N ASP A 75 -12.58 -21.13 19.62
CA ASP A 75 -12.95 -22.53 19.70
C ASP A 75 -13.92 -22.87 18.59
N CYS A 76 -14.81 -21.95 18.27
CA CYS A 76 -15.77 -22.18 17.21
C CYS A 76 -15.02 -22.28 15.87
N ALA A 77 -13.92 -21.55 15.74
CA ALA A 77 -13.16 -21.62 14.50
C ALA A 77 -12.56 -23.00 14.33
N ALA A 78 -11.94 -23.52 15.38
CA ALA A 78 -11.32 -24.85 15.28
C ALA A 78 -12.41 -25.83 14.86
N CYS A 79 -13.58 -25.76 15.49
CA CYS A 79 -14.69 -26.64 15.12
C CYS A 79 -15.10 -26.50 13.64
N ASP A 80 -15.03 -25.29 13.10
CA ASP A 80 -15.43 -25.11 11.70
C ASP A 80 -14.39 -25.75 10.81
N ILE A 81 -13.14 -25.76 11.27
CA ILE A 81 -12.05 -26.35 10.51
C ILE A 81 -12.22 -27.87 10.33
N GLN A 82 -12.46 -28.57 11.44
CA GLN A 82 -12.64 -30.03 11.42
C GLN A 82 -13.82 -30.32 10.53
N ALA A 83 -14.87 -29.54 10.72
CA ALA A 83 -16.04 -29.71 9.91
C ALA A 83 -15.64 -29.69 8.44
N VAL A 84 -14.82 -28.72 7.98
CA VAL A 84 -14.54 -28.72 6.53
C VAL A 84 -13.68 -29.89 6.21
N ARG A 85 -12.82 -30.27 7.14
CA ARG A 85 -11.91 -31.39 6.93
C ARG A 85 -12.61 -32.65 6.53
N HIS A 86 -13.60 -33.08 7.30
CA HIS A 86 -14.18 -34.32 6.85
C HIS A 86 -15.47 -34.25 6.08
N ARG A 87 -16.06 -33.06 5.97
CA ARG A 87 -17.27 -32.98 5.19
C ARG A 87 -16.85 -32.75 3.76
N ASP A 88 -15.57 -32.43 3.60
CA ASP A 88 -15.01 -32.24 2.26
C ASP A 88 -13.77 -33.08 1.98
N PRO A 89 -13.95 -34.37 1.75
CA PRO A 89 -12.79 -35.26 1.46
C PRO A 89 -11.70 -34.64 0.57
N ALA A 90 -12.04 -33.59 -0.22
CA ALA A 90 -11.04 -32.91 -1.07
C ALA A 90 -10.05 -32.20 -0.12
N VAL A 91 -10.50 -31.93 1.09
CA VAL A 91 -9.64 -31.24 2.07
C VAL A 91 -9.13 -32.23 3.12
N GLU A 92 -7.80 -32.42 3.14
CA GLU A 92 -7.18 -33.32 4.11
C GLU A 92 -6.22 -32.58 5.06
N LEU A 93 -5.82 -31.35 4.70
CA LEU A 93 -4.91 -30.61 5.56
C LEU A 93 -5.69 -29.67 6.48
N TRP A 94 -5.36 -29.67 7.77
CA TRP A 94 -6.05 -28.85 8.74
C TRP A 94 -5.79 -27.39 8.48
N SER A 95 -4.67 -27.10 7.86
CA SER A 95 -4.31 -25.72 7.61
C SER A 95 -5.05 -25.07 6.44
N THR A 96 -5.65 -25.89 5.56
CA THR A 96 -6.35 -25.39 4.38
C THR A 96 -7.56 -24.46 4.61
N PRO A 97 -8.55 -24.87 5.46
CA PRO A 97 -9.69 -23.99 5.68
C PRO A 97 -9.18 -22.67 6.19
N LEU A 98 -8.27 -22.79 7.17
CA LEU A 98 -7.67 -21.63 7.81
C LEU A 98 -6.99 -20.63 6.89
N LEU A 99 -6.17 -21.15 5.99
CA LEU A 99 -5.40 -20.31 5.11
C LEU A 99 -6.11 -19.87 3.83
N TYR A 100 -6.91 -20.73 3.23
CA TYR A 100 -7.47 -20.39 1.92
C TYR A 100 -8.94 -20.28 1.68
N LEU A 101 -9.78 -20.85 2.51
CA LEU A 101 -11.19 -20.83 2.18
C LEU A 101 -11.97 -19.59 2.63
N LYS A 102 -12.39 -18.76 1.67
CA LYS A 102 -13.07 -17.53 2.03
C LYS A 102 -14.38 -17.70 2.78
N GLY A 103 -15.02 -18.83 2.59
CA GLY A 103 -16.27 -19.06 3.31
C GLY A 103 -15.96 -19.21 4.79
N PHE A 104 -14.85 -19.87 5.08
CA PHE A 104 -14.39 -20.03 6.45
C PHE A 104 -14.08 -18.64 6.93
N HIS A 105 -13.31 -17.93 6.12
CA HIS A 105 -12.88 -16.59 6.49
C HIS A 105 -14.08 -15.72 6.80
N ALA A 106 -15.14 -15.86 6.01
CA ALA A 106 -16.32 -15.04 6.25
C ALA A 106 -17.03 -15.48 7.52
N ILE A 107 -17.10 -16.77 7.76
CA ILE A 107 -17.81 -17.21 8.96
C ILE A 107 -17.10 -16.68 10.16
N GLN A 108 -15.79 -16.87 10.23
CA GLN A 108 -15.05 -16.39 11.40
C GLN A 108 -15.16 -14.87 11.56
N SER A 109 -15.15 -14.13 10.44
CA SER A 109 -15.27 -12.67 10.46
C SER A 109 -16.66 -12.32 10.98
N TYR A 110 -17.67 -13.10 10.58
CA TYR A 110 -19.02 -12.84 11.06
C TYR A 110 -19.03 -12.92 12.59
N ARG A 111 -18.47 -14.00 13.14
CA ARG A 111 -18.46 -14.19 14.60
C ARG A 111 -17.98 -12.93 15.32
N ILE A 112 -16.96 -12.29 14.79
CA ILE A 112 -16.50 -11.06 15.41
C ILE A 112 -17.59 -9.98 15.38
N THR A 113 -18.35 -9.91 14.29
CA THR A 113 -19.40 -8.89 14.16
C THR A 113 -20.57 -9.20 15.05
N HIS A 114 -20.79 -10.49 15.33
CA HIS A 114 -21.86 -10.92 16.19
C HIS A 114 -21.59 -10.54 17.67
N TYR A 115 -20.33 -10.64 18.06
CA TYR A 115 -19.89 -10.32 19.42
C TYR A 115 -20.09 -8.84 19.60
N LEU A 116 -19.69 -8.10 18.57
CA LEU A 116 -19.79 -6.66 18.53
C LEU A 116 -21.27 -6.24 18.55
N TRP A 117 -22.13 -6.90 17.77
CA TRP A 117 -23.59 -6.60 17.75
C TRP A 117 -24.24 -6.79 19.17
N ASN A 118 -23.96 -7.93 19.81
CA ASN A 118 -24.47 -8.25 21.13
C ASN A 118 -23.87 -7.34 22.20
N GLN A 119 -22.97 -6.44 21.82
CA GLN A 119 -22.35 -5.55 22.79
C GLN A 119 -22.82 -4.16 22.46
N ASN A 120 -23.75 -4.08 21.53
CA ASN A 120 -24.29 -2.82 21.04
C ASN A 120 -23.27 -1.91 20.30
N ARG A 121 -22.17 -2.51 19.84
CA ARG A 121 -21.20 -1.75 19.06
C ARG A 121 -21.61 -2.09 17.62
N LYS A 122 -22.78 -1.57 17.24
CA LYS A 122 -23.32 -1.85 15.92
C LYS A 122 -22.69 -1.11 14.73
N SER A 123 -22.19 0.10 14.92
CA SER A 123 -21.57 0.72 13.75
C SER A 123 -20.32 -0.08 13.36
N LEU A 124 -19.63 -0.63 14.36
CA LEU A 124 -18.44 -1.40 14.10
C LEU A 124 -18.85 -2.74 13.52
N ALA A 125 -19.97 -3.26 14.00
CA ALA A 125 -20.48 -4.50 13.47
C ALA A 125 -20.87 -4.27 12.00
N LEU A 126 -21.44 -3.10 11.68
CA LEU A 126 -21.87 -2.85 10.30
C LEU A 126 -20.70 -2.64 9.37
N TYR A 127 -19.66 -1.94 9.85
CA TYR A 127 -18.51 -1.72 9.00
C TYR A 127 -17.93 -3.07 8.61
N LEU A 128 -17.82 -3.97 9.57
CA LEU A 128 -17.24 -5.27 9.27
C LEU A 128 -18.10 -6.13 8.37
N GLN A 129 -19.37 -6.24 8.71
CA GLN A 129 -20.33 -6.99 7.90
C GLN A 129 -20.10 -6.74 6.41
N ASN A 130 -20.10 -5.45 6.08
CA ASN A 130 -19.95 -5.02 4.70
C ASN A 130 -18.53 -5.14 4.12
N GLN A 131 -17.51 -5.08 4.96
CA GLN A 131 -16.13 -5.24 4.51
C GLN A 131 -16.00 -6.75 4.28
N ILE A 132 -16.84 -7.52 4.97
CA ILE A 132 -16.80 -8.97 4.79
C ILE A 132 -17.45 -9.26 3.44
N SER A 133 -18.51 -8.52 3.14
CA SER A 133 -19.17 -8.70 1.88
C SER A 133 -18.23 -8.35 0.69
N VAL A 134 -17.44 -7.29 0.84
CA VAL A 134 -16.51 -6.88 -0.21
C VAL A 134 -15.33 -7.82 -0.36
N ALA A 135 -14.80 -8.32 0.77
CA ALA A 135 -13.64 -9.20 0.78
C ALA A 135 -13.92 -10.59 0.35
N PHE A 136 -14.99 -11.17 0.88
CA PHE A 136 -15.31 -12.56 0.61
C PHE A 136 -16.57 -12.83 -0.19
N ASP A 137 -17.31 -11.78 -0.50
CA ASP A 137 -18.57 -11.87 -1.24
C ASP A 137 -19.63 -12.72 -0.54
N VAL A 138 -19.67 -12.50 0.77
CA VAL A 138 -20.58 -13.14 1.66
C VAL A 138 -21.12 -12.01 2.56
N ASP A 139 -22.44 -11.90 2.59
CA ASP A 139 -23.12 -10.89 3.39
C ASP A 139 -23.99 -11.53 4.50
N ILE A 140 -23.47 -11.49 5.73
CA ILE A 140 -24.12 -12.06 6.92
C ILE A 140 -24.45 -10.97 7.96
N HIS A 141 -25.74 -10.70 8.17
CA HIS A 141 -26.13 -9.70 9.16
C HIS A 141 -25.49 -10.03 10.52
N PRO A 142 -24.91 -9.00 11.20
CA PRO A 142 -24.30 -9.40 12.48
C PRO A 142 -25.26 -10.06 13.44
N ALA A 143 -26.56 -9.77 13.36
CA ALA A 143 -27.47 -10.39 14.33
C ALA A 143 -27.79 -11.85 14.07
N ALA A 144 -27.49 -12.35 12.88
CA ALA A 144 -27.87 -13.73 12.61
C ALA A 144 -27.26 -14.67 13.62
N LYS A 145 -27.93 -15.77 13.96
CA LYS A 145 -27.35 -16.66 14.97
C LYS A 145 -26.80 -17.88 14.32
N ILE A 146 -25.48 -17.99 14.36
CA ILE A 146 -24.86 -19.12 13.72
C ILE A 146 -24.09 -19.99 14.68
N GLY A 147 -24.27 -21.30 14.58
CA GLY A 147 -23.55 -22.23 15.45
C GLY A 147 -22.16 -22.60 14.95
N HIS A 148 -21.74 -23.86 15.15
CA HIS A 148 -20.42 -24.27 14.71
C HIS A 148 -20.41 -25.54 13.92
N GLY A 149 -19.24 -25.86 13.39
CA GLY A 149 -19.12 -27.04 12.55
C GLY A 149 -19.67 -26.60 11.20
N ILE A 150 -19.74 -25.30 10.97
CA ILE A 150 -20.25 -24.80 9.70
C ILE A 150 -19.27 -24.78 8.53
N PHE A 152 -19.24 -23.16 4.50
CA PHE A 152 -19.82 -22.35 3.43
C PHE A 152 -18.86 -22.68 2.31
N ASP A 153 -19.20 -23.66 1.48
CA ASP A 153 -18.31 -24.11 0.43
C ASP A 153 -18.31 -23.17 -0.77
N HIS A 154 -17.15 -22.63 -1.18
CA HIS A 154 -17.03 -21.69 -2.32
C HIS A 154 -17.55 -20.34 -1.89
N ALA A 155 -18.76 -20.34 -1.32
CA ALA A 155 -19.33 -19.16 -0.65
C ALA A 155 -19.79 -17.92 -1.35
N THR A 156 -19.31 -17.67 -2.57
CA THR A 156 -19.69 -16.48 -3.31
C THR A 156 -21.17 -16.28 -3.40
N GLY A 157 -21.61 -15.09 -3.06
CA GLY A 157 -23.01 -14.80 -3.16
C GLY A 157 -23.90 -15.27 -2.03
N ILE A 158 -23.33 -15.79 -0.94
CA ILE A 158 -24.19 -16.19 0.13
C ILE A 158 -24.64 -14.94 0.89
N VAL A 159 -25.95 -14.81 1.04
CA VAL A 159 -26.54 -13.72 1.81
C VAL A 159 -27.38 -14.36 2.95
N VAL A 160 -27.17 -13.92 4.19
CA VAL A 160 -27.86 -14.42 5.40
C VAL A 160 -28.55 -13.29 6.17
N GLY A 161 -29.89 -13.36 6.31
CA GLY A 161 -30.69 -12.32 6.97
C GLY A 161 -30.54 -12.09 8.45
N GLU A 162 -30.97 -10.92 8.92
CA GLU A 162 -30.84 -10.56 10.34
C GLU A 162 -31.44 -11.55 11.37
N THR A 163 -32.53 -12.24 11.04
CA THR A 163 -33.13 -13.12 12.04
C THR A 163 -32.90 -14.59 11.80
N SER A 164 -32.10 -14.84 10.79
CA SER A 164 -31.76 -16.21 10.43
C SER A 164 -31.13 -16.96 11.59
N VAL A 165 -31.35 -18.25 11.59
CA VAL A 165 -30.73 -19.12 12.58
C VAL A 165 -30.10 -20.26 11.80
N ILE A 166 -28.87 -20.58 12.14
CA ILE A 166 -28.18 -21.65 11.47
C ILE A 166 -27.52 -22.47 12.58
N GLU A 167 -28.01 -23.68 12.81
CA GLU A 167 -27.43 -24.52 13.86
C GLU A 167 -26.18 -25.24 13.40
N ASN A 168 -25.62 -26.06 14.27
CA ASN A 168 -24.40 -26.75 13.93
C ASN A 168 -24.49 -27.69 12.78
N ASP A 169 -23.30 -27.99 12.27
CA ASP A 169 -23.05 -28.89 11.15
C ASP A 169 -23.85 -28.65 9.86
N VAL A 170 -24.18 -27.40 9.60
CA VAL A 170 -24.90 -27.08 8.38
C VAL A 170 -23.92 -26.85 7.23
N SER A 171 -24.34 -27.11 6.01
CA SER A 171 -23.49 -26.91 4.85
C SER A 171 -24.24 -26.03 3.89
N ILE A 172 -23.63 -24.92 3.52
CA ILE A 172 -24.25 -24.01 2.57
C ILE A 172 -23.35 -23.76 1.35
N LEU A 173 -23.90 -23.95 0.15
CA LEU A 173 -23.14 -23.71 -1.07
C LEU A 173 -23.27 -22.25 -1.55
N GLN A 174 -22.54 -21.94 -2.60
CA GLN A 174 -22.54 -20.61 -3.18
C GLN A 174 -23.91 -20.19 -3.66
N GLY A 175 -24.13 -18.88 -3.67
CA GLY A 175 -25.38 -18.31 -4.17
C GLY A 175 -26.67 -18.48 -3.39
N VAL A 176 -26.62 -19.06 -2.19
CA VAL A 176 -27.85 -19.22 -1.49
C VAL A 176 -28.09 -18.06 -0.55
N THR A 177 -29.37 -17.70 -0.49
CA THR A 177 -29.90 -16.63 0.32
C THR A 177 -30.81 -17.20 1.45
N LEU A 178 -30.60 -16.79 2.69
CA LEU A 178 -31.51 -17.18 3.75
C LEU A 178 -32.09 -15.81 3.91
N GLY A 179 -33.21 -15.55 3.25
CA GLY A 179 -33.79 -14.22 3.28
C GLY A 179 -35.28 -14.10 3.62
N GLY A 180 -35.83 -12.94 3.27
CA GLY A 180 -37.21 -12.70 3.62
C GLY A 180 -38.17 -12.63 2.48
N THR A 181 -39.46 -12.67 2.79
CA THR A 181 -40.51 -12.55 1.83
C THR A 181 -40.96 -11.15 1.67
N GLY A 182 -40.65 -10.27 2.62
CA GLY A 182 -41.12 -8.89 2.44
C GLY A 182 -41.71 -8.26 3.72
N LYS A 183 -42.11 -9.06 4.73
CA LYS A 183 -42.51 -8.47 6.02
C LYS A 183 -41.23 -7.69 6.30
N GLU A 184 -41.36 -6.37 6.35
CA GLU A 184 -40.19 -5.54 6.58
C GLU A 184 -39.47 -5.75 7.94
N SER A 185 -40.16 -6.19 9.01
CA SER A 185 -39.45 -6.34 10.29
C SER A 185 -39.83 -7.57 11.14
N GLY A 186 -39.23 -7.70 12.33
CA GLY A 186 -39.57 -8.85 13.18
C GLY A 186 -38.85 -10.13 12.76
N ASP A 187 -39.37 -11.31 13.16
CA ASP A 187 -38.77 -12.62 12.83
C ASP A 187 -39.18 -12.97 11.41
N ARG A 188 -38.28 -12.71 10.47
CA ARG A 188 -38.60 -12.92 9.07
C ARG A 188 -37.65 -13.78 8.23
N HIS A 189 -36.74 -14.51 8.88
CA HIS A 189 -35.80 -15.31 8.13
C HIS A 189 -35.79 -16.78 8.55
N PRO A 190 -35.32 -17.63 7.63
CA PRO A 190 -35.25 -19.06 7.87
C PRO A 190 -34.63 -19.45 9.21
N LYS A 191 -34.97 -20.65 9.67
CA LYS A 191 -34.44 -21.29 10.88
C LYS A 191 -33.87 -22.58 10.33
N VAL A 192 -32.56 -22.61 10.06
CA VAL A 192 -31.94 -23.81 9.51
C VAL A 192 -31.34 -24.65 10.62
N ARG A 193 -31.98 -25.79 10.85
CA ARG A 193 -31.61 -26.72 11.90
C ARG A 193 -30.41 -27.57 11.56
N GLU A 194 -29.88 -28.28 12.54
CA GLU A 194 -28.67 -29.02 12.33
C GLU A 194 -28.58 -30.02 11.19
N GLY A 195 -27.35 -30.16 10.69
CA GLY A 195 -27.05 -31.07 9.60
C GLY A 195 -27.60 -30.80 8.23
N VAL A 196 -28.45 -29.79 8.11
CA VAL A 196 -29.04 -29.41 6.81
C VAL A 196 -27.94 -29.10 5.79
N ILE A 198 -27.43 -27.24 1.99
CA ILE A 198 -28.12 -26.46 1.00
C ILE A 198 -27.46 -26.33 -0.34
N GLY A 199 -28.11 -26.79 -1.39
CA GLY A 199 -27.55 -26.70 -2.72
C GLY A 199 -27.29 -25.27 -3.20
N ALA A 200 -26.33 -25.17 -4.11
CA ALA A 200 -25.91 -23.93 -4.75
C ALA A 200 -27.10 -23.12 -5.31
N GLY A 201 -27.08 -21.80 -5.13
CA GLY A 201 -28.13 -20.93 -5.63
C GLY A 201 -29.54 -20.98 -5.00
N ALA A 202 -29.76 -21.85 -4.04
CA ALA A 202 -31.08 -21.93 -3.44
C ALA A 202 -31.42 -20.66 -2.65
N LYS A 203 -32.71 -20.30 -2.69
CA LYS A 203 -33.21 -19.14 -1.99
C LYS A 203 -34.29 -19.63 -1.02
N ILE A 204 -34.04 -19.50 0.28
CA ILE A 204 -34.97 -19.91 1.35
C ILE A 204 -35.52 -18.63 1.95
N LEU A 205 -36.81 -18.35 1.79
CA LEU A 205 -37.36 -17.06 2.23
C LEU A 205 -38.40 -17.09 3.37
N GLY A 206 -38.35 -16.12 4.31
CA GLY A 206 -39.32 -16.14 5.41
C GLY A 206 -38.93 -16.95 6.67
N ASN A 207 -39.63 -16.69 7.77
CA ASN A 207 -39.39 -17.38 9.06
C ASN A 207 -39.98 -18.79 8.95
N ILE A 208 -39.26 -19.70 8.33
CA ILE A 208 -39.77 -21.02 8.18
C ILE A 208 -38.71 -21.97 8.63
N GLU A 209 -39.15 -23.16 9.06
CA GLU A 209 -38.25 -24.18 9.54
C GLU A 209 -37.66 -25.10 8.50
N VAL A 210 -36.33 -25.17 8.46
CA VAL A 210 -35.71 -26.15 7.59
C VAL A 210 -35.21 -27.16 8.62
N GLY A 211 -35.92 -28.30 8.63
CA GLY A 211 -35.68 -29.37 9.59
C GLY A 211 -34.34 -30.06 9.55
N LYS A 212 -33.88 -30.46 10.74
CA LYS A 212 -32.58 -31.08 10.80
C LYS A 212 -32.38 -32.09 9.71
N TYR A 213 -31.14 -32.18 9.25
CA TYR A 213 -30.68 -33.09 8.22
C TYR A 213 -31.44 -33.17 6.94
N ALA A 214 -32.16 -32.09 6.66
CA ALA A 214 -32.90 -31.94 5.43
C ALA A 214 -31.89 -31.63 4.29
N LYS A 215 -32.33 -31.79 3.05
CA LYS A 215 -31.45 -31.52 1.93
C LYS A 215 -32.13 -30.53 0.98
N ILE A 216 -31.43 -29.46 0.58
CA ILE A 216 -32.04 -28.49 -0.33
C ILE A 216 -31.37 -28.49 -1.72
N GLY A 217 -32.18 -28.68 -2.74
CA GLY A 217 -31.66 -28.77 -4.08
C GLY A 217 -31.29 -27.43 -4.66
N ALA A 218 -30.22 -27.45 -5.45
CA ALA A 218 -29.70 -26.27 -6.11
C ALA A 218 -30.83 -25.44 -6.75
N ASN A 219 -30.72 -24.13 -6.68
CA ASN A 219 -31.70 -23.22 -7.24
C ASN A 219 -33.15 -23.31 -6.74
N SER A 220 -33.39 -24.06 -5.66
CA SER A 220 -34.75 -24.10 -5.12
C SER A 220 -35.20 -22.79 -4.45
N VAL A 221 -36.49 -22.54 -4.43
CA VAL A 221 -37.03 -21.37 -3.77
C VAL A 221 -37.92 -21.99 -2.70
N VAL A 222 -37.40 -22.04 -1.47
CA VAL A 222 -38.13 -22.67 -0.37
C VAL A 222 -38.99 -21.63 0.30
N LEU A 223 -40.29 -21.82 0.19
CA LEU A 223 -41.24 -20.87 0.77
C LEU A 223 -42.12 -21.53 1.85
N ASN A 224 -42.00 -22.84 2.01
CA ASN A 224 -42.75 -23.57 3.02
C ASN A 224 -41.80 -24.43 3.81
N PRO A 225 -42.15 -24.65 5.08
CA PRO A 225 -41.39 -25.47 6.00
C PRO A 225 -40.91 -26.81 5.39
N VAL A 226 -39.71 -27.22 5.76
CA VAL A 226 -39.14 -28.48 5.30
C VAL A 226 -39.00 -29.47 6.49
N PRO A 227 -39.65 -30.63 6.42
CA PRO A 227 -39.56 -31.61 7.50
C PRO A 227 -38.14 -32.15 7.69
N GLU A 228 -37.82 -32.63 8.90
CA GLU A 228 -36.49 -33.20 9.13
C GLU A 228 -36.26 -34.28 8.11
N TYR A 229 -34.98 -34.45 7.77
CA TYR A 229 -34.52 -35.48 6.87
C TYR A 229 -35.14 -35.52 5.47
N ALA A 230 -36.01 -34.56 5.19
CA ALA A 230 -36.64 -34.51 3.90
C ALA A 230 -35.72 -33.89 2.85
N THR A 231 -36.16 -33.98 1.60
CA THR A 231 -35.44 -33.35 0.53
C THR A 231 -36.52 -32.44 -0.11
N ALA A 232 -36.08 -31.26 -0.52
CA ALA A 232 -36.96 -30.27 -1.13
C ALA A 232 -36.24 -29.75 -2.37
N ALA A 233 -36.97 -29.62 -3.47
CA ALA A 233 -36.42 -29.16 -4.74
C ALA A 233 -37.53 -28.55 -5.55
N GLY A 234 -37.15 -27.59 -6.39
CA GLY A 234 -38.09 -26.94 -7.25
C GLY A 234 -38.28 -25.45 -7.04
N VAL A 235 -38.99 -24.85 -8.00
CA VAL A 235 -39.32 -23.42 -7.92
C VAL A 235 -40.84 -23.36 -8.14
N PRO A 236 -41.65 -23.31 -7.04
CA PRO A 236 -41.25 -23.31 -5.62
C PRO A 236 -40.80 -24.68 -5.27
N ALA A 237 -40.33 -24.84 -4.05
CA ALA A 237 -39.84 -26.15 -3.69
C ALA A 237 -41.01 -27.01 -3.26
N ARG A 238 -40.91 -28.29 -3.59
CA ARG A 238 -41.88 -29.32 -3.23
C ARG A 238 -41.06 -30.35 -2.47
N ILE A 239 -41.72 -31.28 -1.78
CA ILE A 239 -40.96 -32.31 -1.09
C ILE A 239 -40.70 -33.49 -2.01
N VAL A 240 -39.48 -33.98 -2.04
CA VAL A 240 -39.19 -35.10 -2.95
C VAL A 240 -38.70 -36.31 -2.14
N THR B 2 -0.74 -15.81 -31.48
CA THR B 2 -0.21 -14.91 -30.49
C THR B 2 0.49 -13.60 -30.86
N LEU B 3 1.51 -13.63 -31.70
CA LEU B 3 2.21 -12.40 -32.06
C LEU B 3 1.32 -11.37 -32.75
N ASP B 4 0.34 -11.83 -33.54
CA ASP B 4 -0.57 -10.90 -34.27
C ASP B 4 -1.55 -10.23 -33.33
N VAL B 5 -2.15 -10.99 -32.41
CA VAL B 5 -3.07 -10.43 -31.40
C VAL B 5 -2.29 -9.40 -30.58
N TRP B 6 -1.06 -9.74 -30.20
CA TRP B 6 -0.25 -8.81 -29.41
C TRP B 6 0.03 -7.48 -30.14
N GLN B 7 0.31 -7.53 -31.45
CA GLN B 7 0.57 -6.29 -32.17
C GLN B 7 -0.69 -5.44 -32.27
N HIS B 8 -1.86 -6.06 -32.50
CA HIS B 8 -3.11 -5.31 -32.55
C HIS B 8 -3.35 -4.71 -31.19
N ILE B 9 -3.03 -5.45 -30.13
CA ILE B 9 -3.23 -4.88 -28.81
C ILE B 9 -2.28 -3.68 -28.65
N ARG B 10 -0.99 -3.86 -28.95
CA ARG B 10 -0.07 -2.72 -28.85
C ARG B 10 -0.58 -1.54 -29.66
N GLN B 11 -1.14 -1.81 -30.84
CA GLN B 11 -1.57 -0.75 -31.72
C GLN B 11 -2.74 0.01 -31.14
N GLU B 12 -3.75 -0.68 -30.62
CA GLU B 12 -4.90 0.00 -30.04
C GLU B 12 -4.45 0.82 -28.81
N ALA B 13 -3.60 0.22 -27.97
CA ALA B 13 -3.11 0.89 -26.73
C ALA B 13 -2.50 2.26 -26.98
N LYS B 14 -1.65 2.34 -28.01
CA LYS B 14 -1.01 3.59 -28.37
C LYS B 14 -2.08 4.59 -28.71
N GLU B 15 -3.09 4.13 -29.44
CA GLU B 15 -4.22 4.99 -29.85
C GLU B 15 -5.12 5.36 -28.69
N LEU B 16 -5.41 4.39 -27.84
CA LEU B 16 -6.27 4.63 -26.69
C LEU B 16 -5.62 5.66 -25.76
N ALA B 17 -4.30 5.55 -25.59
CA ALA B 17 -3.52 6.46 -24.75
C ALA B 17 -3.57 7.88 -25.29
N GLU B 18 -3.53 8.04 -26.62
CA GLU B 18 -3.54 9.40 -27.14
C GLU B 18 -4.93 9.98 -26.89
N ASN B 19 -5.97 9.16 -27.03
CA ASN B 19 -7.33 9.68 -26.82
C ASN B 19 -7.87 9.77 -25.43
N GLU B 20 -7.09 9.36 -24.44
CA GLU B 20 -7.56 9.47 -23.06
C GLU B 20 -6.35 9.68 -22.15
N PRO B 21 -5.91 10.94 -22.02
CA PRO B 21 -4.75 11.31 -21.20
C PRO B 21 -4.77 10.78 -19.79
N LEU B 23 -5.78 8.11 -18.86
CA LEU B 23 -5.56 6.69 -18.77
C LEU B 23 -4.28 6.24 -19.42
N ALA B 24 -3.54 7.20 -19.98
CA ALA B 24 -2.29 6.89 -20.67
C ALA B 24 -1.33 6.09 -19.80
N SER B 25 -1.09 6.51 -18.55
CA SER B 25 -0.16 5.79 -17.67
C SER B 25 -0.56 4.34 -17.56
N PHE B 26 -1.87 4.11 -17.38
CA PHE B 26 -2.43 2.74 -17.28
C PHE B 26 -2.07 1.93 -18.54
N PHE B 27 -2.26 2.52 -19.72
CA PHE B 27 -1.96 1.85 -21.01
C PHE B 27 -0.47 1.57 -21.19
N HIS B 28 0.36 2.45 -20.67
CA HIS B 28 1.78 2.23 -20.76
C HIS B 28 2.20 1.14 -19.75
N SER B 29 1.69 1.23 -18.51
CA SER B 29 2.02 0.25 -17.47
C SER B 29 1.53 -1.13 -17.76
N THR B 30 0.36 -1.21 -18.36
CA THR B 30 -0.25 -2.52 -18.62
C THR B 30 0.13 -3.09 -19.95
N ILE B 31 0.42 -2.24 -20.92
CA ILE B 31 0.71 -2.78 -22.25
C ILE B 31 1.99 -2.34 -22.96
N LEU B 32 2.02 -1.06 -23.34
CA LEU B 32 3.10 -0.44 -24.06
C LEU B 32 4.54 -0.69 -23.62
N LYS B 33 4.78 -0.74 -22.32
CA LYS B 33 6.12 -0.98 -21.79
C LYS B 33 6.56 -2.44 -21.84
N HIS B 34 5.64 -3.32 -22.22
CA HIS B 34 5.99 -4.73 -22.25
C HIS B 34 6.36 -5.14 -23.67
N GLN B 35 7.24 -6.13 -23.79
CA GLN B 35 7.68 -6.60 -25.11
C GLN B 35 6.75 -7.65 -25.73
N ASN B 36 6.07 -8.42 -24.91
CA ASN B 36 5.18 -9.45 -25.43
C ASN B 36 3.89 -9.55 -24.62
N LEU B 37 3.01 -10.45 -25.02
CA LEU B 37 1.77 -10.58 -24.31
C LEU B 37 1.95 -11.21 -22.93
N GLY B 38 2.97 -12.03 -22.78
CA GLY B 38 3.19 -12.68 -21.51
C GLY B 38 3.70 -11.74 -20.45
N GLY B 39 4.43 -10.70 -20.85
CA GLY B 39 4.96 -9.73 -19.90
C GLY B 39 3.84 -8.82 -19.43
N ALA B 40 2.89 -8.56 -20.32
CA ALA B 40 1.77 -7.71 -19.98
C ALA B 40 0.83 -8.48 -19.07
N LEU B 41 0.44 -9.66 -19.52
CA LEU B 41 -0.49 -10.49 -18.77
C LEU B 41 -0.05 -10.71 -17.33
N SER B 42 1.24 -10.99 -17.17
CA SER B 42 1.82 -11.24 -15.85
C SER B 42 1.75 -10.00 -14.99
N TYR B 43 1.98 -8.85 -15.58
CA TYR B 43 1.94 -7.60 -14.85
C TYR B 43 0.49 -7.37 -14.33
N LEU B 44 -0.46 -7.60 -15.21
CA LEU B 44 -1.87 -7.46 -14.87
C LEU B 44 -2.27 -8.45 -13.74
N LEU B 45 -2.03 -9.74 -13.94
CA LEU B 45 -2.44 -10.70 -12.96
C LEU B 45 -1.79 -10.53 -11.61
N ALA B 46 -0.48 -10.30 -11.59
CA ALA B 46 0.29 -10.12 -10.37
C ALA B 46 -0.31 -8.95 -9.61
N ASN B 47 -0.56 -7.83 -10.30
CA ASN B 47 -1.17 -6.68 -9.66
C ASN B 47 -2.61 -6.96 -9.13
N LYS B 48 -3.48 -7.62 -9.91
CA LYS B 48 -4.88 -7.95 -9.53
C LYS B 48 -5.01 -8.96 -8.37
N LEU B 49 -4.12 -9.92 -8.34
CA LEU B 49 -4.16 -10.97 -7.31
C LEU B 49 -3.41 -10.58 -6.04
N ALA B 50 -2.68 -9.48 -6.15
CA ALA B 50 -1.89 -8.99 -5.05
C ALA B 50 -2.67 -8.66 -3.78
N ASN B 51 -2.04 -8.86 -2.63
CA ASN B 51 -2.60 -8.53 -1.33
C ASN B 51 -1.43 -8.25 -0.37
N PRO B 52 -1.73 -7.72 0.83
CA PRO B 52 -0.64 -7.40 1.77
C PRO B 52 0.24 -8.56 2.30
N ILE B 53 -0.17 -9.80 2.19
CA ILE B 53 0.77 -10.80 2.66
C ILE B 53 1.58 -11.33 1.45
N PRO B 55 2.45 -9.78 -1.99
CA PRO B 55 2.49 -8.65 -2.94
C PRO B 55 2.73 -9.00 -4.43
N ALA B 56 2.45 -8.05 -5.31
CA ALA B 56 2.62 -8.22 -6.76
C ALA B 56 4.02 -8.67 -7.10
N ILE B 57 5.00 -8.06 -6.49
CA ILE B 57 6.34 -8.45 -6.88
C ILE B 57 6.54 -9.97 -6.71
N SER B 58 6.05 -10.48 -5.61
CA SER B 58 6.17 -11.88 -5.35
C SER B 58 5.33 -12.74 -6.22
N LEU B 59 4.16 -12.27 -6.62
CA LEU B 59 3.35 -13.13 -7.46
C LEU B 59 3.88 -13.17 -8.90
N ARG B 60 4.38 -12.05 -9.39
CA ARG B 60 4.86 -11.97 -10.77
C ARG B 60 5.92 -12.98 -11.10
N GLU B 61 6.88 -13.16 -10.20
CA GLU B 61 7.99 -14.12 -10.34
C GLU B 61 7.40 -15.52 -10.49
N ILE B 62 6.33 -15.79 -9.76
CA ILE B 62 5.66 -17.10 -9.83
C ILE B 62 4.93 -17.34 -11.14
N ILE B 63 4.38 -16.27 -11.73
CA ILE B 63 3.63 -16.37 -12.98
C ILE B 63 4.63 -16.46 -14.17
N GLU B 64 5.73 -15.72 -14.07
CA GLU B 64 6.69 -15.73 -15.16
C GLU B 64 7.38 -17.05 -15.30
N GLU B 65 7.60 -17.73 -14.18
CA GLU B 65 8.22 -19.05 -14.19
C GLU B 65 7.31 -19.97 -15.01
N ALA B 66 6.02 -19.95 -14.70
CA ALA B 66 5.04 -20.77 -15.41
C ALA B 66 4.95 -20.49 -16.90
N TYR B 67 5.08 -19.23 -17.29
CA TYR B 67 5.00 -18.85 -18.68
C TYR B 67 6.29 -19.24 -19.41
N GLN B 68 7.37 -19.31 -18.64
CA GLN B 68 8.68 -19.65 -19.21
C GLN B 68 8.67 -21.14 -19.47
N SER B 69 8.24 -21.90 -18.47
CA SER B 69 8.20 -23.36 -18.55
C SER B 69 7.08 -23.94 -19.35
N ASN B 70 6.12 -23.13 -19.76
CA ASN B 70 5.00 -23.62 -20.56
C ASN B 70 4.30 -22.48 -21.25
N PRO B 71 4.90 -21.99 -22.34
CA PRO B 71 4.53 -20.90 -23.23
C PRO B 71 3.15 -20.99 -23.84
N SER B 72 2.61 -22.22 -24.00
CA SER B 72 1.30 -22.33 -24.61
C SER B 72 0.22 -21.59 -23.84
N ILE B 73 0.41 -21.51 -22.52
CA ILE B 73 -0.54 -20.80 -21.64
C ILE B 73 -0.84 -19.43 -22.26
N ILE B 74 0.20 -18.68 -22.59
CA ILE B 74 -0.02 -17.38 -23.20
C ILE B 74 -0.77 -17.55 -24.52
N ASP B 75 -0.41 -18.56 -25.32
CA ASP B 75 -1.12 -18.75 -26.57
C ASP B 75 -2.63 -18.93 -26.29
N CYS B 76 -2.96 -19.80 -25.33
CA CYS B 76 -4.36 -20.02 -24.98
C CYS B 76 -4.96 -18.69 -24.51
N ALA B 77 -4.12 -17.79 -24.04
CA ALA B 77 -4.60 -16.48 -23.60
C ALA B 77 -5.08 -15.72 -24.82
N ALA B 78 -4.21 -15.71 -25.86
CA ALA B 78 -4.52 -15.01 -27.09
C ALA B 78 -5.79 -15.60 -27.71
N CYS B 79 -5.90 -16.92 -27.69
CA CYS B 79 -7.09 -17.57 -28.28
C CYS B 79 -8.36 -17.14 -27.51
N ASP B 80 -8.26 -16.98 -26.19
CA ASP B 80 -9.42 -16.55 -25.43
C ASP B 80 -9.81 -15.13 -25.79
N ILE B 81 -8.80 -14.27 -25.92
CA ILE B 81 -9.02 -12.88 -26.27
C ILE B 81 -9.81 -12.84 -27.57
N GLN B 82 -9.33 -13.59 -28.53
CA GLN B 82 -10.00 -13.74 -29.84
C GLN B 82 -11.47 -14.07 -29.62
N ALA B 83 -11.72 -15.17 -28.89
CA ALA B 83 -13.09 -15.63 -28.57
C ALA B 83 -14.04 -14.54 -28.16
N VAL B 84 -13.71 -13.86 -27.06
CA VAL B 84 -14.54 -12.80 -26.49
C VAL B 84 -14.75 -11.79 -27.56
N ARG B 85 -13.75 -11.60 -28.39
CA ARG B 85 -13.89 -10.62 -29.45
C ARG B 85 -14.87 -11.04 -30.58
N HIS B 86 -14.86 -12.30 -31.01
CA HIS B 86 -15.82 -12.67 -32.05
C HIS B 86 -17.16 -13.01 -31.40
N ARG B 87 -17.17 -13.42 -30.12
CA ARG B 87 -18.45 -13.83 -29.51
C ARG B 87 -19.19 -12.79 -28.69
N ASP B 88 -18.53 -11.68 -28.37
CA ASP B 88 -19.30 -10.67 -27.71
C ASP B 88 -19.30 -9.48 -28.68
N PRO B 89 -20.41 -9.26 -29.42
CA PRO B 89 -20.60 -8.18 -30.40
C PRO B 89 -20.34 -6.82 -29.81
N ALA B 90 -20.60 -6.75 -28.51
CA ALA B 90 -20.39 -5.55 -27.71
C ALA B 90 -18.93 -5.42 -27.25
N VAL B 91 -17.97 -5.81 -28.07
CA VAL B 91 -16.54 -5.76 -27.71
C VAL B 91 -15.79 -5.69 -29.02
N GLU B 92 -15.36 -4.46 -29.32
CA GLU B 92 -14.66 -4.06 -30.53
C GLU B 92 -13.17 -4.42 -30.42
N LEU B 93 -12.50 -3.84 -29.42
CA LEU B 93 -11.06 -3.97 -29.16
C LEU B 93 -10.43 -5.23 -28.65
N TRP B 94 -9.27 -5.56 -29.21
CA TRP B 94 -8.54 -6.76 -28.78
C TRP B 94 -8.02 -6.66 -27.34
N SER B 95 -7.71 -5.41 -26.98
CA SER B 95 -7.15 -5.03 -25.72
C SER B 95 -8.14 -5.12 -24.55
N THR B 96 -9.44 -5.02 -24.86
CA THR B 96 -10.47 -5.05 -23.82
C THR B 96 -10.51 -6.30 -22.93
N PRO B 97 -10.61 -7.49 -23.54
CA PRO B 97 -10.65 -8.67 -22.69
C PRO B 97 -9.42 -8.70 -21.78
N LEU B 98 -8.27 -8.43 -22.38
CA LEU B 98 -7.00 -8.44 -21.64
C LEU B 98 -6.90 -7.38 -20.53
N LEU B 99 -7.49 -6.22 -20.77
CA LEU B 99 -7.42 -5.13 -19.81
C LEU B 99 -8.53 -5.01 -18.77
N TYR B 100 -9.77 -5.33 -19.12
CA TYR B 100 -10.89 -5.15 -18.19
C TYR B 100 -11.75 -6.31 -17.66
N LEU B 101 -11.87 -7.38 -18.43
CA LEU B 101 -12.74 -8.50 -18.10
C LEU B 101 -12.25 -9.52 -17.09
N LYS B 102 -12.88 -9.54 -15.91
CA LYS B 102 -12.44 -10.45 -14.85
C LYS B 102 -12.63 -11.89 -15.16
N GLY B 103 -13.58 -12.24 -15.99
CA GLY B 103 -13.68 -13.64 -16.32
C GLY B 103 -12.46 -14.05 -17.15
N PHE B 104 -12.05 -13.16 -18.07
CA PHE B 104 -10.85 -13.43 -18.89
C PHE B 104 -9.69 -13.62 -17.92
N HIS B 105 -9.56 -12.65 -17.01
CA HIS B 105 -8.49 -12.66 -16.01
C HIS B 105 -8.55 -13.91 -15.15
N ALA B 106 -9.75 -14.31 -14.78
CA ALA B 106 -9.89 -15.46 -13.90
C ALA B 106 -9.40 -16.70 -14.63
N ILE B 107 -9.85 -16.83 -15.86
CA ILE B 107 -9.46 -17.96 -16.69
C ILE B 107 -7.92 -18.01 -16.81
N GLN B 108 -7.28 -16.92 -17.24
CA GLN B 108 -5.80 -16.93 -17.38
C GLN B 108 -5.12 -17.26 -16.05
N SER B 109 -5.65 -16.75 -14.95
CA SER B 109 -5.07 -17.10 -13.65
C SER B 109 -5.23 -18.62 -13.39
N TYR B 110 -6.37 -19.19 -13.75
CA TYR B 110 -6.54 -20.60 -13.48
C TYR B 110 -5.45 -21.39 -14.24
N ARG B 111 -5.20 -21.01 -15.48
CA ARG B 111 -4.20 -21.74 -16.25
C ARG B 111 -2.90 -21.87 -15.46
N ILE B 112 -2.47 -20.81 -14.78
CA ILE B 112 -1.26 -20.90 -13.97
C ILE B 112 -1.43 -21.94 -12.82
N THR B 113 -2.59 -21.93 -12.13
CA THR B 113 -2.86 -22.88 -11.06
C THR B 113 -2.90 -24.31 -11.63
N HIS B 114 -3.44 -24.47 -12.83
CA HIS B 114 -3.55 -25.80 -13.43
C HIS B 114 -2.15 -26.34 -13.74
N TYR B 115 -1.25 -25.42 -14.14
CA TYR B 115 0.16 -25.74 -14.41
C TYR B 115 0.89 -26.19 -13.13
N LEU B 116 0.74 -25.41 -12.06
CA LEU B 116 1.38 -25.71 -10.78
C LEU B 116 0.80 -27.00 -10.18
N TRP B 117 -0.50 -27.19 -10.35
CA TRP B 117 -1.16 -28.40 -9.87
C TRP B 117 -0.49 -29.61 -10.54
N ASN B 118 -0.48 -29.59 -11.87
CA ASN B 118 0.15 -30.62 -12.68
C ASN B 118 1.65 -30.80 -12.34
N GLN B 119 2.26 -29.82 -11.69
CA GLN B 119 3.68 -29.99 -11.33
C GLN B 119 3.68 -30.38 -9.86
N ASN B 120 2.50 -30.69 -9.36
CA ASN B 120 2.28 -31.02 -7.97
C ASN B 120 2.73 -29.99 -6.95
N ARG B 121 2.71 -28.71 -7.30
CA ARG B 121 3.04 -27.66 -6.34
C ARG B 121 1.60 -27.24 -5.98
N LYS B 122 0.97 -28.04 -5.11
CA LYS B 122 -0.44 -27.81 -4.77
C LYS B 122 -0.72 -26.71 -3.78
N SER B 123 0.23 -26.37 -2.93
CA SER B 123 -0.09 -25.30 -2.02
C SER B 123 -0.19 -24.04 -2.82
N LEU B 124 0.69 -23.91 -3.80
CA LEU B 124 0.70 -22.70 -4.61
C LEU B 124 -0.56 -22.59 -5.45
N ALA B 125 -1.03 -23.75 -5.90
CA ALA B 125 -2.21 -23.82 -6.73
C ALA B 125 -3.43 -23.46 -5.93
N LEU B 126 -3.50 -23.96 -4.71
CA LEU B 126 -4.65 -23.63 -3.85
C LEU B 126 -4.64 -22.17 -3.39
N TYR B 127 -3.46 -21.65 -3.07
CA TYR B 127 -3.38 -20.26 -2.65
C TYR B 127 -4.00 -19.39 -3.75
N LEU B 128 -3.58 -19.60 -5.00
CA LEU B 128 -4.08 -18.80 -6.12
C LEU B 128 -5.54 -19.10 -6.47
N GLN B 129 -5.91 -20.37 -6.58
CA GLN B 129 -7.32 -20.67 -6.82
C GLN B 129 -8.19 -19.76 -5.93
N ASN B 130 -7.82 -19.71 -4.66
CA ASN B 130 -8.62 -18.97 -3.72
C ASN B 130 -8.45 -17.45 -3.83
N GLN B 131 -7.26 -17.00 -4.19
CA GLN B 131 -7.07 -15.57 -4.33
C GLN B 131 -7.78 -15.16 -5.65
N ILE B 132 -7.94 -16.11 -6.57
CA ILE B 132 -8.63 -15.83 -7.82
C ILE B 132 -10.11 -15.62 -7.48
N SER B 133 -10.58 -16.38 -6.50
CA SER B 133 -11.97 -16.28 -6.06
C SER B 133 -12.18 -14.97 -5.31
N VAL B 134 -11.12 -14.50 -4.66
CA VAL B 134 -11.29 -13.26 -3.96
C VAL B 134 -11.30 -12.09 -4.91
N ALA B 135 -10.38 -12.07 -5.86
CA ALA B 135 -10.31 -10.94 -6.80
C ALA B 135 -11.33 -10.89 -7.89
N PHE B 136 -11.68 -12.03 -8.46
CA PHE B 136 -12.59 -12.02 -9.57
C PHE B 136 -13.92 -12.68 -9.28
N ASP B 137 -14.01 -13.27 -8.10
CA ASP B 137 -15.22 -13.96 -7.69
C ASP B 137 -15.47 -15.18 -8.56
N VAL B 138 -14.40 -15.81 -9.05
CA VAL B 138 -14.56 -16.99 -9.86
C VAL B 138 -13.79 -18.08 -9.11
N ASP B 139 -14.37 -19.24 -8.91
CA ASP B 139 -13.64 -20.30 -8.22
C ASP B 139 -13.54 -21.55 -9.11
N ILE B 140 -12.35 -21.75 -9.66
CA ILE B 140 -12.03 -22.86 -10.54
C ILE B 140 -10.94 -23.72 -9.87
N HIS B 141 -11.30 -24.95 -9.56
CA HIS B 141 -10.34 -25.84 -8.91
C HIS B 141 -9.17 -26.01 -9.86
N PRO B 142 -7.94 -25.97 -9.35
CA PRO B 142 -6.88 -26.13 -10.35
C PRO B 142 -6.87 -27.42 -11.24
N ALA B 143 -7.47 -28.51 -10.77
CA ALA B 143 -7.48 -29.76 -11.53
C ALA B 143 -8.43 -29.84 -12.72
N ALA B 144 -9.43 -28.96 -12.80
CA ALA B 144 -10.37 -29.00 -13.92
C ALA B 144 -9.61 -28.87 -15.20
N LYS B 145 -10.10 -29.46 -16.27
CA LYS B 145 -9.44 -29.30 -17.54
C LYS B 145 -10.28 -28.41 -18.43
N ILE B 146 -9.72 -27.26 -18.77
CA ILE B 146 -10.41 -26.26 -19.56
C ILE B 146 -9.61 -25.97 -20.83
N GLY B 147 -10.27 -25.93 -21.97
CA GLY B 147 -9.58 -25.66 -23.24
C GLY B 147 -9.46 -24.17 -23.56
N HIS B 148 -9.42 -23.81 -24.83
CA HIS B 148 -9.31 -22.39 -25.16
C HIS B 148 -10.50 -21.92 -25.97
N GLY B 149 -10.54 -20.62 -26.22
CA GLY B 149 -11.65 -19.99 -26.92
C GLY B 149 -12.75 -19.79 -25.90
N ILE B 150 -12.40 -19.89 -24.62
CA ILE B 150 -13.35 -19.76 -23.52
C ILE B 150 -13.74 -18.33 -23.22
N PHE B 152 -15.92 -16.41 -20.18
CA PHE B 152 -16.64 -16.35 -18.90
C PHE B 152 -17.10 -14.89 -18.92
N ASP B 153 -18.36 -14.70 -19.29
CA ASP B 153 -18.93 -13.37 -19.44
C ASP B 153 -19.52 -12.87 -18.10
N HIS B 154 -19.14 -11.66 -17.68
CA HIS B 154 -19.54 -11.05 -16.38
C HIS B 154 -18.85 -11.85 -15.30
N ALA B 155 -19.12 -13.16 -15.24
CA ALA B 155 -18.40 -14.09 -14.36
C ALA B 155 -18.57 -14.21 -12.87
N THR B 156 -19.10 -13.22 -12.19
CA THR B 156 -19.28 -13.34 -10.74
C THR B 156 -20.01 -14.64 -10.38
N GLY B 157 -19.51 -15.37 -9.38
CA GLY B 157 -20.17 -16.57 -8.92
C GLY B 157 -20.03 -17.84 -9.74
N ILE B 158 -19.14 -17.86 -10.72
CA ILE B 158 -18.92 -19.07 -11.47
C ILE B 158 -18.08 -19.97 -10.55
N VAL B 159 -18.43 -21.24 -10.43
CA VAL B 159 -17.71 -22.24 -9.62
C VAL B 159 -17.52 -23.50 -10.48
N VAL B 160 -16.27 -23.94 -10.60
CA VAL B 160 -15.93 -25.10 -11.42
C VAL B 160 -15.23 -26.18 -10.60
N GLY B 161 -15.81 -27.39 -10.58
CA GLY B 161 -15.29 -28.50 -9.80
C GLY B 161 -14.03 -29.25 -10.27
N GLU B 162 -13.39 -29.92 -9.32
CA GLU B 162 -12.13 -30.63 -9.53
C GLU B 162 -11.99 -31.52 -10.73
N THR B 163 -13.07 -32.20 -11.11
CA THR B 163 -12.96 -33.09 -12.24
C THR B 163 -13.69 -32.56 -13.45
N SER B 164 -14.05 -31.30 -13.45
CA SER B 164 -14.76 -30.76 -14.58
C SER B 164 -13.89 -30.70 -15.83
N VAL B 165 -14.55 -30.69 -16.98
CA VAL B 165 -13.88 -30.59 -18.24
C VAL B 165 -14.72 -29.58 -18.94
N ILE B 166 -14.05 -28.66 -19.59
CA ILE B 166 -14.69 -27.63 -20.40
C ILE B 166 -13.86 -27.66 -21.68
N GLU B 167 -14.48 -27.97 -22.81
CA GLU B 167 -13.73 -28.03 -24.08
C GLU B 167 -13.69 -26.66 -24.74
N ASN B 168 -13.10 -26.57 -25.94
CA ASN B 168 -12.94 -25.30 -26.66
C ASN B 168 -14.22 -24.57 -26.98
N ASP B 169 -14.16 -23.25 -27.10
CA ASP B 169 -15.30 -22.38 -27.45
C ASP B 169 -16.57 -22.42 -26.61
N VAL B 170 -16.40 -22.75 -25.35
CA VAL B 170 -17.54 -22.79 -24.46
C VAL B 170 -17.76 -21.40 -23.88
N SER B 171 -19.04 -21.04 -23.68
CA SER B 171 -19.42 -19.78 -23.08
C SER B 171 -20.20 -20.09 -21.80
N ILE B 172 -19.80 -19.43 -20.71
CA ILE B 172 -20.43 -19.59 -19.42
C ILE B 172 -20.76 -18.23 -18.85
N LEU B 173 -21.97 -18.03 -18.37
CA LEU B 173 -22.36 -16.73 -17.80
C LEU B 173 -22.21 -16.64 -16.29
N GLN B 174 -22.53 -15.49 -15.73
CA GLN B 174 -22.42 -15.33 -14.27
C GLN B 174 -23.29 -16.35 -13.54
N GLY B 175 -22.82 -16.76 -12.37
CA GLY B 175 -23.59 -17.64 -11.52
C GLY B 175 -23.69 -19.13 -11.72
N VAL B 176 -22.99 -19.67 -12.70
CA VAL B 176 -23.10 -21.07 -12.92
C VAL B 176 -22.09 -21.90 -12.15
N THR B 177 -22.52 -23.09 -11.79
CA THR B 177 -21.73 -24.05 -11.07
C THR B 177 -21.59 -25.27 -11.94
N LEU B 178 -20.40 -25.83 -11.99
CA LEU B 178 -20.20 -27.08 -12.70
C LEU B 178 -19.76 -27.79 -11.48
N GLY B 179 -20.70 -28.45 -10.80
CA GLY B 179 -20.41 -29.12 -9.55
C GLY B 179 -20.81 -30.57 -9.39
N GLY B 180 -20.91 -31.02 -8.13
CA GLY B 180 -21.23 -32.40 -7.83
C GLY B 180 -22.63 -32.65 -7.29
N THR B 181 -23.01 -33.93 -7.30
CA THR B 181 -24.30 -34.28 -6.71
C THR B 181 -24.08 -34.67 -5.28
N GLY B 182 -22.91 -35.26 -4.97
CA GLY B 182 -22.66 -35.69 -3.60
C GLY B 182 -21.68 -36.86 -3.38
N LYS B 183 -21.50 -37.72 -4.40
CA LYS B 183 -20.43 -38.77 -4.37
C LYS B 183 -19.24 -37.89 -3.99
N GLU B 184 -18.70 -38.08 -2.79
CA GLU B 184 -17.60 -37.26 -2.25
C GLU B 184 -16.27 -37.35 -3.00
N SER B 185 -16.05 -38.44 -3.75
CA SER B 185 -14.78 -38.58 -4.51
C SER B 185 -14.90 -39.21 -5.92
N GLY B 186 -13.78 -39.18 -6.66
CA GLY B 186 -13.74 -39.75 -8.00
C GLY B 186 -14.15 -38.71 -9.02
N ASP B 187 -14.44 -39.18 -10.25
CA ASP B 187 -14.93 -38.34 -11.34
C ASP B 187 -16.38 -37.98 -10.92
N ARG B 188 -16.70 -36.69 -10.74
CA ARG B 188 -18.01 -36.27 -10.25
C ARG B 188 -18.54 -34.89 -10.73
N HIS B 189 -17.89 -34.36 -11.76
CA HIS B 189 -18.29 -33.07 -12.29
C HIS B 189 -18.59 -33.15 -13.77
N PRO B 190 -19.43 -32.22 -14.26
CA PRO B 190 -19.85 -32.09 -15.66
C PRO B 190 -18.71 -32.14 -16.66
N LYS B 191 -18.99 -32.70 -17.84
CA LYS B 191 -18.02 -32.79 -18.92
C LYS B 191 -18.68 -31.91 -19.95
N VAL B 192 -18.30 -30.64 -19.97
CA VAL B 192 -18.92 -29.70 -20.92
C VAL B 192 -18.19 -29.70 -22.23
N ARG B 193 -18.89 -30.17 -23.25
CA ARG B 193 -18.28 -30.30 -24.56
C ARG B 193 -18.24 -29.05 -25.38
N GLU B 194 -17.48 -29.19 -26.45
CA GLU B 194 -17.24 -28.10 -27.35
C GLU B 194 -18.45 -27.27 -27.79
N GLY B 195 -18.26 -25.96 -27.83
CA GLY B 195 -19.32 -25.05 -28.25
C GLY B 195 -20.51 -24.79 -27.32
N VAL B 196 -20.51 -25.41 -26.16
CA VAL B 196 -21.64 -25.24 -25.23
C VAL B 196 -21.87 -23.81 -24.70
N ILE B 198 -23.76 -21.88 -21.60
CA ILE B 198 -24.47 -22.01 -20.29
C ILE B 198 -25.03 -20.67 -19.82
N GLY B 199 -26.35 -20.59 -19.67
CA GLY B 199 -27.02 -19.35 -19.29
C GLY B 199 -26.82 -18.94 -17.85
N ALA B 200 -27.12 -17.67 -17.54
CA ALA B 200 -26.89 -17.17 -16.19
C ALA B 200 -27.54 -18.02 -15.12
N GLY B 201 -26.81 -18.28 -14.04
CA GLY B 201 -27.33 -19.03 -12.90
C GLY B 201 -27.47 -20.55 -13.00
N ALA B 202 -27.18 -21.13 -14.15
CA ALA B 202 -27.35 -22.56 -14.22
C ALA B 202 -26.43 -23.35 -13.29
N LYS B 203 -26.95 -24.47 -12.77
CA LYS B 203 -26.20 -25.36 -11.90
C LYS B 203 -26.17 -26.72 -12.63
N ILE B 204 -24.98 -27.15 -12.99
CA ILE B 204 -24.81 -28.41 -13.73
C ILE B 204 -24.15 -29.33 -12.73
N LEU B 205 -24.88 -30.31 -12.22
CA LEU B 205 -24.30 -31.17 -11.19
C LEU B 205 -24.14 -32.61 -11.61
N GLY B 206 -23.01 -33.21 -11.29
CA GLY B 206 -22.78 -34.60 -11.64
C GLY B 206 -21.73 -34.79 -12.72
N ASN B 207 -21.38 -36.05 -12.96
CA ASN B 207 -20.41 -36.33 -13.98
C ASN B 207 -21.22 -36.70 -15.17
N ILE B 208 -21.92 -35.72 -15.74
CA ILE B 208 -22.81 -35.97 -16.87
C ILE B 208 -22.28 -35.24 -18.09
N GLU B 209 -22.68 -35.70 -19.28
CA GLU B 209 -22.27 -35.06 -20.53
C GLU B 209 -23.17 -33.89 -20.89
N VAL B 210 -22.57 -32.79 -21.37
CA VAL B 210 -23.35 -31.66 -21.83
C VAL B 210 -22.90 -31.63 -23.26
N GLY B 211 -23.69 -32.26 -24.14
CA GLY B 211 -23.32 -32.36 -25.56
C GLY B 211 -22.87 -31.11 -26.26
N LYS B 212 -21.93 -31.28 -27.18
CA LYS B 212 -21.41 -30.14 -27.92
C LYS B 212 -22.47 -29.23 -28.52
N TYR B 213 -22.24 -27.93 -28.43
CA TYR B 213 -23.15 -26.89 -28.94
C TYR B 213 -24.53 -26.87 -28.29
N ALA B 214 -24.64 -27.52 -27.14
CA ALA B 214 -25.91 -27.48 -26.42
C ALA B 214 -26.07 -26.11 -25.79
N LYS B 215 -27.32 -25.76 -25.50
CA LYS B 215 -27.62 -24.52 -24.81
C LYS B 215 -28.35 -24.82 -23.44
N ILE B 216 -27.84 -24.30 -22.34
CA ILE B 216 -28.50 -24.51 -21.07
C ILE B 216 -29.24 -23.25 -20.67
N GLY B 217 -30.54 -23.33 -20.39
CA GLY B 217 -31.26 -22.13 -20.01
C GLY B 217 -30.86 -21.51 -18.69
N ALA B 218 -31.02 -20.20 -18.55
CA ALA B 218 -30.69 -19.55 -17.28
C ALA B 218 -31.35 -20.32 -16.09
N ASN B 219 -30.68 -20.35 -14.96
CA ASN B 219 -31.17 -21.00 -13.73
C ASN B 219 -31.53 -22.50 -13.73
N SER B 220 -31.37 -23.16 -14.88
CA SER B 220 -31.66 -24.57 -14.98
C SER B 220 -30.76 -25.37 -14.03
N VAL B 221 -31.24 -26.55 -13.64
CA VAL B 221 -30.44 -27.45 -12.85
C VAL B 221 -30.36 -28.64 -13.82
N VAL B 222 -29.14 -28.94 -14.23
CA VAL B 222 -28.90 -29.99 -15.20
C VAL B 222 -28.37 -31.19 -14.47
N LEU B 223 -29.17 -32.23 -14.38
CA LEU B 223 -28.72 -33.41 -13.65
C LEU B 223 -28.56 -34.64 -14.51
N ASN B 224 -29.01 -34.54 -15.75
CA ASN B 224 -28.90 -35.65 -16.70
C ASN B 224 -28.20 -35.17 -17.94
N PRO B 225 -27.49 -36.09 -18.64
CA PRO B 225 -26.72 -35.87 -19.89
C PRO B 225 -27.52 -35.01 -20.82
N VAL B 226 -26.90 -34.13 -21.58
CA VAL B 226 -27.69 -33.27 -22.48
C VAL B 226 -27.27 -33.64 -23.88
N PRO B 227 -28.23 -33.83 -24.81
CA PRO B 227 -27.94 -34.18 -26.20
C PRO B 227 -27.31 -33.00 -26.89
N GLU B 228 -26.40 -33.28 -27.83
CA GLU B 228 -25.75 -32.23 -28.59
C GLU B 228 -26.78 -31.35 -29.24
N TYR B 229 -26.37 -30.11 -29.49
CA TYR B 229 -27.20 -29.11 -30.14
C TYR B 229 -28.61 -28.97 -29.54
N ALA B 230 -28.78 -29.52 -28.35
CA ALA B 230 -30.09 -29.43 -27.73
C ALA B 230 -30.17 -28.27 -26.76
N THR B 231 -31.39 -27.95 -26.38
CA THR B 231 -31.65 -26.88 -25.46
C THR B 231 -32.33 -27.43 -24.20
N ALA B 232 -31.69 -27.27 -23.06
CA ALA B 232 -32.22 -27.75 -21.80
C ALA B 232 -32.73 -26.60 -20.95
N ALA B 233 -33.74 -26.84 -20.16
CA ALA B 233 -34.22 -25.75 -19.32
C ALA B 233 -35.02 -26.29 -18.14
N GLY B 234 -35.19 -25.46 -17.11
CA GLY B 234 -35.97 -25.86 -15.96
C GLY B 234 -35.25 -26.41 -14.75
N VAL B 235 -35.99 -26.49 -13.67
CA VAL B 235 -35.45 -27.04 -12.43
C VAL B 235 -36.36 -28.17 -11.99
N PRO B 236 -35.96 -29.41 -12.26
CA PRO B 236 -34.69 -29.76 -12.93
C PRO B 236 -34.82 -29.73 -14.44
N ALA B 237 -33.68 -29.59 -15.11
CA ALA B 237 -33.67 -29.45 -16.55
C ALA B 237 -34.05 -30.63 -17.42
N ARG B 238 -34.77 -30.26 -18.47
CA ARG B 238 -35.25 -31.18 -19.49
C ARG B 238 -35.08 -30.46 -20.82
N ILE B 239 -35.03 -31.22 -21.90
CA ILE B 239 -34.85 -30.69 -23.25
C ILE B 239 -36.09 -29.83 -23.67
N VAL B 240 -35.75 -28.72 -24.29
CA VAL B 240 -36.51 -27.57 -24.77
C VAL B 240 -37.70 -26.98 -24.05
N THR C 2 -30.29 17.56 -1.48
CA THR C 2 -28.97 17.05 -1.20
C THR C 2 -28.37 17.64 0.08
N LEU C 3 -28.54 18.96 0.30
CA LEU C 3 -27.94 19.62 1.47
C LEU C 3 -28.61 19.11 2.70
N ASP C 4 -29.86 18.71 2.56
CA ASP C 4 -30.58 18.20 3.72
C ASP C 4 -29.95 16.87 4.12
N VAL C 5 -29.92 15.97 3.16
CA VAL C 5 -29.32 14.69 3.38
C VAL C 5 -27.92 14.86 3.92
N TRP C 6 -27.12 15.71 3.29
CA TRP C 6 -25.73 15.93 3.74
C TRP C 6 -25.64 16.29 5.22
N GLN C 7 -26.58 17.14 5.64
CA GLN C 7 -26.70 17.64 7.00
C GLN C 7 -26.97 16.53 7.98
N HIS C 8 -27.98 15.71 7.69
CA HIS C 8 -28.28 14.61 8.62
C HIS C 8 -27.07 13.67 8.69
N ILE C 9 -26.39 13.47 7.57
CA ILE C 9 -25.25 12.55 7.59
C ILE C 9 -24.12 13.12 8.47
N ARG C 10 -23.80 14.41 8.32
CA ARG C 10 -22.74 15.02 9.14
C ARG C 10 -23.10 14.86 10.61
N GLN C 11 -24.35 15.21 10.91
CA GLN C 11 -24.83 15.08 12.28
C GLN C 11 -24.67 13.67 12.83
N GLU C 12 -25.03 12.67 12.03
CA GLU C 12 -24.93 11.29 12.52
C GLU C 12 -23.47 11.00 12.75
N ALA C 13 -22.65 11.44 11.81
CA ALA C 13 -21.23 11.23 11.87
C ALA C 13 -20.64 11.68 13.20
N LYS C 14 -20.89 12.94 13.57
CA LYS C 14 -20.33 13.43 14.83
C LYS C 14 -20.71 12.55 16.02
N GLU C 15 -21.94 12.04 16.00
CA GLU C 15 -22.38 11.21 17.10
C GLU C 15 -21.86 9.78 17.02
N LEU C 16 -21.78 9.28 15.78
CA LEU C 16 -21.29 7.94 15.52
C LEU C 16 -19.85 7.84 16.01
N ALA C 17 -19.06 8.85 15.63
CA ALA C 17 -17.66 8.92 16.00
C ALA C 17 -17.54 9.00 17.50
N GLU C 18 -18.45 9.77 18.07
CA GLU C 18 -18.45 9.94 19.51
C GLU C 18 -18.70 8.62 20.22
N ASN C 19 -19.58 7.82 19.68
CA ASN C 19 -19.94 6.58 20.31
C ASN C 19 -19.02 5.37 20.06
N GLU C 20 -18.17 5.45 19.03
CA GLU C 20 -17.24 4.35 18.76
C GLU C 20 -15.80 4.85 18.48
N PRO C 21 -15.03 5.04 19.53
CA PRO C 21 -13.64 5.51 19.39
C PRO C 21 -12.83 4.77 18.34
N LEU C 23 -13.72 3.68 15.54
CA LEU C 23 -14.09 4.01 14.18
C LEU C 23 -14.13 5.51 13.91
N ALA C 24 -13.81 6.30 14.94
CA ALA C 24 -13.84 7.75 14.78
C ALA C 24 -13.03 8.25 13.62
N SER C 25 -11.86 7.67 13.38
CA SER C 25 -11.02 8.18 12.31
C SER C 25 -11.70 7.97 10.95
N PHE C 26 -12.34 6.81 10.81
CA PHE C 26 -13.06 6.44 9.59
C PHE C 26 -14.17 7.45 9.33
N PHE C 27 -14.88 7.81 10.39
CA PHE C 27 -15.97 8.75 10.25
C PHE C 27 -15.43 10.11 9.87
N HIS C 28 -14.26 10.48 10.41
CA HIS C 28 -13.68 11.78 10.10
C HIS C 28 -13.15 11.86 8.66
N SER C 29 -12.53 10.79 8.20
CA SER C 29 -12.01 10.76 6.83
C SER C 29 -13.10 10.61 5.78
N THR C 30 -14.14 9.84 6.07
CA THR C 30 -15.17 9.66 5.06
C THR C 30 -16.29 10.69 5.02
N ILE C 31 -16.59 11.30 6.16
CA ILE C 31 -17.70 12.23 6.19
C ILE C 31 -17.33 13.62 6.71
N LEU C 32 -16.93 13.69 7.99
CA LEU C 32 -16.65 14.96 8.68
C LEU C 32 -15.69 15.99 8.15
N LYS C 33 -14.62 15.58 7.49
CA LYS C 33 -13.65 16.52 6.99
C LYS C 33 -14.08 17.08 5.64
N HIS C 34 -15.19 16.59 5.11
CA HIS C 34 -15.64 17.09 3.83
C HIS C 34 -16.74 18.15 4.04
N GLN C 35 -16.88 19.07 3.08
CA GLN C 35 -17.85 20.19 3.14
C GLN C 35 -19.16 19.89 2.38
N ASN C 36 -19.20 18.79 1.67
CA ASN C 36 -20.44 18.47 0.96
C ASN C 36 -20.46 16.96 0.67
N LEU C 37 -21.51 16.51 0.00
CA LEU C 37 -21.67 15.13 -0.33
C LEU C 37 -20.74 14.58 -1.45
N GLY C 38 -20.50 15.36 -2.48
CA GLY C 38 -19.62 14.89 -3.54
C GLY C 38 -18.20 14.67 -3.02
N GLY C 39 -17.75 15.54 -2.12
CA GLY C 39 -16.42 15.41 -1.57
C GLY C 39 -16.33 14.06 -0.88
N ALA C 40 -17.30 13.79 -0.01
CA ALA C 40 -17.28 12.53 0.72
C ALA C 40 -17.45 11.34 -0.24
N LEU C 41 -18.36 11.50 -1.18
CA LEU C 41 -18.61 10.41 -2.08
C LEU C 41 -17.39 10.13 -2.99
N SER C 42 -16.67 11.16 -3.36
CA SER C 42 -15.54 10.92 -4.24
C SER C 42 -14.42 10.23 -3.50
N TYR C 43 -14.25 10.58 -2.22
CA TYR C 43 -13.21 9.98 -1.36
C TYR C 43 -13.54 8.50 -1.10
N LEU C 44 -14.78 8.24 -0.72
CA LEU C 44 -15.18 6.87 -0.47
C LEU C 44 -15.00 6.07 -1.76
N LEU C 45 -15.47 6.59 -2.90
CA LEU C 45 -15.37 5.82 -4.13
C LEU C 45 -13.97 5.67 -4.65
N ALA C 46 -13.20 6.73 -4.65
CA ALA C 46 -11.83 6.60 -5.13
C ALA C 46 -11.09 5.57 -4.29
N ASN C 47 -11.28 5.60 -2.97
CA ASN C 47 -10.63 4.69 -2.07
C ASN C 47 -10.99 3.25 -2.35
N LYS C 48 -12.28 2.99 -2.52
CA LYS C 48 -12.74 1.62 -2.73
C LYS C 48 -12.48 1.01 -4.10
N LEU C 49 -12.37 1.86 -5.09
CA LEU C 49 -12.12 1.40 -6.45
C LEU C 49 -10.61 1.40 -6.72
N ALA C 50 -9.83 1.89 -5.75
CA ALA C 50 -8.39 1.94 -5.87
C ALA C 50 -7.71 0.58 -6.08
N ASN C 51 -6.58 0.60 -6.76
CA ASN C 51 -5.78 -0.59 -6.96
C ASN C 51 -4.37 -0.12 -7.28
N PRO C 52 -3.37 -1.03 -7.16
CA PRO C 52 -1.93 -0.76 -7.41
C PRO C 52 -1.70 0.00 -8.73
N ILE C 53 -2.47 -0.29 -9.76
CA ILE C 53 -2.25 0.43 -11.01
C ILE C 53 -2.93 1.78 -11.13
N PRO C 55 -4.38 4.17 -8.31
CA PRO C 55 -4.59 4.42 -6.90
C PRO C 55 -5.69 5.44 -6.68
N ALA C 56 -6.07 5.60 -5.41
CA ALA C 56 -7.14 6.50 -5.05
C ALA C 56 -6.97 7.91 -5.62
N ILE C 57 -5.78 8.45 -5.43
CA ILE C 57 -5.48 9.78 -5.86
C ILE C 57 -5.75 9.95 -7.35
N SER C 58 -5.47 8.94 -8.17
CA SER C 58 -5.74 9.10 -9.62
C SER C 58 -7.23 8.97 -9.90
N LEU C 59 -7.92 8.10 -9.18
CA LEU C 59 -9.33 7.94 -9.46
C LEU C 59 -10.19 9.06 -8.96
N ARG C 60 -9.78 9.73 -7.88
CA ARG C 60 -10.63 10.79 -7.32
C ARG C 60 -10.65 12.05 -8.18
N GLU C 61 -9.63 12.26 -8.97
CA GLU C 61 -9.62 13.46 -9.78
C GLU C 61 -10.60 13.26 -10.92
N ILE C 62 -10.84 12.00 -11.27
CA ILE C 62 -11.72 11.68 -12.36
C ILE C 62 -13.14 11.75 -11.88
N ILE C 63 -13.37 11.22 -10.69
CA ILE C 63 -14.71 11.25 -10.19
C ILE C 63 -15.14 12.68 -9.98
N GLU C 64 -14.17 13.53 -9.60
CA GLU C 64 -14.47 14.93 -9.33
C GLU C 64 -14.69 15.83 -10.55
N GLU C 65 -14.14 15.49 -11.70
CA GLU C 65 -14.36 16.27 -12.90
C GLU C 65 -15.79 15.91 -13.37
N ALA C 66 -16.22 14.71 -13.07
CA ALA C 66 -17.55 14.29 -13.45
C ALA C 66 -18.53 15.04 -12.56
N TYR C 67 -18.29 15.08 -11.25
CA TYR C 67 -19.19 15.79 -10.33
C TYR C 67 -19.25 17.27 -10.68
N GLN C 68 -18.18 17.75 -11.28
CA GLN C 68 -18.19 19.14 -11.69
C GLN C 68 -18.92 19.30 -13.05
N SER C 69 -18.65 18.46 -14.03
CA SER C 69 -19.38 18.68 -15.27
C SER C 69 -20.91 18.41 -15.14
N ASN C 70 -21.29 17.55 -14.19
CA ASN C 70 -22.69 17.14 -14.05
C ASN C 70 -23.05 16.99 -12.58
N PRO C 71 -23.17 18.12 -11.85
CA PRO C 71 -23.49 18.04 -10.41
C PRO C 71 -24.71 17.18 -10.06
N SER C 72 -25.60 16.95 -11.01
CA SER C 72 -26.82 16.16 -10.75
C SER C 72 -26.59 14.67 -10.42
N ILE C 73 -25.36 14.19 -10.55
CA ILE C 73 -25.10 12.80 -10.23
C ILE C 73 -25.14 12.72 -8.70
N ILE C 74 -24.76 13.83 -8.08
CA ILE C 74 -24.70 13.91 -6.62
C ILE C 74 -26.07 13.94 -6.00
N ASP C 75 -27.00 14.62 -6.68
CA ASP C 75 -28.35 14.69 -6.21
C ASP C 75 -28.91 13.28 -6.21
N CYS C 76 -28.72 12.58 -7.32
CA CYS C 76 -29.24 11.21 -7.46
C CYS C 76 -28.76 10.34 -6.30
N ALA C 77 -27.52 10.56 -5.88
CA ALA C 77 -26.94 9.80 -4.78
C ALA C 77 -27.77 10.04 -3.54
N ALA C 78 -28.05 11.32 -3.29
CA ALA C 78 -28.83 11.72 -2.13
C ALA C 78 -30.19 11.02 -2.22
N CYS C 79 -30.81 11.12 -3.38
CA CYS C 79 -32.08 10.45 -3.59
C CYS C 79 -31.89 8.94 -3.33
N ASP C 80 -30.79 8.33 -3.81
CA ASP C 80 -30.65 6.87 -3.58
C ASP C 80 -30.53 6.60 -2.10
N ILE C 81 -29.87 7.52 -1.40
CA ILE C 81 -29.70 7.38 0.05
C ILE C 81 -31.09 7.44 0.72
N GLN C 82 -31.94 8.34 0.23
CA GLN C 82 -33.26 8.40 0.85
C GLN C 82 -33.98 7.07 0.65
N ALA C 83 -33.85 6.46 -0.54
CA ALA C 83 -34.52 5.19 -0.81
C ALA C 83 -34.17 4.02 0.06
N VAL C 84 -32.88 3.77 0.25
CA VAL C 84 -32.48 2.63 1.03
C VAL C 84 -33.00 2.84 2.43
N ARG C 85 -32.78 4.04 2.91
CA ARG C 85 -33.24 4.35 4.23
C ARG C 85 -34.73 4.11 4.43
N HIS C 86 -35.54 4.43 3.40
CA HIS C 86 -37.00 4.35 3.51
C HIS C 86 -37.67 3.13 2.88
N ARG C 87 -36.90 2.15 2.40
CA ARG C 87 -37.48 0.94 1.78
C ARG C 87 -36.84 -0.24 2.47
N ASP C 88 -35.92 0.15 3.31
CA ASP C 88 -35.24 -0.78 4.12
C ASP C 88 -35.49 -0.29 5.57
N PRO C 89 -36.46 -0.92 6.29
CA PRO C 89 -36.77 -0.54 7.69
C PRO C 89 -35.64 -0.83 8.69
N ALA C 90 -34.68 -1.62 8.18
CA ALA C 90 -33.50 -2.08 8.87
C ALA C 90 -32.30 -1.13 8.75
N VAL C 91 -32.50 -0.05 8.02
CA VAL C 91 -31.45 0.94 7.87
C VAL C 91 -32.09 2.15 8.50
N GLU C 92 -31.55 2.65 9.59
CA GLU C 92 -32.17 3.81 10.26
C GLU C 92 -31.43 5.14 10.01
N LEU C 93 -30.10 5.08 9.75
CA LEU C 93 -29.26 6.28 9.52
C LEU C 93 -28.98 6.62 8.08
N TRP C 94 -29.02 7.91 7.75
CA TRP C 94 -28.77 8.34 6.38
C TRP C 94 -27.34 7.95 5.94
N SER C 95 -26.42 8.03 6.88
CA SER C 95 -25.03 7.73 6.66
C SER C 95 -24.72 6.26 6.30
N THR C 96 -25.63 5.35 6.69
CA THR C 96 -25.40 3.93 6.45
C THR C 96 -25.24 3.49 5.00
N PRO C 97 -26.17 3.89 4.14
CA PRO C 97 -26.05 3.50 2.73
C PRO C 97 -24.77 4.07 2.17
N LEU C 98 -24.47 5.31 2.55
CA LEU C 98 -23.28 6.00 2.07
C LEU C 98 -21.94 5.40 2.44
N LEU C 99 -21.85 4.94 3.67
CA LEU C 99 -20.58 4.37 4.18
C LEU C 99 -20.39 2.90 3.97
N TYR C 100 -21.48 2.14 4.09
CA TYR C 100 -21.31 0.68 4.07
C TYR C 100 -21.84 -0.20 2.99
N LEU C 101 -22.92 0.20 2.31
CA LEU C 101 -23.60 -0.66 1.34
C LEU C 101 -23.01 -0.73 -0.07
N LYS C 102 -22.32 -1.83 -0.40
CA LYS C 102 -21.71 -1.88 -1.72
C LYS C 102 -22.67 -1.69 -2.87
N GLY C 103 -23.93 -1.99 -2.66
CA GLY C 103 -24.91 -1.83 -3.74
C GLY C 103 -25.01 -0.39 -4.10
N PHE C 104 -25.11 0.43 -3.06
CA PHE C 104 -25.18 1.86 -3.20
C PHE C 104 -23.89 2.37 -3.86
N HIS C 105 -22.74 1.79 -3.48
CA HIS C 105 -21.46 2.28 -4.05
C HIS C 105 -21.42 1.99 -5.52
N ALA C 106 -21.83 0.78 -5.89
CA ALA C 106 -21.83 0.31 -7.27
C ALA C 106 -22.69 1.23 -8.13
N ILE C 107 -23.82 1.65 -7.59
CA ILE C 107 -24.68 2.51 -8.34
C ILE C 107 -24.10 3.90 -8.59
N GLN C 108 -23.60 4.53 -7.55
CA GLN C 108 -23.03 5.86 -7.76
C GLN C 108 -21.77 5.76 -8.65
N SER C 109 -21.09 4.60 -8.62
CA SER C 109 -19.92 4.43 -9.45
C SER C 109 -20.38 4.32 -10.90
N TYR C 110 -21.35 3.45 -11.16
CA TYR C 110 -21.91 3.34 -12.51
C TYR C 110 -22.28 4.75 -13.03
N ARG C 111 -22.88 5.56 -12.17
CA ARG C 111 -23.30 6.88 -12.61
C ARG C 111 -22.14 7.64 -13.23
N ILE C 112 -20.98 7.55 -12.61
CA ILE C 112 -19.83 8.21 -13.17
C ILE C 112 -19.53 7.60 -14.53
N THR C 113 -19.55 6.27 -14.62
CA THR C 113 -19.28 5.65 -15.90
C THR C 113 -20.33 6.03 -16.95
N HIS C 114 -21.56 6.32 -16.53
CA HIS C 114 -22.62 6.65 -17.47
C HIS C 114 -22.30 7.99 -18.10
N TYR C 115 -21.97 8.95 -17.26
CA TYR C 115 -21.57 10.28 -17.69
C TYR C 115 -20.37 10.15 -18.68
N LEU C 116 -19.34 9.42 -18.27
CA LEU C 116 -18.18 9.26 -19.13
C LEU C 116 -18.56 8.73 -20.49
N TRP C 117 -19.40 7.68 -20.50
CA TRP C 117 -19.87 7.00 -21.74
C TRP C 117 -20.57 7.92 -22.71
N ASN C 118 -21.43 8.79 -22.17
CA ASN C 118 -22.16 9.75 -22.98
C ASN C 118 -21.20 10.88 -23.40
N GLN C 119 -20.03 10.95 -22.74
CA GLN C 119 -19.03 11.95 -23.08
C GLN C 119 -18.14 11.34 -24.11
N ASN C 120 -18.52 10.15 -24.53
CA ASN C 120 -17.77 9.39 -25.49
C ASN C 120 -16.33 9.05 -25.01
N ARG C 121 -16.13 8.99 -23.70
CA ARG C 121 -14.84 8.62 -23.09
C ARG C 121 -15.08 7.17 -22.63
N LYS C 122 -15.16 6.30 -23.62
CA LYS C 122 -15.49 4.91 -23.36
C LYS C 122 -14.42 4.07 -22.68
N SER C 123 -13.15 4.23 -23.02
CA SER C 123 -12.20 3.38 -22.35
C SER C 123 -12.26 3.65 -20.86
N LEU C 124 -12.44 4.91 -20.48
CA LEU C 124 -12.49 5.23 -19.07
C LEU C 124 -13.77 4.70 -18.39
N ALA C 125 -14.87 4.63 -19.13
CA ALA C 125 -16.14 4.14 -18.59
C ALA C 125 -16.02 2.64 -18.45
N LEU C 126 -15.25 2.01 -19.32
CA LEU C 126 -15.08 0.57 -19.29
C LEU C 126 -14.14 0.13 -18.21
N TYR C 127 -13.11 0.94 -18.00
CA TYR C 127 -12.13 0.64 -16.95
C TYR C 127 -12.90 0.62 -15.61
N LEU C 128 -13.74 1.64 -15.41
CA LEU C 128 -14.51 1.77 -14.20
C LEU C 128 -15.60 0.73 -14.05
N GLN C 129 -16.34 0.47 -15.10
CA GLN C 129 -17.40 -0.57 -15.05
C GLN C 129 -16.82 -1.87 -14.52
N ASN C 130 -15.59 -2.17 -14.94
CA ASN C 130 -15.01 -3.44 -14.54
C ASN C 130 -14.35 -3.43 -13.18
N GLN C 131 -13.88 -2.28 -12.74
CA GLN C 131 -13.29 -2.19 -11.41
C GLN C 131 -14.46 -2.21 -10.42
N ILE C 132 -15.61 -1.70 -10.85
CA ILE C 132 -16.79 -1.68 -10.02
C ILE C 132 -17.18 -3.17 -9.81
N SER C 133 -17.01 -3.94 -10.87
CA SER C 133 -17.32 -5.35 -10.81
C SER C 133 -16.35 -6.05 -9.86
N VAL C 134 -15.07 -5.67 -9.91
CA VAL C 134 -14.08 -6.28 -9.06
C VAL C 134 -14.31 -5.87 -7.60
N ALA C 135 -14.56 -4.60 -7.36
CA ALA C 135 -14.72 -4.13 -5.99
C ALA C 135 -16.06 -4.48 -5.33
N PHE C 136 -17.15 -4.33 -6.07
CA PHE C 136 -18.47 -4.53 -5.48
C PHE C 136 -19.27 -5.71 -5.99
N ASP C 137 -18.75 -6.34 -7.03
CA ASP C 137 -19.44 -7.46 -7.59
C ASP C 137 -20.76 -7.18 -8.26
N VAL C 138 -20.81 -6.01 -8.84
CA VAL C 138 -21.92 -5.54 -9.59
C VAL C 138 -21.35 -5.14 -10.96
N ASP C 139 -21.96 -5.70 -12.00
CA ASP C 139 -21.52 -5.41 -13.31
C ASP C 139 -22.66 -4.71 -14.06
N ILE C 140 -22.47 -3.43 -14.31
CA ILE C 140 -23.47 -2.61 -14.99
C ILE C 140 -22.91 -1.92 -16.20
N HIS C 141 -23.41 -2.27 -17.38
CA HIS C 141 -22.91 -1.57 -18.56
C HIS C 141 -23.15 -0.08 -18.46
N PRO C 142 -22.11 0.72 -18.76
CA PRO C 142 -22.19 2.18 -18.72
C PRO C 142 -23.36 2.76 -19.51
N ALA C 143 -23.66 2.16 -20.66
CA ALA C 143 -24.77 2.66 -21.45
C ALA C 143 -26.17 2.45 -20.84
N ALA C 144 -26.29 1.57 -19.85
CA ALA C 144 -27.59 1.36 -19.23
C ALA C 144 -28.14 2.66 -18.68
N LYS C 145 -29.45 2.84 -18.77
CA LYS C 145 -30.08 4.02 -18.23
C LYS C 145 -30.72 3.66 -16.89
N ILE C 146 -30.19 4.24 -15.81
CA ILE C 146 -30.67 3.98 -14.46
C ILE C 146 -31.13 5.22 -13.71
N GLY C 147 -32.40 5.26 -13.33
CA GLY C 147 -32.96 6.42 -12.62
C GLY C 147 -32.54 6.58 -11.19
N HIS C 148 -33.33 7.26 -10.35
CA HIS C 148 -32.98 7.44 -8.95
C HIS C 148 -33.95 6.86 -7.93
N GLY C 149 -33.50 6.75 -6.67
CA GLY C 149 -34.31 6.19 -5.58
C GLY C 149 -34.21 4.67 -5.72
N ILE C 150 -33.05 4.26 -6.20
CA ILE C 150 -32.76 2.87 -6.50
C ILE C 150 -32.11 2.12 -5.36
N PHE C 152 -30.00 -1.47 -4.55
CA PHE C 152 -29.38 -2.73 -4.96
C PHE C 152 -29.03 -3.29 -3.60
N ASP C 153 -29.93 -4.08 -3.05
CA ASP C 153 -29.71 -4.64 -1.73
C ASP C 153 -28.81 -5.89 -1.80
N HIS C 154 -27.82 -5.93 -0.90
CA HIS C 154 -26.83 -7.03 -0.80
C HIS C 154 -26.00 -6.94 -2.10
N ALA C 155 -26.67 -6.82 -3.24
CA ALA C 155 -26.02 -6.59 -4.52
C ALA C 155 -25.14 -7.63 -5.19
N THR C 156 -24.49 -8.46 -4.42
CA THR C 156 -23.61 -9.44 -5.00
C THR C 156 -24.17 -10.16 -6.23
N GLY C 157 -23.42 -10.12 -7.33
CA GLY C 157 -23.87 -10.81 -8.53
C GLY C 157 -24.90 -10.17 -9.44
N ILE C 158 -25.20 -8.89 -9.23
CA ILE C 158 -26.14 -8.21 -10.09
C ILE C 158 -25.35 -7.88 -11.38
N VAL C 159 -26.02 -8.02 -12.53
CA VAL C 159 -25.47 -7.74 -13.85
C VAL C 159 -26.55 -7.00 -14.68
N VAL C 160 -26.21 -5.83 -15.22
CA VAL C 160 -27.17 -5.07 -15.98
C VAL C 160 -26.68 -4.83 -17.38
N GLY C 161 -27.45 -5.29 -18.36
CA GLY C 161 -27.04 -5.16 -19.75
C GLY C 161 -27.00 -3.77 -20.36
N GLU C 162 -26.25 -3.67 -21.45
CA GLU C 162 -26.06 -2.44 -22.19
C GLU C 162 -27.34 -1.65 -22.54
N THR C 163 -28.38 -2.32 -23.01
CA THR C 163 -29.59 -1.59 -23.39
C THR C 163 -30.68 -1.57 -22.33
N SER C 164 -30.35 -1.99 -21.11
CA SER C 164 -31.32 -2.02 -20.05
C SER C 164 -31.78 -0.64 -19.60
N VAL C 165 -32.99 -0.59 -19.07
CA VAL C 165 -33.52 0.61 -18.50
C VAL C 165 -34.08 0.27 -17.12
N ILE C 166 -33.75 1.09 -16.13
CA ILE C 166 -34.26 0.90 -14.80
C ILE C 166 -34.77 2.25 -14.39
N GLU C 167 -36.09 2.40 -14.29
CA GLU C 167 -36.69 3.68 -13.93
C GLU C 167 -36.59 3.82 -12.42
N ASN C 168 -37.16 4.89 -11.87
CA ASN C 168 -37.10 5.20 -10.46
C ASN C 168 -37.74 4.24 -9.49
N ASP C 169 -37.20 4.24 -8.27
CA ASP C 169 -37.62 3.44 -7.13
C ASP C 169 -37.73 1.93 -7.29
N VAL C 170 -36.79 1.40 -8.05
CA VAL C 170 -36.74 -0.03 -8.29
C VAL C 170 -35.86 -0.65 -7.22
N SER C 171 -36.16 -1.88 -6.84
CA SER C 171 -35.35 -2.60 -5.88
C SER C 171 -34.87 -3.84 -6.57
N ILE C 172 -33.58 -4.10 -6.41
CA ILE C 172 -33.00 -5.27 -7.00
C ILE C 172 -32.14 -5.98 -5.98
N LEU C 173 -32.35 -7.28 -5.88
CA LEU C 173 -31.59 -8.07 -4.94
C LEU C 173 -30.42 -8.76 -5.62
N GLN C 174 -29.59 -9.39 -4.81
CA GLN C 174 -28.42 -10.16 -5.23
C GLN C 174 -28.75 -11.18 -6.27
N GLY C 175 -27.78 -11.44 -7.15
CA GLY C 175 -27.95 -12.47 -8.18
C GLY C 175 -28.90 -12.24 -9.36
N VAL C 176 -29.44 -11.04 -9.51
CA VAL C 176 -30.32 -10.86 -10.66
C VAL C 176 -29.60 -10.35 -11.88
N THR C 177 -30.00 -10.88 -13.01
CA THR C 177 -29.41 -10.48 -14.27
C THR C 177 -30.48 -9.80 -15.11
N LEU C 178 -30.16 -8.64 -15.69
CA LEU C 178 -31.07 -8.01 -16.63
C LEU C 178 -30.27 -8.25 -17.87
N GLY C 179 -30.59 -9.31 -18.58
CA GLY C 179 -29.82 -9.60 -19.75
C GLY C 179 -30.58 -9.84 -21.03
N GLY C 180 -29.89 -10.56 -21.93
CA GLY C 180 -30.46 -10.83 -23.22
C GLY C 180 -30.66 -12.31 -23.49
N THR C 181 -31.28 -12.59 -24.62
CA THR C 181 -31.57 -13.94 -25.05
C THR C 181 -30.63 -14.52 -26.05
N GLY C 182 -29.88 -13.66 -26.74
CA GLY C 182 -28.96 -14.13 -27.81
C GLY C 182 -28.84 -13.19 -29.07
N LYS C 183 -29.89 -12.37 -29.33
CA LYS C 183 -29.90 -11.32 -30.37
C LYS C 183 -28.59 -10.61 -29.96
N GLU C 184 -27.55 -10.69 -30.81
CA GLU C 184 -26.26 -10.11 -30.40
C GLU C 184 -26.18 -8.55 -30.43
N SER C 185 -27.10 -7.87 -31.12
CA SER C 185 -27.04 -6.38 -31.15
C SER C 185 -28.43 -5.70 -31.11
N GLY C 186 -28.42 -4.44 -30.71
CA GLY C 186 -29.67 -3.71 -30.72
C GLY C 186 -30.36 -3.75 -29.37
N ASP C 187 -31.47 -3.03 -29.30
CA ASP C 187 -32.23 -3.00 -28.07
C ASP C 187 -32.53 -4.46 -27.74
N ARG C 188 -31.91 -5.00 -26.68
CA ARG C 188 -32.11 -6.43 -26.37
C ARG C 188 -32.13 -6.74 -24.89
N HIS C 189 -32.30 -5.70 -24.10
CA HIS C 189 -32.30 -5.89 -22.67
C HIS C 189 -33.60 -5.36 -22.08
N PRO C 190 -33.95 -5.83 -20.87
CA PRO C 190 -35.16 -5.45 -20.14
C PRO C 190 -35.47 -3.99 -19.89
N LYS C 191 -36.74 -3.64 -19.94
CA LYS C 191 -37.15 -2.28 -19.63
C LYS C 191 -37.86 -2.48 -18.29
N VAL C 192 -37.14 -2.21 -17.19
CA VAL C 192 -37.68 -2.37 -15.85
C VAL C 192 -38.33 -1.07 -15.34
N ARG C 193 -39.66 -1.01 -15.41
CA ARG C 193 -40.38 0.19 -14.99
C ARG C 193 -40.39 0.55 -13.49
N GLU C 194 -40.99 1.70 -13.16
CA GLU C 194 -40.93 2.16 -11.80
C GLU C 194 -41.56 1.34 -10.68
N GLY C 195 -40.92 1.38 -9.53
CA GLY C 195 -41.44 0.67 -8.36
C GLY C 195 -41.36 -0.83 -8.43
N VAL C 196 -40.71 -1.33 -9.45
CA VAL C 196 -40.57 -2.74 -9.60
C VAL C 196 -39.58 -3.31 -8.61
N ILE C 198 -37.36 -6.75 -7.72
CA ILE C 198 -36.87 -8.00 -8.26
C ILE C 198 -36.20 -8.82 -7.19
N GLY C 199 -36.76 -9.98 -6.88
CA GLY C 199 -36.18 -10.86 -5.87
C GLY C 199 -34.85 -11.55 -6.24
N ALA C 200 -34.15 -12.06 -5.22
CA ALA C 200 -32.86 -12.70 -5.39
C ALA C 200 -32.74 -13.79 -6.45
N GLY C 201 -31.73 -13.65 -7.29
CA GLY C 201 -31.49 -14.63 -8.33
C GLY C 201 -32.26 -14.59 -9.64
N ALA C 202 -33.30 -13.79 -9.75
CA ALA C 202 -34.05 -13.75 -10.99
C ALA C 202 -33.23 -13.30 -12.20
N LYS C 203 -33.52 -13.91 -13.34
CA LYS C 203 -32.85 -13.60 -14.62
C LYS C 203 -33.94 -13.10 -15.51
N ILE C 204 -33.81 -11.88 -15.98
CA ILE C 204 -34.83 -11.27 -16.82
C ILE C 204 -34.13 -11.02 -18.16
N LEU C 205 -34.49 -11.80 -19.17
CA LEU C 205 -33.82 -11.73 -20.46
C LEU C 205 -34.66 -11.28 -21.68
N GLY C 206 -34.09 -10.33 -22.44
CA GLY C 206 -34.76 -9.87 -23.63
C GLY C 206 -35.18 -8.43 -23.53
N ASN C 207 -35.69 -7.90 -24.64
CA ASN C 207 -36.15 -6.55 -24.73
C ASN C 207 -37.63 -6.62 -24.37
N ILE C 208 -37.91 -6.75 -23.08
CA ILE C 208 -39.27 -6.86 -22.61
C ILE C 208 -39.60 -5.89 -21.50
N GLU C 209 -40.88 -5.59 -21.43
CA GLU C 209 -41.39 -4.70 -20.44
C GLU C 209 -41.60 -5.40 -19.14
N VAL C 210 -41.15 -4.76 -18.05
CA VAL C 210 -41.43 -5.27 -16.74
C VAL C 210 -42.26 -4.12 -16.14
N GLY C 211 -43.58 -4.32 -16.16
CA GLY C 211 -44.52 -3.33 -15.68
C GLY C 211 -44.29 -2.62 -14.36
N LYS C 212 -44.64 -1.34 -14.38
CA LYS C 212 -44.54 -0.48 -13.22
C LYS C 212 -45.10 -1.23 -11.95
N TYR C 213 -44.35 -1.16 -10.84
CA TYR C 213 -44.69 -1.83 -9.57
C TYR C 213 -44.91 -3.36 -9.62
N ALA C 214 -44.35 -3.99 -10.64
CA ALA C 214 -44.47 -5.44 -10.66
C ALA C 214 -43.46 -6.01 -9.59
N LYS C 215 -43.58 -7.32 -9.33
CA LYS C 215 -42.73 -8.04 -8.39
C LYS C 215 -42.35 -9.36 -9.03
N ILE C 216 -41.06 -9.66 -8.99
CA ILE C 216 -40.55 -10.89 -9.55
C ILE C 216 -40.09 -11.77 -8.38
N GLY C 217 -40.59 -13.00 -8.28
CA GLY C 217 -40.18 -13.86 -7.19
C GLY C 217 -38.79 -14.45 -7.42
N ALA C 218 -38.09 -14.76 -6.33
CA ALA C 218 -36.75 -15.32 -6.40
C ALA C 218 -36.46 -16.44 -7.45
N ASN C 219 -35.32 -16.36 -8.13
CA ASN C 219 -34.91 -17.35 -9.11
C ASN C 219 -35.76 -17.53 -10.36
N SER C 220 -36.75 -16.70 -10.55
CA SER C 220 -37.59 -16.78 -11.72
C SER C 220 -36.79 -16.40 -12.95
N VAL C 221 -37.19 -16.93 -14.11
CA VAL C 221 -36.56 -16.57 -15.37
C VAL C 221 -37.67 -15.98 -16.18
N VAL C 222 -37.57 -14.67 -16.40
CA VAL C 222 -38.59 -13.89 -17.07
C VAL C 222 -38.22 -13.63 -18.50
N LEU C 223 -39.03 -14.21 -19.38
CA LEU C 223 -38.83 -14.12 -20.80
C LEU C 223 -39.99 -13.47 -21.47
N ASN C 224 -41.00 -13.04 -20.71
CA ASN C 224 -42.21 -12.40 -21.28
C ASN C 224 -42.59 -11.15 -20.48
N PRO C 225 -43.12 -10.11 -21.17
CA PRO C 225 -43.54 -8.85 -20.56
C PRO C 225 -44.30 -9.13 -19.26
N VAL C 226 -44.19 -8.22 -18.29
CA VAL C 226 -44.85 -8.41 -17.02
C VAL C 226 -45.81 -7.24 -16.85
N PRO C 227 -47.12 -7.50 -16.72
CA PRO C 227 -48.10 -6.42 -16.56
C PRO C 227 -47.80 -5.55 -15.32
N GLU C 228 -48.24 -4.30 -15.31
CA GLU C 228 -48.01 -3.49 -14.13
C GLU C 228 -48.72 -4.14 -12.93
N TYR C 229 -48.18 -3.86 -11.75
CA TYR C 229 -48.64 -4.38 -10.45
C TYR C 229 -48.88 -5.87 -10.40
N ALA C 230 -48.31 -6.61 -11.33
CA ALA C 230 -48.47 -8.06 -11.39
C ALA C 230 -47.30 -8.78 -10.76
N THR C 231 -47.51 -10.02 -10.33
CA THR C 231 -46.40 -10.76 -9.76
C THR C 231 -46.07 -11.89 -10.71
N ALA C 232 -44.79 -12.08 -11.02
CA ALA C 232 -44.33 -13.12 -11.93
C ALA C 232 -43.42 -14.06 -11.15
N ALA C 233 -43.50 -15.36 -11.38
CA ALA C 233 -42.63 -16.26 -10.65
C ALA C 233 -42.60 -17.62 -11.32
N GLY C 234 -41.46 -18.31 -11.23
CA GLY C 234 -41.29 -19.64 -11.81
C GLY C 234 -40.16 -19.78 -12.84
N VAL C 235 -39.87 -21.01 -13.25
CA VAL C 235 -38.81 -21.20 -14.25
C VAL C 235 -39.33 -22.02 -15.44
N PRO C 236 -39.79 -21.35 -16.54
CA PRO C 236 -39.83 -19.90 -16.74
C PRO C 236 -40.95 -19.27 -15.95
N ALA C 237 -40.93 -17.95 -15.88
CA ALA C 237 -41.92 -17.21 -15.12
C ALA C 237 -43.30 -17.10 -15.75
N ARG C 238 -44.33 -16.98 -14.93
CA ARG C 238 -45.67 -16.78 -15.44
C ARG C 238 -46.33 -15.95 -14.34
N ILE C 239 -47.22 -15.05 -14.73
CA ILE C 239 -47.98 -14.18 -13.83
C ILE C 239 -48.69 -14.99 -12.76
N VAL C 240 -48.39 -14.68 -11.51
CA VAL C 240 -48.99 -15.45 -10.45
C VAL C 240 -49.92 -14.59 -9.58
N THR D 2 3.98 8.57 33.92
CA THR D 2 3.70 8.23 32.55
C THR D 2 2.20 8.47 32.34
N LEU D 3 1.39 8.00 33.30
CA LEU D 3 -0.06 8.15 33.21
C LEU D 3 -0.53 9.60 33.07
N ASP D 4 0.18 10.55 33.69
CA ASP D 4 -0.29 11.94 33.60
C ASP D 4 0.06 12.46 32.22
N VAL D 5 1.22 12.07 31.71
CA VAL D 5 1.66 12.50 30.37
C VAL D 5 0.60 12.04 29.41
N TRP D 6 0.15 10.80 29.50
CA TRP D 6 -0.90 10.30 28.64
C TRP D 6 -2.14 11.16 28.72
N GLN D 7 -2.61 11.41 29.95
CA GLN D 7 -3.81 12.23 30.17
C GLN D 7 -3.70 13.59 29.46
N HIS D 8 -2.55 14.26 29.61
CA HIS D 8 -2.36 15.56 28.92
C HIS D 8 -2.41 15.40 27.36
N ILE D 9 -1.80 14.32 26.87
CA ILE D 9 -1.74 14.06 25.43
C ILE D 9 -3.17 13.90 24.88
N ARG D 10 -3.92 13.06 25.56
CA ARG D 10 -5.29 12.79 25.15
C ARG D 10 -6.08 14.07 25.13
N GLN D 11 -5.89 14.91 26.14
CA GLN D 11 -6.63 16.17 26.23
C GLN D 11 -6.30 17.07 25.09
N GLU D 12 -5.02 17.20 24.84
CA GLU D 12 -4.59 18.03 23.75
C GLU D 12 -5.18 17.52 22.46
N ALA D 13 -5.04 16.22 22.23
CA ALA D 13 -5.52 15.71 20.96
C ALA D 13 -6.99 15.91 20.73
N LYS D 14 -7.80 15.89 21.78
CA LYS D 14 -9.25 16.09 21.61
C LYS D 14 -9.48 17.51 21.09
N GLU D 15 -8.73 18.48 21.60
CA GLU D 15 -8.92 19.85 21.13
C GLU D 15 -8.25 20.05 19.76
N LEU D 16 -7.06 19.46 19.58
CA LEU D 16 -6.38 19.59 18.30
C LEU D 16 -7.33 19.11 17.18
N ALA D 17 -7.96 17.95 17.38
CA ALA D 17 -8.89 17.39 16.39
C ALA D 17 -10.12 18.28 16.22
N GLU D 18 -10.47 19.08 17.23
CA GLU D 18 -11.62 19.98 17.14
C GLU D 18 -11.26 21.11 16.19
N ASN D 19 -10.07 21.66 16.41
CA ASN D 19 -9.60 22.77 15.61
C ASN D 19 -9.14 22.47 14.18
N GLU D 20 -8.94 21.21 13.82
CA GLU D 20 -8.45 20.91 12.46
C GLU D 20 -9.14 19.72 11.83
N PRO D 21 -10.23 19.94 11.11
CA PRO D 21 -10.95 18.83 10.47
C PRO D 21 -10.10 17.94 9.58
N LEU D 23 -7.13 17.09 9.91
CA LEU D 23 -6.23 16.20 10.62
C LEU D 23 -6.87 15.41 11.73
N ALA D 24 -8.20 15.44 11.82
CA ALA D 24 -8.86 14.73 12.92
C ALA D 24 -8.69 13.21 12.92
N SER D 25 -8.75 12.59 11.74
CA SER D 25 -8.62 11.15 11.66
C SER D 25 -7.24 10.75 12.20
N PHE D 26 -6.28 11.63 12.01
CA PHE D 26 -4.90 11.42 12.42
C PHE D 26 -4.84 11.41 13.93
N PHE D 27 -5.44 12.40 14.57
CA PHE D 27 -5.40 12.42 16.01
C PHE D 27 -6.13 11.23 16.57
N HIS D 28 -7.20 10.85 15.90
CA HIS D 28 -7.95 9.70 16.33
C HIS D 28 -7.20 8.40 16.19
N SER D 29 -6.61 8.15 15.02
CA SER D 29 -5.82 6.93 14.82
C SER D 29 -4.55 6.85 15.70
N THR D 30 -3.85 7.97 15.85
CA THR D 30 -2.64 7.96 16.61
C THR D 30 -2.83 8.06 18.11
N ILE D 31 -3.86 8.77 18.55
CA ILE D 31 -4.04 8.91 19.99
C ILE D 31 -5.34 8.52 20.68
N LEU D 32 -6.45 9.12 20.24
CA LEU D 32 -7.69 8.94 20.94
C LEU D 32 -8.31 7.58 21.06
N LYS D 33 -8.01 6.67 20.13
CA LYS D 33 -8.58 5.33 20.16
C LYS D 33 -7.72 4.42 20.97
N HIS D 34 -6.62 4.95 21.49
CA HIS D 34 -5.73 4.14 22.32
C HIS D 34 -6.06 4.37 23.78
N GLN D 35 -5.69 3.44 24.65
CA GLN D 35 -6.01 3.57 26.09
C GLN D 35 -4.80 3.84 26.97
N ASN D 36 -3.63 4.07 26.39
CA ASN D 36 -2.40 4.30 27.14
C ASN D 36 -1.27 4.63 26.18
N LEU D 37 -0.18 5.17 26.69
CA LEU D 37 0.89 5.60 25.83
C LEU D 37 1.51 4.52 25.01
N GLY D 38 1.49 3.30 25.51
CA GLY D 38 2.10 2.21 24.79
C GLY D 38 1.36 1.79 23.54
N GLY D 39 0.05 1.74 23.65
CA GLY D 39 -0.71 1.36 22.49
C GLY D 39 -0.48 2.42 21.44
N ALA D 40 -0.39 3.68 21.87
CA ALA D 40 -0.19 4.77 20.91
C ALA D 40 1.19 4.71 20.30
N LEU D 41 2.20 4.57 21.15
CA LEU D 41 3.57 4.57 20.66
C LEU D 41 3.81 3.38 19.70
N SER D 42 3.24 2.24 20.03
CA SER D 42 3.42 1.10 19.18
C SER D 42 2.68 1.31 17.84
N TYR D 43 1.53 2.00 17.84
CA TYR D 43 0.80 2.23 16.58
C TYR D 43 1.65 3.17 15.70
N LEU D 44 2.17 4.23 16.31
CA LEU D 44 3.01 5.20 15.63
C LEU D 44 4.32 4.64 15.07
N LEU D 45 5.10 3.93 15.90
CA LEU D 45 6.37 3.39 15.42
C LEU D 45 6.18 2.30 14.39
N ALA D 46 5.19 1.46 14.60
CA ALA D 46 4.91 0.37 13.67
C ALA D 46 4.67 0.97 12.29
N ASN D 47 3.79 1.97 12.22
CA ASN D 47 3.47 2.61 10.95
C ASN D 47 4.64 3.31 10.30
N LYS D 48 5.46 4.00 11.09
CA LYS D 48 6.60 4.76 10.54
C LYS D 48 7.72 3.85 10.08
N LEU D 49 7.85 2.69 10.71
CA LEU D 49 8.90 1.78 10.36
C LEU D 49 8.44 0.79 9.32
N ALA D 50 7.15 0.73 9.07
CA ALA D 50 6.63 -0.23 8.10
C ALA D 50 7.21 -0.07 6.67
N ASN D 51 7.20 -1.16 5.91
CA ASN D 51 7.66 -1.13 4.50
C ASN D 51 7.06 -2.34 3.84
N PRO D 52 7.21 -2.46 2.51
CA PRO D 52 6.62 -3.63 1.87
C PRO D 52 7.02 -5.04 2.35
N ILE D 53 8.22 -5.23 2.85
CA ILE D 53 8.51 -6.59 3.25
C ILE D 53 8.01 -6.93 4.67
N PRO D 55 5.43 -5.34 7.13
CA PRO D 55 4.45 -4.26 7.34
C PRO D 55 4.15 -3.87 8.80
N ALA D 56 3.32 -2.82 8.92
CA ALA D 56 2.92 -2.27 10.20
C ALA D 56 2.39 -3.36 11.09
N ILE D 57 1.49 -4.16 10.55
CA ILE D 57 0.90 -5.21 11.39
C ILE D 57 1.97 -6.18 11.90
N SER D 58 3.00 -6.46 11.12
CA SER D 58 4.04 -7.37 11.60
C SER D 58 4.92 -6.67 12.64
N LEU D 59 5.27 -5.41 12.41
CA LEU D 59 6.11 -4.73 13.38
C LEU D 59 5.45 -4.47 14.71
N ARG D 60 4.17 -4.06 14.75
CA ARG D 60 3.54 -3.79 16.04
C ARG D 60 3.62 -4.94 17.03
N GLU D 61 3.40 -6.15 16.56
CA GLU D 61 3.42 -7.30 17.44
C GLU D 61 4.78 -7.36 18.15
N ILE D 62 5.87 -7.13 17.42
CA ILE D 62 7.20 -7.14 18.03
C ILE D 62 7.34 -6.05 19.11
N ILE D 63 6.94 -4.83 18.76
CA ILE D 63 7.03 -3.72 19.70
C ILE D 63 6.20 -3.96 20.96
N GLU D 64 4.97 -4.48 20.77
CA GLU D 64 4.06 -4.73 21.87
C GLU D 64 4.59 -5.81 22.80
N GLU D 65 5.34 -6.75 22.24
CA GLU D 65 5.89 -7.81 23.07
C GLU D 65 6.92 -7.15 24.00
N ALA D 66 7.72 -6.27 23.41
CA ALA D 66 8.77 -5.55 24.16
C ALA D 66 8.21 -4.69 25.30
N TYR D 67 7.13 -3.99 25.03
CA TYR D 67 6.57 -3.13 26.05
C TYR D 67 6.03 -3.98 27.15
N GLN D 68 5.63 -5.19 26.80
CA GLN D 68 5.07 -6.03 27.83
C GLN D 68 6.11 -6.74 28.69
N SER D 69 7.28 -6.95 28.12
CA SER D 69 8.35 -7.60 28.81
C SER D 69 9.12 -6.60 29.62
N ASN D 70 9.16 -5.35 29.13
CA ASN D 70 9.90 -4.30 29.83
C ASN D 70 9.07 -3.03 29.83
N PRO D 71 8.09 -2.93 30.73
CA PRO D 71 7.20 -1.76 30.84
C PRO D 71 7.85 -0.41 30.93
N SER D 72 8.97 -0.35 31.61
CA SER D 72 9.68 0.91 31.81
C SER D 72 10.13 1.61 30.51
N ILE D 73 10.10 0.92 29.37
CA ILE D 73 10.47 1.53 28.08
C ILE D 73 9.45 2.65 27.82
N ILE D 74 8.20 2.39 28.17
CA ILE D 74 7.19 3.39 27.97
C ILE D 74 7.50 4.54 28.90
N ASP D 75 7.84 4.22 30.13
CA ASP D 75 8.20 5.26 31.09
C ASP D 75 9.27 6.21 30.58
N CYS D 76 10.32 5.67 29.96
CA CYS D 76 11.38 6.53 29.45
C CYS D 76 10.83 7.40 28.30
N ALA D 77 9.90 6.87 27.53
CA ALA D 77 9.32 7.67 26.44
C ALA D 77 8.62 8.90 27.04
N ALA D 78 7.84 8.69 28.08
CA ALA D 78 7.17 9.84 28.69
C ALA D 78 8.20 10.81 29.28
N CYS D 79 9.28 10.31 29.88
CA CYS D 79 10.32 11.21 30.44
C CYS D 79 11.02 11.97 29.32
N ASP D 80 11.11 11.37 28.14
CA ASP D 80 11.75 12.08 27.03
C ASP D 80 10.79 13.18 26.55
N ILE D 81 9.48 12.93 26.63
CA ILE D 81 8.52 13.95 26.16
C ILE D 81 8.68 15.22 27.01
N GLN D 82 8.55 15.06 28.32
CA GLN D 82 8.71 16.19 29.25
C GLN D 82 9.97 16.93 28.91
N ALA D 83 11.01 16.15 28.64
CA ALA D 83 12.29 16.76 28.35
C ALA D 83 12.25 17.72 27.17
N VAL D 84 11.79 17.23 26.02
CA VAL D 84 11.74 18.05 24.83
C VAL D 84 10.94 19.25 25.21
N ARG D 85 9.77 19.01 25.75
CA ARG D 85 8.93 20.12 26.17
C ARG D 85 9.63 21.21 27.01
N HIS D 86 10.20 20.78 28.13
CA HIS D 86 10.91 21.66 29.05
C HIS D 86 12.12 22.22 28.33
N ARG D 87 12.86 21.37 27.59
CA ARG D 87 14.02 21.94 26.92
C ARG D 87 13.79 22.73 25.64
N ASP D 88 12.56 22.71 25.13
CA ASP D 88 12.28 23.49 23.93
C ASP D 88 11.07 24.47 24.07
N PRO D 89 11.39 25.74 24.34
CA PRO D 89 10.28 26.71 24.48
C PRO D 89 9.37 26.74 23.20
N ALA D 90 9.81 26.13 22.09
CA ALA D 90 9.02 26.09 20.83
C ALA D 90 7.88 25.06 20.92
N VAL D 91 8.11 24.05 21.75
CA VAL D 91 7.19 22.94 21.96
C VAL D 91 6.36 23.16 23.24
N GLU D 92 5.12 23.64 23.04
CA GLU D 92 4.12 23.91 24.10
C GLU D 92 3.26 22.64 24.40
N LEU D 93 2.93 21.87 23.37
CA LEU D 93 2.12 20.68 23.52
C LEU D 93 2.83 19.38 23.88
N TRP D 94 2.24 18.58 24.78
CA TRP D 94 2.84 17.31 25.16
C TRP D 94 2.76 16.35 23.98
N SER D 95 1.70 16.48 23.18
CA SER D 95 1.51 15.58 22.07
C SER D 95 2.56 15.68 20.99
N THR D 96 3.10 16.87 20.77
CA THR D 96 4.10 17.14 19.72
C THR D 96 5.29 16.16 19.56
N PRO D 97 6.10 16.01 20.61
CA PRO D 97 7.24 15.10 20.49
C PRO D 97 6.72 13.79 19.95
N LEU D 98 5.71 13.30 20.63
CA LEU D 98 5.09 12.02 20.29
C LEU D 98 4.64 11.78 18.87
N LEU D 99 3.88 12.74 18.35
CA LEU D 99 3.30 12.67 17.04
C LEU D 99 4.23 13.04 15.92
N TYR D 100 5.01 14.09 16.13
CA TYR D 100 5.82 14.58 15.03
C TYR D 100 7.31 14.53 15.00
N LEU D 101 7.99 14.53 16.15
CA LEU D 101 9.45 14.60 16.10
C LEU D 101 10.26 13.33 15.82
N LYS D 102 10.79 13.22 14.59
CA LYS D 102 11.53 11.99 14.19
C LYS D 102 12.70 11.60 15.08
N GLY D 103 13.22 12.55 15.85
CA GLY D 103 14.32 12.25 16.74
C GLY D 103 13.78 11.48 17.93
N PHE D 104 12.65 11.94 18.42
CA PHE D 104 11.96 11.32 19.53
C PHE D 104 11.62 9.89 19.11
N HIS D 105 11.10 9.78 17.88
CA HIS D 105 10.71 8.51 17.31
C HIS D 105 11.94 7.62 17.24
N ALA D 106 13.03 8.15 16.69
CA ALA D 106 14.24 7.34 16.62
C ALA D 106 14.64 6.80 18.02
N ILE D 107 14.67 7.66 19.03
CA ILE D 107 15.05 7.18 20.37
C ILE D 107 14.15 6.06 20.89
N GLN D 108 12.83 6.22 20.83
CA GLN D 108 11.91 5.21 21.34
C GLN D 108 12.07 3.87 20.62
N SER D 109 12.26 3.95 19.31
CA SER D 109 12.46 2.77 18.48
C SER D 109 13.75 2.08 18.92
N TYR D 110 14.78 2.87 19.16
CA TYR D 110 16.04 2.31 19.61
C TYR D 110 15.85 1.49 20.91
N ARG D 111 15.06 2.04 21.84
CA ARG D 111 14.85 1.37 23.15
C ARG D 111 14.36 -0.04 22.92
N ILE D 112 13.51 -0.19 21.92
CA ILE D 112 12.99 -1.50 21.58
C ILE D 112 14.17 -2.34 21.08
N THR D 113 15.03 -1.79 20.21
CA THR D 113 16.14 -2.58 19.71
C THR D 113 17.08 -2.93 20.86
N HIS D 114 17.25 -2.01 21.82
CA HIS D 114 18.13 -2.28 22.94
C HIS D 114 17.62 -3.48 23.78
N TYR D 115 16.31 -3.55 24.02
CA TYR D 115 15.71 -4.67 24.77
C TYR D 115 15.95 -5.99 24.02
N LEU D 116 15.72 -5.96 22.71
CA LEU D 116 15.92 -7.12 21.88
C LEU D 116 17.40 -7.52 21.98
N TRP D 117 18.33 -6.57 21.80
CA TRP D 117 19.77 -6.87 21.89
C TRP D 117 20.16 -7.52 23.23
N ASN D 118 19.67 -6.99 24.34
CA ASN D 118 19.98 -7.54 25.65
C ASN D 118 19.37 -8.92 25.83
N GLN D 119 18.46 -9.30 24.94
CA GLN D 119 17.81 -10.61 25.03
C GLN D 119 18.36 -11.51 23.99
N ASN D 120 19.44 -11.06 23.38
CA ASN D 120 20.12 -11.80 22.33
C ASN D 120 19.26 -12.11 21.10
N ARG D 121 18.27 -11.25 20.84
CA ARG D 121 17.47 -11.42 19.62
C ARG D 121 18.07 -10.33 18.74
N LYS D 122 19.33 -10.54 18.36
CA LYS D 122 20.13 -9.58 17.59
C LYS D 122 19.84 -9.34 16.12
N SER D 123 19.35 -10.34 15.41
CA SER D 123 19.05 -10.09 14.04
C SER D 123 17.81 -9.15 13.99
N LEU D 124 16.92 -9.30 14.95
CA LEU D 124 15.73 -8.47 14.95
C LEU D 124 16.16 -7.08 15.37
N ALA D 125 17.18 -7.05 16.21
CA ALA D 125 17.70 -5.80 16.70
C ALA D 125 18.35 -5.03 15.55
N LEU D 126 19.08 -5.74 14.69
CA LEU D 126 19.74 -5.13 13.55
C LEU D 126 18.73 -4.69 12.51
N TYR D 127 17.67 -5.46 12.33
CA TYR D 127 16.61 -5.11 11.38
C TYR D 127 16.06 -3.73 11.73
N LEU D 128 15.58 -3.61 12.96
CA LEU D 128 14.99 -2.37 13.44
C LEU D 128 16.01 -1.24 13.46
N GLN D 129 17.21 -1.50 13.97
CA GLN D 129 18.24 -0.45 13.98
C GLN D 129 18.28 0.23 12.61
N ASN D 130 18.43 -0.59 11.59
CA ASN D 130 18.54 -0.09 10.23
C ASN D 130 17.28 0.49 9.58
N GLN D 131 16.09 0.04 10.03
CA GLN D 131 14.85 0.57 9.52
C GLN D 131 14.70 1.92 10.25
N ILE D 132 15.32 2.07 11.42
CA ILE D 132 15.23 3.35 12.10
C ILE D 132 16.07 4.34 11.31
N SER D 133 17.13 3.82 10.72
CA SER D 133 18.00 4.68 9.93
C SER D 133 17.31 5.15 8.64
N VAL D 134 16.57 4.26 8.00
CA VAL D 134 15.84 4.54 6.78
C VAL D 134 14.70 5.53 7.01
N ALA D 135 13.87 5.26 8.01
CA ALA D 135 12.73 6.08 8.30
C ALA D 135 13.03 7.43 8.93
N PHE D 136 13.93 7.48 9.90
CA PHE D 136 14.22 8.74 10.62
C PHE D 136 15.58 9.39 10.37
N ASP D 137 16.48 8.64 9.74
CA ASP D 137 17.80 9.13 9.40
C ASP D 137 18.71 9.26 10.61
N VAL D 138 18.46 8.38 11.58
CA VAL D 138 19.19 8.32 12.81
C VAL D 138 19.71 6.86 12.91
N ASP D 139 20.99 6.70 13.19
CA ASP D 139 21.51 5.33 13.30
C ASP D 139 22.08 5.11 14.70
N ILE D 140 21.35 4.37 15.53
CA ILE D 140 21.76 4.13 16.90
C ILE D 140 22.04 2.66 17.07
N HIS D 141 23.26 2.29 17.46
CA HIS D 141 23.51 0.87 17.63
C HIS D 141 22.70 0.32 18.78
N PRO D 142 22.13 -0.88 18.62
CA PRO D 142 21.34 -1.45 19.73
C PRO D 142 22.09 -1.56 21.06
N ALA D 143 23.42 -1.75 21.01
CA ALA D 143 24.18 -1.91 22.26
C ALA D 143 24.37 -0.60 22.99
N ALA D 144 24.18 0.51 22.27
CA ALA D 144 24.33 1.82 22.88
C ALA D 144 23.58 1.88 24.21
N LYS D 145 24.08 2.62 25.18
CA LYS D 145 23.38 2.70 26.46
C LYS D 145 22.88 4.09 26.63
N ILE D 146 21.58 4.26 26.47
CA ILE D 146 21.00 5.57 26.55
C ILE D 146 19.98 5.79 27.67
N GLY D 147 20.22 6.78 28.52
CA GLY D 147 19.29 7.09 29.61
C GLY D 147 18.00 7.78 29.13
N HIS D 148 17.40 8.62 29.98
CA HIS D 148 16.16 9.29 29.60
C HIS D 148 16.20 10.82 29.76
N GLY D 149 15.11 11.47 29.32
CA GLY D 149 15.06 12.94 29.34
C GLY D 149 15.94 13.38 28.16
N ILE D 150 16.03 12.50 27.19
CA ILE D 150 16.86 12.75 26.02
C ILE D 150 16.16 13.53 24.93
N PHE D 152 16.81 14.51 20.76
CA PHE D 152 17.57 14.45 19.51
C PHE D 152 16.78 15.46 18.70
N ASP D 153 17.29 16.66 18.67
CA ASP D 153 16.58 17.75 18.04
C ASP D 153 16.85 17.81 16.53
N HIS D 154 15.80 17.69 15.73
CA HIS D 154 15.90 17.67 14.26
C HIS D 154 16.40 16.29 13.94
N ALA D 155 17.54 15.92 14.51
CA ALA D 155 18.00 14.55 14.41
C ALA D 155 18.71 14.01 13.19
N THR D 156 18.42 14.53 12.01
CA THR D 156 19.05 14.00 10.81
C THR D 156 20.58 13.79 10.88
N GLY D 157 21.01 12.60 10.51
CA GLY D 157 22.46 12.35 10.51
C GLY D 157 23.07 11.94 11.84
N ILE D 158 22.25 11.74 12.85
CA ILE D 158 22.82 11.37 14.10
C ILE D 158 23.24 9.92 14.02
N VAL D 159 24.49 9.67 14.33
CA VAL D 159 25.01 8.33 14.34
C VAL D 159 25.62 8.12 15.71
N VAL D 160 25.23 7.05 16.37
CA VAL D 160 25.69 6.70 17.72
C VAL D 160 26.29 5.28 17.72
N GLY D 161 27.54 5.17 18.19
CA GLY D 161 28.25 3.89 18.20
C GLY D 161 27.89 2.86 19.26
N GLU D 162 28.21 1.62 18.94
CA GLU D 162 27.96 0.45 19.79
C GLU D 162 28.31 0.58 21.28
N THR D 163 29.43 1.22 21.61
CA THR D 163 29.81 1.31 23.02
C THR D 163 29.63 2.70 23.63
N SER D 164 28.83 3.52 22.98
CA SER D 164 28.58 4.86 23.48
C SER D 164 27.64 4.78 24.69
N VAL D 165 27.71 5.80 25.54
CA VAL D 165 26.84 5.90 26.68
C VAL D 165 26.33 7.31 26.60
N ILE D 166 25.04 7.49 26.87
CA ILE D 166 24.42 8.80 26.89
C ILE D 166 23.59 8.76 28.15
N GLU D 167 23.92 9.58 29.13
CA GLU D 167 23.16 9.55 30.35
C GLU D 167 21.97 10.48 30.21
N ASN D 168 21.19 10.62 31.27
CA ASN D 168 20.01 11.44 31.21
C ASN D 168 20.18 12.88 30.78
N ASP D 169 19.05 13.51 30.49
CA ASP D 169 18.98 14.91 30.10
C ASP D 169 19.97 15.41 29.08
N VAL D 170 20.46 14.52 28.23
CA VAL D 170 21.38 14.92 27.19
C VAL D 170 20.62 15.46 25.97
N SER D 171 21.27 16.37 25.24
CA SER D 171 20.70 16.99 24.06
C SER D 171 21.67 16.95 22.88
N ILE D 172 21.26 16.28 21.81
CA ILE D 172 22.08 16.15 20.62
C ILE D 172 21.34 16.72 19.40
N LEU D 173 22.03 17.58 18.64
CA LEU D 173 21.46 18.18 17.42
C LEU D 173 21.82 17.34 16.20
N GLN D 174 21.26 17.70 15.07
CA GLN D 174 21.47 17.01 13.81
C GLN D 174 22.93 16.84 13.48
N GLY D 175 23.24 15.87 12.64
CA GLY D 175 24.62 15.71 12.19
C GLY D 175 25.70 15.29 13.18
N VAL D 176 25.36 14.99 14.41
CA VAL D 176 26.44 14.60 15.25
C VAL D 176 26.67 13.11 15.23
N THR D 177 27.93 12.77 15.39
CA THR D 177 28.38 11.38 15.43
C THR D 177 29.06 11.11 16.78
N LEU D 178 28.75 10.00 17.40
CA LEU D 178 29.41 9.57 18.61
C LEU D 178 30.03 8.33 18.00
N GLY D 179 31.30 8.43 17.60
CA GLY D 179 31.96 7.29 16.97
C GLY D 179 33.39 6.98 17.44
N GLY D 180 34.13 6.33 16.56
CA GLY D 180 35.47 5.93 16.93
C GLY D 180 36.60 6.51 16.11
N THR D 181 37.81 6.23 16.57
CA THR D 181 38.98 6.70 15.90
C THR D 181 39.43 5.63 14.93
N GLY D 182 39.13 4.36 15.24
CA GLY D 182 39.52 3.22 14.40
C GLY D 182 40.02 1.95 15.19
N LYS D 183 40.05 1.97 16.54
CA LYS D 183 40.35 0.72 17.26
C LYS D 183 39.12 0.02 16.69
N GLU D 184 39.30 -1.16 16.11
CA GLU D 184 38.14 -1.78 15.50
C GLU D 184 37.20 -2.49 16.50
N SER D 185 37.68 -2.82 17.72
CA SER D 185 36.82 -3.50 18.69
C SER D 185 36.95 -2.94 20.11
N GLY D 186 36.14 -3.49 21.02
CA GLY D 186 36.19 -3.09 22.41
C GLY D 186 35.44 -1.80 22.71
N ASP D 187 35.79 -1.15 23.82
CA ASP D 187 35.21 0.12 24.29
C ASP D 187 35.92 1.22 23.50
N ARG D 188 35.23 1.83 22.52
CA ARG D 188 35.90 2.89 21.70
C ARG D 188 34.99 4.05 21.32
N HIS D 189 33.89 4.22 22.05
CA HIS D 189 32.94 5.26 21.76
C HIS D 189 32.71 6.13 22.98
N PRO D 190 32.29 7.37 22.76
CA PRO D 190 32.07 8.31 23.84
C PRO D 190 31.20 7.87 24.99
N LYS D 191 31.39 8.63 26.08
CA LYS D 191 30.69 8.55 27.34
C LYS D 191 30.14 9.96 27.53
N VAL D 192 28.89 10.19 27.16
CA VAL D 192 28.29 11.52 27.30
C VAL D 192 27.49 11.46 28.59
N ARG D 193 27.95 12.22 29.58
CA ARG D 193 27.41 12.26 30.93
C ARG D 193 26.23 13.20 31.03
N GLU D 194 25.46 13.15 32.13
CA GLU D 194 24.28 14.01 32.18
C GLU D 194 24.37 15.52 31.84
N GLY D 195 23.26 16.03 31.30
CA GLY D 195 23.12 17.42 30.93
C GLY D 195 23.95 17.95 29.77
N VAL D 196 24.74 17.08 29.15
CA VAL D 196 25.55 17.52 28.05
C VAL D 196 24.72 17.92 26.86
N ILE D 198 25.13 18.77 22.79
CA ILE D 198 26.01 18.68 21.64
C ILE D 198 25.52 19.44 20.42
N GLY D 199 26.35 20.38 19.95
CA GLY D 199 26.04 21.20 18.79
C GLY D 199 25.92 20.47 17.47
N ALA D 200 25.16 21.07 16.58
CA ALA D 200 24.92 20.51 15.26
C ALA D 200 26.19 20.10 14.51
N GLY D 201 26.21 18.87 14.03
CA GLY D 201 27.33 18.41 13.23
C GLY D 201 28.60 18.04 13.97
N ALA D 202 28.59 18.11 15.29
CA ALA D 202 29.78 17.71 16.03
C ALA D 202 30.07 16.21 15.88
N LYS D 203 31.37 15.91 15.82
CA LYS D 203 31.92 14.56 15.69
C LYS D 203 32.77 14.30 16.93
N ILE D 204 32.29 13.43 17.81
CA ILE D 204 33.00 13.13 19.05
C ILE D 204 33.48 11.70 18.85
N LEU D 205 34.79 11.51 18.76
CA LEU D 205 35.31 10.18 18.45
C LEU D 205 36.22 9.64 19.55
N GLY D 206 36.13 8.34 19.81
CA GLY D 206 36.93 7.70 20.85
C GLY D 206 36.21 7.41 22.16
N ASN D 207 36.73 6.44 22.92
CA ASN D 207 36.15 6.13 24.24
C ASN D 207 36.68 7.23 25.15
N ILE D 208 36.21 8.45 24.96
CA ILE D 208 36.62 9.56 25.84
C ILE D 208 35.39 10.07 26.58
N GLU D 209 35.59 10.68 27.75
CA GLU D 209 34.47 11.18 28.57
C GLU D 209 34.03 12.58 28.20
N VAL D 210 32.73 12.80 28.03
CA VAL D 210 32.26 14.17 27.78
C VAL D 210 31.56 14.45 29.10
N GLY D 211 32.12 15.44 29.82
CA GLY D 211 31.62 15.81 31.13
C GLY D 211 30.23 16.37 31.26
N LYS D 212 29.56 16.03 32.38
CA LYS D 212 28.22 16.52 32.63
C LYS D 212 28.13 18.00 32.36
N TYR D 213 26.97 18.40 31.86
CA TYR D 213 26.68 19.79 31.61
C TYR D 213 27.64 20.55 30.72
N ALA D 214 28.58 19.82 30.15
CA ALA D 214 29.54 20.38 29.22
C ALA D 214 28.82 20.79 27.93
N LYS D 215 29.42 21.72 27.17
CA LYS D 215 28.83 22.16 25.89
C LYS D 215 29.77 21.91 24.73
N ILE D 216 29.27 21.32 23.64
CA ILE D 216 30.08 21.05 22.46
C ILE D 216 29.61 21.92 21.31
N GLY D 217 30.52 22.67 20.73
CA GLY D 217 30.17 23.56 19.64
C GLY D 217 30.02 22.88 18.31
N ALA D 218 29.15 23.46 17.49
CA ALA D 218 28.87 22.96 16.17
C ALA D 218 30.12 22.57 15.34
N ASN D 219 30.01 21.46 14.59
CA ASN D 219 31.08 20.91 13.74
C ASN D 219 32.41 20.69 14.51
N SER D 220 32.39 20.70 15.85
CA SER D 220 33.65 20.45 16.55
C SER D 220 34.02 18.97 16.44
N VAL D 221 35.31 18.68 16.36
CA VAL D 221 35.74 17.29 16.32
C VAL D 221 36.36 17.14 17.69
N VAL D 222 35.74 16.33 18.54
CA VAL D 222 36.22 16.15 19.91
C VAL D 222 36.97 14.85 19.99
N LEU D 223 38.26 14.96 20.24
CA LEU D 223 39.11 13.77 20.31
C LEU D 223 39.69 13.71 21.72
N ASN D 224 39.40 14.71 22.54
CA ASN D 224 39.93 14.71 23.89
C ASN D 224 38.85 14.90 24.92
N PRO D 225 39.01 14.25 26.08
CA PRO D 225 38.05 14.34 27.18
C PRO D 225 37.73 15.80 27.50
N VAL D 226 36.45 16.07 27.75
CA VAL D 226 35.91 17.40 28.07
C VAL D 226 35.43 17.43 29.54
N PRO D 227 35.95 18.37 30.33
CA PRO D 227 35.60 18.55 31.75
C PRO D 227 34.15 18.91 31.96
N GLU D 228 33.61 18.57 33.13
CA GLU D 228 32.23 18.92 33.38
C GLU D 228 32.18 20.40 33.18
N TYR D 229 30.97 20.88 32.91
CA TYR D 229 30.65 22.29 32.74
C TYR D 229 31.51 23.05 31.73
N ALA D 230 32.49 22.37 31.17
CA ALA D 230 33.31 23.04 30.18
C ALA D 230 32.66 23.05 28.80
N THR D 231 33.19 23.96 27.99
CA THR D 231 32.74 24.17 26.64
C THR D 231 33.88 23.81 25.71
N ALA D 232 33.62 22.93 24.76
CA ALA D 232 34.66 22.54 23.83
C ALA D 232 34.25 22.99 22.40
N ALA D 233 35.19 23.56 21.63
CA ALA D 233 34.90 23.99 20.26
C ALA D 233 36.16 23.99 19.42
N GLY D 234 35.96 23.93 18.11
CA GLY D 234 37.06 23.91 17.18
C GLY D 234 37.32 22.55 16.52
N VAL D 235 38.21 22.54 15.55
CA VAL D 235 38.59 21.31 14.84
C VAL D 235 40.13 21.25 14.76
N PRO D 236 40.79 20.47 15.63
CA PRO D 236 40.15 19.66 16.68
C PRO D 236 39.57 20.58 17.73
N ALA D 237 38.90 20.00 18.70
CA ALA D 237 38.27 20.78 19.74
C ALA D 237 39.32 21.16 20.77
N ARG D 238 39.13 22.32 21.39
CA ARG D 238 40.01 22.84 22.46
C ARG D 238 39.01 23.39 23.50
N ILE D 239 39.40 23.47 24.76
CA ILE D 239 38.49 24.00 25.77
C ILE D 239 38.34 25.51 25.69
N VAL D 240 37.16 26.00 25.34
CA VAL D 240 37.03 27.47 25.27
C VAL D 240 36.39 27.95 26.57
N THR E 2 5.89 31.44 -15.76
CA THR E 2 5.10 30.32 -15.18
C THR E 2 4.34 29.45 -16.23
N LEU E 3 3.38 30.04 -16.97
CA LEU E 3 2.66 29.22 -17.99
C LEU E 3 3.61 28.65 -19.00
N ASP E 4 4.76 29.31 -19.22
CA ASP E 4 5.65 28.75 -20.24
C ASP E 4 6.71 27.82 -19.68
N VAL E 5 6.86 27.80 -18.37
CA VAL E 5 7.77 26.86 -17.76
C VAL E 5 6.87 25.60 -17.85
N TRP E 6 5.58 25.76 -17.53
CA TRP E 6 4.68 24.62 -17.64
C TRP E 6 4.76 24.02 -19.04
N GLN E 7 4.62 24.85 -20.09
CA GLN E 7 4.65 24.33 -21.45
C GLN E 7 5.97 23.64 -21.82
N HIS E 8 7.09 24.24 -21.46
CA HIS E 8 8.37 23.60 -21.75
C HIS E 8 8.41 22.24 -21.04
N ILE E 9 7.87 22.21 -19.83
CA ILE E 9 7.84 20.98 -19.04
C ILE E 9 6.97 19.95 -19.74
N ARG E 10 5.77 20.36 -20.17
CA ARG E 10 4.90 19.42 -20.87
C ARG E 10 5.59 18.95 -22.14
N GLN E 11 6.22 19.86 -22.90
CA GLN E 11 6.83 19.43 -24.15
C GLN E 11 8.01 18.53 -23.94
N GLU E 12 8.83 18.75 -22.92
CA GLU E 12 9.96 17.82 -22.67
C GLU E 12 9.39 16.43 -22.28
N ALA E 13 8.36 16.44 -21.44
CA ALA E 13 7.79 15.20 -20.95
C ALA E 13 7.35 14.24 -22.04
N LYS E 14 6.90 14.79 -23.17
CA LYS E 14 6.43 13.93 -24.25
C LYS E 14 7.60 13.26 -24.93
N GLU E 15 8.69 14.00 -24.98
CA GLU E 15 9.93 13.52 -25.62
C GLU E 15 10.51 12.44 -24.75
N LEU E 16 10.69 12.79 -23.51
CA LEU E 16 11.23 11.91 -22.50
C LEU E 16 10.43 10.62 -22.48
N ALA E 17 9.12 10.73 -22.66
CA ALA E 17 8.24 9.57 -22.64
C ALA E 17 8.53 8.69 -23.84
N GLU E 18 8.70 9.34 -24.99
CA GLU E 18 8.99 8.64 -26.23
C GLU E 18 10.32 7.89 -26.18
N ASN E 19 11.32 8.50 -25.56
CA ASN E 19 12.64 7.88 -25.49
C ASN E 19 12.83 6.87 -24.38
N GLU E 20 11.90 6.85 -23.43
CA GLU E 20 12.08 5.88 -22.38
C GLU E 20 10.75 5.20 -22.03
N PRO E 21 10.46 4.09 -22.71
CA PRO E 21 9.21 3.36 -22.47
C PRO E 21 8.98 2.87 -21.04
N LEU E 23 9.39 4.44 -18.54
CA LEU E 23 9.10 5.57 -17.68
C LEU E 23 7.96 6.41 -18.21
N ALA E 24 7.31 5.95 -19.27
CA ALA E 24 6.18 6.68 -19.86
C ALA E 24 5.09 6.86 -18.82
N SER E 25 4.54 5.76 -18.33
CA SER E 25 3.48 5.85 -17.34
C SER E 25 3.83 6.93 -16.30
N PHE E 26 5.10 6.94 -15.87
CA PHE E 26 5.57 7.91 -14.89
C PHE E 26 5.42 9.35 -15.44
N PHE E 27 5.90 9.61 -16.65
CA PHE E 27 5.75 10.96 -17.23
C PHE E 27 4.28 11.35 -17.42
N HIS E 28 3.45 10.37 -17.76
CA HIS E 28 2.04 10.67 -17.92
C HIS E 28 1.41 11.01 -16.57
N SER E 29 1.70 10.19 -15.56
CA SER E 29 1.08 10.42 -14.25
C SER E 29 1.49 11.71 -13.59
N THR E 30 2.77 12.05 -13.73
CA THR E 30 3.26 13.26 -13.08
C THR E 30 3.12 14.54 -13.84
N ILE E 31 3.15 14.50 -15.16
CA ILE E 31 3.02 15.74 -15.92
C ILE E 31 1.98 15.78 -17.03
N LEU E 32 2.07 14.83 -17.95
CA LEU E 32 1.18 14.84 -19.10
C LEU E 32 -0.31 14.88 -18.89
N LYS E 33 -0.80 14.24 -17.82
CA LYS E 33 -2.22 14.19 -17.53
C LYS E 33 -2.74 15.44 -16.82
N HIS E 34 -1.86 16.32 -16.42
CA HIS E 34 -2.32 17.49 -15.73
C HIS E 34 -2.35 18.68 -16.67
N GLN E 35 -3.20 19.64 -16.34
CA GLN E 35 -3.35 20.86 -17.13
C GLN E 35 -2.49 22.06 -16.72
N ASN E 36 -2.02 22.11 -15.49
CA ASN E 36 -1.22 23.22 -15.04
C ASN E 36 -0.12 22.65 -14.14
N LEU E 37 0.85 23.47 -13.78
CA LEU E 37 1.94 23.07 -12.95
C LEU E 37 1.43 22.70 -11.55
N GLY E 38 0.34 23.35 -11.16
CA GLY E 38 -0.25 23.10 -9.86
C GLY E 38 -0.76 21.68 -9.73
N GLY E 39 -1.47 21.20 -10.75
CA GLY E 39 -2.01 19.84 -10.73
C GLY E 39 -0.90 18.83 -10.60
N ALA E 40 0.17 19.04 -11.37
CA ALA E 40 1.30 18.14 -11.33
C ALA E 40 2.06 18.20 -9.99
N LEU E 41 2.37 19.42 -9.55
CA LEU E 41 3.13 19.58 -8.32
C LEU E 41 2.43 18.96 -7.13
N SER E 42 1.10 19.12 -7.09
CA SER E 42 0.33 18.59 -5.98
C SER E 42 0.28 17.08 -6.03
N TYR E 43 0.22 16.56 -7.24
CA TYR E 43 0.17 15.13 -7.42
C TYR E 43 1.49 14.53 -6.92
N LEU E 44 2.61 15.17 -7.25
CA LEU E 44 3.93 14.71 -6.84
C LEU E 44 4.21 14.76 -5.34
N LEU E 45 3.93 15.91 -4.71
CA LEU E 45 4.18 16.09 -3.29
C LEU E 45 3.29 15.20 -2.44
N ALA E 46 2.00 15.16 -2.77
CA ALA E 46 1.03 14.32 -2.05
C ALA E 46 1.48 12.84 -2.09
N ASN E 47 1.94 12.38 -3.26
CA ASN E 47 2.43 11.02 -3.36
C ASN E 47 3.73 10.82 -2.56
N LYS E 48 4.65 11.78 -2.63
CA LYS E 48 5.92 11.72 -1.92
C LYS E 48 5.83 11.90 -0.39
N LEU E 49 4.87 12.69 0.08
CA LEU E 49 4.71 12.92 1.54
C LEU E 49 3.75 11.91 2.15
N ALA E 50 3.12 11.14 1.28
CA ALA E 50 2.17 10.14 1.72
C ALA E 50 2.68 9.03 2.68
N ASN E 51 1.82 8.53 3.56
CA ASN E 51 2.16 7.39 4.43
C ASN E 51 0.90 6.62 4.83
N PRO E 52 1.05 5.45 5.50
CA PRO E 52 -0.15 4.71 5.85
C PRO E 52 -1.20 5.39 6.74
N ILE E 53 -0.78 6.31 7.59
CA ILE E 53 -1.73 7.00 8.45
C ILE E 53 -2.44 8.12 7.62
N PRO E 55 -2.63 8.96 3.88
CA PRO E 55 -2.41 8.61 2.46
C PRO E 55 -2.34 9.83 1.42
N ALA E 56 -1.89 9.56 0.18
CA ALA E 56 -1.76 10.64 -0.80
C ALA E 56 -3.06 11.38 -1.07
N ILE E 57 -4.15 10.61 -1.15
CA ILE E 57 -5.43 11.26 -1.44
C ILE E 57 -5.80 12.33 -0.38
N SER E 58 -5.53 12.02 0.87
CA SER E 58 -5.81 12.94 1.95
C SER E 58 -4.90 14.14 1.94
N LEU E 59 -3.70 14.03 1.39
CA LEU E 59 -2.80 15.18 1.39
C LEU E 59 -2.98 16.05 0.17
N ARG E 60 -3.46 15.49 -0.93
CA ARG E 60 -3.59 16.30 -2.12
C ARG E 60 -4.59 17.39 -1.94
N GLU E 61 -5.70 17.02 -1.32
CA GLU E 61 -6.80 17.93 -1.05
C GLU E 61 -6.25 19.11 -0.27
N ILE E 62 -5.38 18.83 0.70
CA ILE E 62 -4.81 19.89 1.52
C ILE E 62 -3.93 20.81 0.72
N ILE E 63 -3.21 20.27 -0.25
CA ILE E 63 -2.29 21.07 -1.05
C ILE E 63 -3.02 21.92 -2.08
N GLU E 64 -4.05 21.34 -2.68
CA GLU E 64 -4.81 22.05 -3.69
C GLU E 64 -5.56 23.24 -3.10
N GLU E 65 -5.95 23.16 -1.82
CA GLU E 65 -6.64 24.26 -1.13
C GLU E 65 -5.67 25.43 -1.04
N ALA E 66 -4.44 25.16 -0.62
CA ALA E 66 -3.46 26.23 -0.52
C ALA E 66 -3.11 26.85 -1.86
N TYR E 67 -3.21 26.05 -2.92
CA TYR E 67 -2.89 26.50 -4.26
C TYR E 67 -4.02 27.38 -4.79
N GLN E 68 -5.23 27.09 -4.33
CA GLN E 68 -6.37 27.88 -4.76
C GLN E 68 -6.44 29.09 -3.85
N SER E 69 -6.04 28.96 -2.60
CA SER E 69 -6.17 30.11 -1.73
C SER E 69 -4.99 31.01 -1.79
N ASN E 70 -4.02 30.66 -2.60
CA ASN E 70 -2.77 31.44 -2.76
C ASN E 70 -2.02 30.96 -4.00
N PRO E 71 -2.38 31.45 -5.18
CA PRO E 71 -1.65 30.94 -6.33
C PRO E 71 -0.20 31.38 -6.47
N SER E 72 0.27 32.35 -5.68
CA SER E 72 1.66 32.79 -5.86
C SER E 72 2.62 31.59 -5.62
N ILE E 73 2.26 30.73 -4.68
CA ILE E 73 3.02 29.53 -4.32
C ILE E 73 3.55 28.81 -5.56
N ILE E 74 2.67 28.54 -6.51
CA ILE E 74 3.04 27.87 -7.74
C ILE E 74 4.02 28.73 -8.57
N ASP E 75 3.76 30.04 -8.63
CA ASP E 75 4.66 30.93 -9.36
C ASP E 75 6.06 30.76 -8.74
N CYS E 76 6.15 30.82 -7.40
CA CYS E 76 7.44 30.68 -6.70
C CYS E 76 8.12 29.34 -7.07
N ALA E 77 7.32 28.30 -7.33
CA ALA E 77 7.85 26.99 -7.73
C ALA E 77 8.47 27.16 -9.10
N ALA E 78 7.75 27.86 -9.97
CA ALA E 78 8.27 28.06 -11.29
C ALA E 78 9.59 28.84 -11.22
N CYS E 79 9.67 29.91 -10.42
CA CYS E 79 10.94 30.66 -10.33
C CYS E 79 12.04 29.77 -9.78
N ASP E 80 11.68 28.74 -9.00
CA ASP E 80 12.71 27.85 -8.43
C ASP E 80 13.25 26.88 -9.48
N ILE E 81 12.34 26.39 -10.32
CA ILE E 81 12.77 25.50 -11.35
C ILE E 81 13.77 26.27 -12.17
N GLN E 82 13.45 27.51 -12.51
CA GLN E 82 14.36 28.31 -13.33
C GLN E 82 15.73 28.47 -12.69
N ALA E 83 15.71 28.85 -11.41
CA ALA E 83 16.94 29.00 -10.61
C ALA E 83 17.85 27.74 -10.69
N VAL E 84 17.30 26.59 -10.33
CA VAL E 84 18.10 25.35 -10.34
C VAL E 84 18.57 25.18 -11.78
N ARG E 85 17.66 25.37 -12.71
CA ARG E 85 18.07 25.20 -14.06
C ARG E 85 19.27 26.03 -14.47
N HIS E 86 19.23 27.34 -14.18
CA HIS E 86 20.31 28.25 -14.57
C HIS E 86 21.56 28.24 -13.68
N ARG E 87 21.41 27.86 -12.42
CA ARG E 87 22.52 27.80 -11.47
C ARG E 87 23.23 26.46 -11.29
N ASP E 88 22.63 25.36 -11.75
CA ASP E 88 23.30 24.05 -11.67
C ASP E 88 23.44 23.53 -13.10
N PRO E 89 24.41 24.08 -13.89
CA PRO E 89 24.69 23.70 -15.31
C PRO E 89 24.62 22.18 -15.65
N ALA E 90 24.58 21.35 -14.61
CA ALA E 90 24.43 19.92 -14.81
C ALA E 90 22.97 19.66 -15.14
N VAL E 91 22.12 20.64 -14.87
CA VAL E 91 20.70 20.44 -15.13
C VAL E 91 20.35 21.16 -16.42
N GLU E 92 19.86 20.44 -17.44
CA GLU E 92 19.50 21.13 -18.68
C GLU E 92 18.00 21.17 -18.84
N LEU E 93 17.35 20.07 -18.46
CA LEU E 93 15.89 19.99 -18.54
C LEU E 93 15.10 20.74 -17.50
N TRP E 94 14.02 21.40 -17.93
CA TRP E 94 13.17 22.14 -17.00
C TRP E 94 12.38 21.25 -16.07
N SER E 95 12.11 20.03 -16.51
CA SER E 95 11.35 19.05 -15.75
C SER E 95 12.17 18.41 -14.63
N THR E 96 13.48 18.34 -14.82
CA THR E 96 14.33 17.66 -13.84
C THR E 96 14.09 18.10 -12.37
N PRO E 97 14.11 19.40 -12.11
CA PRO E 97 13.88 19.90 -10.76
C PRO E 97 12.50 19.44 -10.26
N LEU E 98 11.49 19.57 -11.12
CA LEU E 98 10.15 19.17 -10.72
C LEU E 98 9.96 17.67 -10.38
N LEU E 99 10.55 16.81 -11.20
CA LEU E 99 10.42 15.39 -11.05
C LEU E 99 11.30 14.68 -10.03
N TYR E 100 12.57 15.07 -10.02
CA TYR E 100 13.54 14.37 -9.21
C TYR E 100 14.21 15.00 -8.01
N LEU E 101 14.52 16.29 -8.05
CA LEU E 101 15.26 16.92 -6.97
C LEU E 101 14.52 17.13 -5.63
N LYS E 102 14.88 16.32 -4.61
CA LYS E 102 14.22 16.39 -3.29
C LYS E 102 14.30 17.75 -2.59
N GLY E 103 15.37 18.49 -2.88
CA GLY E 103 15.53 19.82 -2.32
C GLY E 103 14.42 20.71 -2.82
N PHE E 104 14.23 20.66 -4.14
CA PHE E 104 13.18 21.43 -4.77
C PHE E 104 11.82 21.03 -4.13
N HIS E 105 11.59 19.72 -4.00
CA HIS E 105 10.34 19.22 -3.42
C HIS E 105 10.12 19.74 -2.00
N ALA E 106 11.18 19.75 -1.20
CA ALA E 106 11.08 20.22 0.17
C ALA E 106 10.77 21.70 0.17
N ILE E 107 11.42 22.45 -0.69
CA ILE E 107 11.10 23.87 -0.74
C ILE E 107 9.62 24.05 -1.04
N GLN E 108 9.13 23.45 -2.12
CA GLN E 108 7.73 23.63 -2.44
C GLN E 108 6.80 23.05 -1.35
N SER E 109 7.18 21.95 -0.69
CA SER E 109 6.26 21.46 0.36
C SER E 109 6.25 22.46 1.53
N TYR E 110 7.39 23.11 1.77
CA TYR E 110 7.47 24.09 2.86
C TYR E 110 6.56 25.30 2.57
N ARG E 111 6.56 25.74 1.32
CA ARG E 111 5.72 26.90 0.96
C ARG E 111 4.31 26.60 1.44
N ILE E 112 3.85 25.37 1.22
CA ILE E 112 2.52 24.99 1.71
C ILE E 112 2.41 25.06 3.24
N THR E 113 3.45 24.65 3.98
CA THR E 113 3.37 24.70 5.44
C THR E 113 3.37 26.14 5.94
N HIS E 114 4.06 27.03 5.22
CA HIS E 114 4.16 28.45 5.55
C HIS E 114 2.81 29.11 5.37
N TYR E 115 2.13 28.76 4.28
CA TYR E 115 0.78 29.25 4.02
C TYR E 115 -0.13 28.84 5.20
N LEU E 116 -0.10 27.55 5.52
CA LEU E 116 -0.91 27.04 6.63
C LEU E 116 -0.52 27.75 7.92
N TRP E 117 0.77 27.93 8.15
CA TRP E 117 1.22 28.64 9.36
C TRP E 117 0.61 30.05 9.44
N ASN E 118 0.75 30.81 8.35
CA ASN E 118 0.19 32.15 8.32
C ASN E 118 -1.34 32.08 8.45
N GLN E 119 -1.93 30.92 8.20
CA GLN E 119 -3.38 30.83 8.39
C GLN E 119 -3.69 30.33 9.81
N ASN E 120 -2.64 30.17 10.62
CA ASN E 120 -2.84 29.71 11.98
C ASN E 120 -3.26 28.21 12.06
N ARG E 121 -2.96 27.42 11.04
CA ARG E 121 -3.33 26.00 11.10
C ARG E 121 -2.00 25.37 11.35
N LYS E 122 -1.59 25.47 12.62
CA LYS E 122 -0.29 25.05 13.05
C LYS E 122 -0.04 23.60 13.24
N SER E 123 -1.06 22.87 13.66
CA SER E 123 -0.81 21.46 13.89
C SER E 123 -0.68 20.85 12.51
N LEU E 124 -1.34 21.41 11.51
CA LEU E 124 -1.19 20.82 10.21
C LEU E 124 0.11 21.20 9.57
N ALA E 125 0.59 22.39 9.91
CA ALA E 125 1.84 22.87 9.39
C ALA E 125 2.92 22.04 10.04
N LEU E 126 2.75 21.73 11.31
CA LEU E 126 3.79 20.93 11.97
C LEU E 126 3.85 19.50 11.40
N TYR E 127 2.68 18.92 11.13
CA TYR E 127 2.62 17.57 10.60
C TYR E 127 3.41 17.48 9.31
N LEU E 128 3.21 18.45 8.44
CA LEU E 128 3.83 18.45 7.13
C LEU E 128 5.29 18.75 7.25
N GLN E 129 5.60 19.72 8.10
CA GLN E 129 6.97 20.10 8.35
C GLN E 129 7.76 18.83 8.62
N ASN E 130 7.26 18.05 9.54
CA ASN E 130 7.99 16.86 9.90
C ASN E 130 7.94 15.73 8.90
N GLN E 131 6.85 15.62 8.15
CA GLN E 131 6.79 14.57 7.15
C GLN E 131 7.74 15.00 6.03
N ILE E 132 7.94 16.29 5.85
CA ILE E 132 8.85 16.77 4.83
C ILE E 132 10.27 16.31 5.28
N SER E 133 10.49 16.34 6.57
CA SER E 133 11.78 15.94 7.07
C SER E 133 12.01 14.44 6.88
N VAL E 134 10.94 13.65 6.95
CA VAL E 134 11.04 12.21 6.76
C VAL E 134 11.21 11.88 5.29
N ALA E 135 10.43 12.49 4.41
CA ALA E 135 10.54 12.17 3.01
C ALA E 135 11.81 12.71 2.38
N PHE E 136 12.11 13.97 2.64
CA PHE E 136 13.21 14.62 1.96
C PHE E 136 14.44 14.88 2.75
N ASP E 137 14.28 14.71 4.05
CA ASP E 137 15.35 14.92 5.04
C ASP E 137 15.73 16.39 5.12
N VAL E 138 14.74 17.25 4.98
CA VAL E 138 14.93 18.68 5.09
C VAL E 138 13.91 19.13 6.13
N ASP E 139 14.36 19.89 7.10
CA ASP E 139 13.48 20.38 8.16
C ASP E 139 13.52 21.94 8.12
N ILE E 140 12.42 22.51 7.66
CA ILE E 140 12.28 23.96 7.57
C ILE E 140 11.09 24.27 8.45
N HIS E 141 11.27 25.07 9.47
CA HIS E 141 10.14 25.38 10.32
C HIS E 141 9.16 26.18 9.47
N PRO E 142 7.86 25.90 9.57
CA PRO E 142 6.94 26.66 8.75
C PRO E 142 7.04 28.19 8.87
N ALA E 143 7.50 28.72 10.01
CA ALA E 143 7.57 30.18 10.17
C ALA E 143 8.71 30.91 9.47
N ALA E 144 9.69 30.19 8.92
CA ALA E 144 10.76 30.91 8.21
C ALA E 144 10.19 31.59 6.98
N LYS E 145 10.86 32.67 6.56
CA LYS E 145 10.49 33.43 5.38
C LYS E 145 11.49 33.11 4.28
N ILE E 146 11.00 32.47 3.23
CA ILE E 146 11.89 32.09 2.16
C ILE E 146 11.42 32.64 0.84
N GLY E 147 12.32 33.34 0.15
CA GLY E 147 11.97 33.91 -1.15
C GLY E 147 11.91 32.86 -2.24
N HIS E 148 12.13 33.29 -3.49
CA HIS E 148 12.12 32.38 -4.64
C HIS E 148 13.50 32.39 -5.31
N GLY E 149 13.63 31.58 -6.36
CA GLY E 149 14.89 31.44 -7.08
C GLY E 149 15.79 30.64 -6.16
N ILE E 150 15.19 29.88 -5.25
CA ILE E 150 15.96 29.10 -4.30
C ILE E 150 16.41 27.74 -4.80
N PHE E 152 18.15 24.21 -3.17
CA PHE E 152 18.64 23.39 -2.05
C PHE E 152 19.20 22.18 -2.78
N ASP E 153 20.51 22.23 -3.11
CA ASP E 153 21.17 21.16 -3.87
C ASP E 153 21.52 19.95 -3.04
N HIS E 154 21.15 18.78 -3.55
CA HIS E 154 21.34 17.51 -2.85
C HIS E 154 20.44 17.55 -1.62
N ALA E 155 20.54 18.60 -0.80
CA ALA E 155 19.61 18.86 0.31
C ALA E 155 19.62 18.09 1.60
N THR E 156 20.07 16.87 1.58
CA THR E 156 20.08 16.11 2.80
C THR E 156 20.60 16.84 4.03
N GLY E 157 19.81 16.82 5.10
CA GLY E 157 20.23 17.42 6.36
C GLY E 157 20.17 18.91 6.52
N ILE E 158 19.48 19.60 5.64
CA ILE E 158 19.37 21.03 5.82
C ILE E 158 18.31 21.26 6.92
N VAL E 159 18.58 22.15 7.83
CA VAL E 159 17.66 22.51 8.89
C VAL E 159 17.56 24.05 8.93
N VAL E 160 16.32 24.55 8.94
CA VAL E 160 16.11 25.99 9.00
C VAL E 160 15.21 26.42 10.14
N GLY E 161 15.73 27.27 11.02
CA GLY E 161 14.96 27.78 12.14
C GLY E 161 13.72 28.65 11.93
N GLU E 162 12.84 28.61 12.94
CA GLU E 162 11.57 29.35 12.97
C GLU E 162 11.69 30.80 12.50
N THR E 163 12.71 31.52 12.98
CA THR E 163 12.87 32.92 12.60
C THR E 163 13.90 33.20 11.51
N SER E 164 14.32 32.17 10.78
CA SER E 164 15.29 32.41 9.72
C SER E 164 14.64 33.19 8.56
N VAL E 165 15.45 33.90 7.81
CA VAL E 165 14.93 34.58 6.64
C VAL E 165 15.86 34.17 5.54
N ILE E 166 15.31 33.84 4.39
CA ILE E 166 16.14 33.48 3.25
C ILE E 166 15.61 34.34 2.13
N GLU E 167 16.45 35.18 1.55
CA GLU E 167 15.95 36.02 0.47
C GLU E 167 16.07 35.30 -0.85
N ASN E 168 15.71 35.96 -1.95
CA ASN E 168 15.77 35.36 -3.28
C ASN E 168 17.15 34.90 -3.74
N ASP E 169 17.16 33.99 -4.72
CA ASP E 169 18.39 33.44 -5.35
C ASP E 169 19.46 32.88 -4.48
N VAL E 170 19.05 32.36 -3.35
CA VAL E 170 20.01 31.78 -2.43
C VAL E 170 20.21 30.33 -2.79
N SER E 171 21.43 29.83 -2.61
CA SER E 171 21.74 28.44 -2.87
C SER E 171 22.34 27.87 -1.59
N ILE E 172 21.78 26.74 -1.16
CA ILE E 172 22.19 26.06 0.05
C ILE E 172 22.48 24.61 -0.30
N LEU E 173 23.61 24.10 0.19
CA LEU E 173 24.01 22.72 -0.07
C LEU E 173 23.63 21.86 1.09
N GLN E 174 23.87 20.57 0.93
CA GLN E 174 23.57 19.58 1.98
C GLN E 174 24.20 19.89 3.32
N GLY E 175 23.54 19.44 4.39
CA GLY E 175 24.05 19.61 5.73
C GLY E 175 24.16 20.97 6.42
N VAL E 176 23.61 22.01 5.84
CA VAL E 176 23.74 23.25 6.53
C VAL E 176 22.57 23.52 7.46
N THR E 177 22.86 24.21 8.52
CA THR E 177 21.84 24.54 9.49
C THR E 177 21.76 26.04 9.58
N LEU E 178 20.53 26.55 9.65
CA LEU E 178 20.36 27.99 9.89
C LEU E 178 19.65 27.86 11.23
N GLY E 179 20.46 27.84 12.27
CA GLY E 179 19.90 27.65 13.56
C GLY E 179 20.20 28.71 14.58
N GLY E 180 20.09 28.28 15.84
CA GLY E 180 20.28 29.18 16.95
C GLY E 180 21.51 29.02 17.80
N THR E 181 21.74 30.05 18.60
CA THR E 181 22.88 30.05 19.52
C THR E 181 22.47 29.47 20.87
N GLY E 182 21.30 29.87 21.41
CA GLY E 182 20.89 29.38 22.75
C GLY E 182 19.73 30.18 23.35
N LYS E 183 19.63 31.47 23.00
CA LYS E 183 18.48 32.31 23.38
C LYS E 183 17.27 31.52 22.95
N GLU E 184 16.68 30.84 23.92
CA GLU E 184 15.50 30.02 23.69
C GLU E 184 14.31 30.66 22.93
N SER E 185 14.18 31.99 22.92
CA SER E 185 13.00 32.59 22.23
C SER E 185 13.26 33.95 21.58
N GLY E 186 12.40 34.32 20.60
CA GLY E 186 12.57 35.62 19.91
C GLY E 186 13.29 35.56 18.58
N ASP E 187 13.65 36.70 17.98
CA ASP E 187 14.38 36.68 16.72
C ASP E 187 15.74 36.05 17.04
N ARG E 188 15.99 34.83 16.58
CA ARG E 188 17.24 34.16 16.95
C ARG E 188 17.91 33.28 15.88
N HIS E 189 17.46 33.43 14.64
CA HIS E 189 17.97 32.70 13.47
C HIS E 189 18.58 33.65 12.41
N PRO E 190 19.52 33.13 11.62
CA PRO E 190 20.15 33.96 10.59
C PRO E 190 19.21 34.66 9.59
N LYS E 191 19.69 35.76 9.02
CA LYS E 191 18.95 36.48 7.98
C LYS E 191 19.86 36.32 6.75
N VAL E 192 19.55 35.35 5.90
CA VAL E 192 20.40 35.12 4.72
C VAL E 192 19.92 35.96 3.57
N ARG E 193 20.68 37.00 3.21
CA ARG E 193 20.27 37.90 2.13
C ARG E 193 20.51 37.31 0.73
N GLU E 194 19.97 38.02 -0.25
CA GLU E 194 19.97 37.58 -1.63
C GLU E 194 21.29 37.21 -2.26
N GLY E 195 21.21 36.30 -3.19
CA GLY E 195 22.38 35.81 -3.88
C GLY E 195 23.35 35.04 -3.01
N VAL E 196 23.07 34.84 -1.72
CA VAL E 196 24.05 34.09 -0.91
C VAL E 196 24.16 32.61 -1.32
N ILE E 198 25.61 28.95 0.29
CA ILE E 198 26.12 28.30 1.51
C ILE E 198 26.69 26.89 1.25
N GLY E 199 27.97 26.72 1.59
CA GLY E 199 28.70 25.48 1.39
C GLY E 199 28.22 24.30 2.22
N ALA E 200 28.49 23.10 1.73
CA ALA E 200 28.03 21.90 2.41
C ALA E 200 28.45 21.87 3.88
N GLY E 201 27.53 21.48 4.77
CA GLY E 201 27.86 21.35 6.19
C GLY E 201 28.01 22.59 7.04
N ALA E 202 27.82 23.77 6.44
CA ALA E 202 27.95 25.02 7.17
C ALA E 202 26.87 25.21 8.25
N LYS E 203 27.28 25.66 9.43
CA LYS E 203 26.34 25.90 10.53
C LYS E 203 26.24 27.41 10.76
N ILE E 204 25.07 27.99 10.53
CA ILE E 204 24.93 29.43 10.72
C ILE E 204 24.01 29.61 11.91
N LEU E 205 24.59 30.14 12.98
CA LEU E 205 23.88 30.27 14.21
C LEU E 205 23.74 31.68 14.72
N GLY E 206 22.52 32.00 15.12
CA GLY E 206 22.19 33.30 15.69
C GLY E 206 21.37 34.19 14.80
N ASN E 207 20.85 35.27 15.38
CA ASN E 207 20.11 36.27 14.62
C ASN E 207 21.19 37.20 14.07
N ILE E 208 21.87 36.77 13.03
CA ILE E 208 22.97 37.52 12.46
C ILE E 208 22.77 37.67 10.95
N GLU E 209 23.35 38.72 10.35
CA GLU E 209 23.21 39.01 8.92
C GLU E 209 24.22 38.32 8.00
N VAL E 210 23.76 37.69 6.90
CA VAL E 210 24.70 37.11 5.92
C VAL E 210 24.51 37.98 4.67
N GLY E 211 25.38 38.99 4.54
CA GLY E 211 25.29 39.95 3.45
C GLY E 211 25.08 39.31 2.13
N LYS E 212 24.28 39.98 1.30
CA LYS E 212 23.95 39.49 -0.02
C LYS E 212 25.17 39.09 -0.83
N TYR E 213 25.04 38.04 -1.61
CA TYR E 213 26.13 37.51 -2.45
C TYR E 213 27.39 37.05 -1.72
N ALA E 214 27.27 36.84 -0.42
CA ALA E 214 28.39 36.30 0.30
C ALA E 214 28.53 34.81 -0.05
N LYS E 215 29.70 34.25 0.23
CA LYS E 215 29.96 32.85 0.04
C LYS E 215 30.32 32.30 1.45
N ILE E 216 29.70 31.20 1.84
CA ILE E 216 30.01 30.62 3.13
C ILE E 216 30.72 29.28 2.89
N GLY E 217 31.95 29.13 3.37
CA GLY E 217 32.72 27.92 3.16
C GLY E 217 32.18 26.63 3.77
N ALA E 218 32.50 25.50 3.16
CA ALA E 218 32.01 24.21 3.67
C ALA E 218 32.40 24.04 5.15
N ASN E 219 31.48 23.49 5.95
CA ASN E 219 31.70 23.23 7.38
C ASN E 219 31.97 24.39 8.30
N SER E 220 31.94 25.61 7.76
CA SER E 220 32.16 26.79 8.61
C SER E 220 31.07 26.91 9.66
N VAL E 221 31.41 27.56 10.76
CA VAL E 221 30.46 27.80 11.82
C VAL E 221 30.42 29.31 11.79
N VAL E 222 29.28 29.85 11.40
CA VAL E 222 29.19 31.27 11.23
C VAL E 222 28.47 31.89 12.42
N LEU E 223 29.20 32.67 13.20
CA LEU E 223 28.58 33.23 14.38
C LEU E 223 28.51 34.73 14.38
N ASN E 224 29.18 35.37 13.44
CA ASN E 224 29.19 36.83 13.36
C ASN E 224 28.68 37.26 12.00
N PRO E 225 28.05 38.45 11.92
CA PRO E 225 27.50 38.91 10.63
C PRO E 225 28.54 38.87 9.54
N VAL E 226 28.08 38.58 8.32
CA VAL E 226 28.98 38.51 7.19
C VAL E 226 28.74 39.63 6.18
N PRO E 227 29.79 40.38 5.84
CA PRO E 227 29.72 41.49 4.89
C PRO E 227 29.29 41.03 3.52
N GLU E 228 28.52 41.84 2.81
CA GLU E 228 28.12 41.46 1.46
C GLU E 228 29.33 41.14 0.61
N TYR E 229 29.10 40.30 -0.40
CA TYR E 229 30.11 39.90 -1.38
C TYR E 229 31.41 39.40 -0.82
N ALA E 230 31.37 38.95 0.43
CA ALA E 230 32.58 38.46 1.07
C ALA E 230 32.52 36.95 1.20
N THR E 231 33.65 36.36 1.55
CA THR E 231 33.73 34.93 1.73
C THR E 231 34.17 34.69 3.16
N ALA E 232 33.39 33.91 3.89
CA ALA E 232 33.70 33.57 5.25
C ALA E 232 34.10 32.09 5.27
N ALA E 233 34.98 31.68 6.17
CA ALA E 233 35.37 30.28 6.21
C ALA E 233 35.96 29.96 7.56
N GLY E 234 36.02 28.68 7.89
CA GLY E 234 36.61 28.25 9.13
C GLY E 234 35.71 27.94 10.33
N VAL E 235 36.35 27.53 11.43
CA VAL E 235 35.63 27.22 12.66
C VAL E 235 36.24 27.79 13.94
N PRO E 236 35.66 28.87 14.46
CA PRO E 236 34.48 29.62 13.96
C PRO E 236 34.88 30.34 12.70
N ALA E 237 33.89 30.84 11.96
CA ALA E 237 34.19 31.50 10.70
C ALA E 237 34.78 32.91 10.79
N ARG E 238 35.65 33.18 9.80
CA ARG E 238 36.33 34.46 9.64
C ARG E 238 36.35 34.75 8.15
N ILE E 239 36.42 36.02 7.79
CA ILE E 239 36.49 36.40 6.39
C ILE E 239 37.92 36.08 5.89
N VAL E 240 38.00 35.59 4.66
CA VAL E 240 39.26 35.21 4.05
C VAL E 240 39.38 35.81 2.64
N THR F 2 31.18 -15.11 -6.19
CA THR F 2 29.80 -14.80 -5.90
C THR F 2 28.98 -15.98 -5.40
N LEU F 3 29.10 -17.09 -6.13
CA LEU F 3 28.36 -18.27 -5.78
C LEU F 3 28.67 -18.68 -4.38
N ASP F 4 29.91 -18.47 -3.95
CA ASP F 4 30.25 -18.87 -2.60
C ASP F 4 29.65 -17.93 -1.54
N VAL F 5 29.69 -16.63 -1.82
CA VAL F 5 29.13 -15.61 -0.94
C VAL F 5 27.64 -15.94 -0.84
N TRP F 6 27.02 -16.18 -1.99
CA TRP F 6 25.61 -16.54 -2.03
C TRP F 6 25.39 -17.74 -1.13
N GLN F 7 26.20 -18.76 -1.31
CA GLN F 7 26.08 -19.95 -0.49
C GLN F 7 26.25 -19.65 0.97
N HIS F 8 27.17 -18.79 1.33
CA HIS F 8 27.24 -18.50 2.76
C HIS F 8 25.97 -17.77 3.21
N ILE F 9 25.45 -16.87 2.36
CA ILE F 9 24.28 -16.13 2.75
C ILE F 9 23.04 -17.00 2.99
N ARG F 10 22.86 -18.02 2.15
CA ARG F 10 21.73 -18.96 2.26
C ARG F 10 21.82 -19.78 3.55
N GLN F 11 23.01 -20.34 3.82
CA GLN F 11 23.10 -21.11 5.05
C GLN F 11 22.93 -20.24 6.24
N GLU F 12 23.32 -18.97 6.14
CA GLU F 12 23.12 -18.08 7.28
C GLU F 12 21.66 -17.81 7.45
N ALA F 13 20.96 -17.68 6.32
CA ALA F 13 19.55 -17.38 6.36
C ALA F 13 18.70 -18.46 7.00
N LYS F 14 18.99 -19.74 6.73
CA LYS F 14 18.20 -20.83 7.33
C LYS F 14 18.36 -20.82 8.83
N GLU F 15 19.59 -20.54 9.26
CA GLU F 15 19.96 -20.44 10.68
C GLU F 15 19.20 -19.30 11.32
N LEU F 16 19.37 -18.12 10.73
CA LEU F 16 18.75 -16.90 11.19
C LEU F 16 17.26 -17.06 11.35
N ALA F 17 16.61 -17.59 10.31
CA ALA F 17 15.16 -17.83 10.32
C ALA F 17 14.74 -18.76 11.44
N GLU F 18 15.57 -19.75 11.79
CA GLU F 18 15.20 -20.68 12.87
C GLU F 18 15.30 -20.03 14.22
N ASN F 19 16.28 -19.15 14.40
CA ASN F 19 16.39 -18.56 15.72
C ASN F 19 15.47 -17.39 15.98
N GLU F 20 14.92 -16.80 14.92
CA GLU F 20 14.02 -15.66 15.11
C GLU F 20 12.73 -15.87 14.31
N PRO F 21 11.81 -16.60 14.91
CA PRO F 21 10.57 -16.82 14.17
C PRO F 21 9.92 -15.56 13.62
N LEU F 23 11.08 -13.15 12.26
CA LEU F 23 11.74 -12.59 11.11
C LEU F 23 11.93 -13.63 10.02
N ALA F 24 11.44 -14.83 10.29
CA ALA F 24 11.53 -15.93 9.32
C ALA F 24 10.99 -15.62 7.94
N SER F 25 9.79 -15.02 7.87
CA SER F 25 9.21 -14.75 6.55
C SER F 25 10.10 -13.74 5.82
N PHE F 26 10.74 -12.89 6.60
CA PHE F 26 11.64 -11.89 6.08
C PHE F 26 12.82 -12.56 5.40
N PHE F 27 13.48 -13.49 6.10
CA PHE F 27 14.61 -14.22 5.54
C PHE F 27 14.21 -15.04 4.31
N HIS F 28 12.98 -15.55 4.29
CA HIS F 28 12.51 -16.33 3.15
C HIS F 28 12.20 -15.46 1.93
N SER F 29 11.56 -14.33 2.15
CA SER F 29 11.20 -13.44 1.05
C SER F 29 12.44 -12.79 0.44
N THR F 30 13.39 -12.43 1.30
CA THR F 30 14.62 -11.74 0.89
C THR F 30 15.78 -12.64 0.48
N ILE F 31 15.87 -13.81 1.09
CA ILE F 31 16.96 -14.69 0.75
C ILE F 31 16.60 -16.11 0.33
N LEU F 32 16.08 -16.93 1.22
CA LEU F 32 15.81 -18.31 0.84
C LEU F 32 15.03 -18.68 -0.43
N LYS F 33 14.02 -17.91 -0.81
CA LYS F 33 13.26 -18.26 -2.00
C LYS F 33 13.96 -17.95 -3.30
N HIS F 34 15.07 -17.22 -3.26
CA HIS F 34 15.77 -16.86 -4.49
C HIS F 34 16.87 -17.85 -4.79
N GLN F 35 17.27 -17.95 -6.06
CA GLN F 35 18.27 -18.94 -6.42
C GLN F 35 19.64 -18.36 -6.63
N ASN F 36 19.75 -17.05 -6.59
CA ASN F 36 21.05 -16.46 -6.77
C ASN F 36 20.95 -15.07 -6.16
N LEU F 37 22.10 -14.41 -6.01
CA LEU F 37 22.17 -13.09 -5.40
C LEU F 37 21.46 -11.98 -6.15
N GLY F 38 21.42 -12.06 -7.47
CA GLY F 38 20.71 -11.02 -8.20
C GLY F 38 19.21 -11.06 -7.90
N GLY F 39 18.66 -12.26 -7.64
CA GLY F 39 17.25 -12.37 -7.36
C GLY F 39 16.94 -11.73 -6.01
N ALA F 40 17.84 -11.96 -5.07
CA ALA F 40 17.69 -11.40 -3.72
C ALA F 40 17.86 -9.92 -3.76
N LEU F 41 18.95 -9.48 -4.38
CA LEU F 41 19.29 -8.08 -4.47
C LEU F 41 18.21 -7.30 -5.17
N SER F 42 17.72 -7.85 -6.27
CA SER F 42 16.73 -7.12 -7.05
C SER F 42 15.47 -6.98 -6.22
N TYR F 43 15.04 -8.07 -5.57
CA TYR F 43 13.82 -8.02 -4.75
C TYR F 43 14.04 -6.97 -3.63
N LEU F 44 15.21 -7.02 -2.99
CA LEU F 44 15.49 -6.09 -1.91
C LEU F 44 15.52 -4.63 -2.40
N LEU F 45 16.22 -4.34 -3.48
CA LEU F 45 16.30 -2.96 -3.95
C LEU F 45 14.99 -2.46 -4.52
N ALA F 46 14.29 -3.35 -5.21
CA ALA F 46 12.99 -2.98 -5.77
C ALA F 46 12.04 -2.56 -4.62
N ASN F 47 12.00 -3.38 -3.57
CA ASN F 47 11.14 -3.09 -2.44
C ASN F 47 11.52 -1.82 -1.69
N LYS F 48 12.82 -1.55 -1.55
CA LYS F 48 13.23 -0.39 -0.79
C LYS F 48 13.10 0.90 -1.56
N LEU F 49 13.22 0.84 -2.88
CA LEU F 49 13.13 2.05 -3.68
C LEU F 49 11.69 2.29 -4.10
N ALA F 50 10.84 1.31 -3.85
CA ALA F 50 9.45 1.42 -4.27
C ALA F 50 8.76 2.62 -3.67
N ASN F 51 7.83 3.21 -4.41
CA ASN F 51 7.02 4.33 -3.93
C ASN F 51 5.70 4.21 -4.62
N PRO F 52 4.67 4.98 -4.21
CA PRO F 52 3.38 4.83 -4.91
C PRO F 52 3.38 5.23 -6.40
N ILE F 53 4.35 5.99 -6.88
CA ILE F 53 4.26 6.28 -8.29
C ILE F 53 4.88 5.16 -9.09
N PRO F 55 5.98 1.47 -8.33
CA PRO F 55 5.91 0.32 -7.41
C PRO F 55 7.06 -0.65 -7.61
N ALA F 56 7.24 -1.53 -6.64
CA ALA F 56 8.32 -2.50 -6.67
C ALA F 56 8.28 -3.34 -7.91
N ILE F 57 7.08 -3.73 -8.32
CA ILE F 57 6.97 -4.57 -9.48
C ILE F 57 7.59 -3.93 -10.72
N SER F 58 7.46 -2.60 -10.85
CA SER F 58 8.04 -1.90 -11.99
C SER F 58 9.54 -1.74 -11.84
N LEU F 59 9.99 -1.49 -10.62
CA LEU F 59 11.41 -1.29 -10.40
C LEU F 59 12.18 -2.56 -10.58
N ARG F 60 11.61 -3.68 -10.12
CA ARG F 60 12.33 -4.91 -10.24
C ARG F 60 12.66 -5.27 -11.66
N GLU F 61 11.78 -5.00 -12.60
CA GLU F 61 12.02 -5.39 -13.98
C GLU F 61 13.17 -4.58 -14.59
N ILE F 62 13.43 -3.39 -14.03
CA ILE F 62 14.47 -2.50 -14.55
C ILE F 62 15.78 -2.99 -13.96
N ILE F 63 15.71 -3.38 -12.70
CA ILE F 63 16.92 -3.84 -12.05
C ILE F 63 17.36 -5.16 -12.67
N GLU F 64 16.41 -6.06 -12.92
CA GLU F 64 16.71 -7.37 -13.49
C GLU F 64 17.21 -7.27 -14.93
N GLU F 65 16.74 -6.28 -15.70
CA GLU F 65 17.26 -6.18 -17.06
C GLU F 65 18.76 -5.81 -16.91
N ALA F 66 19.07 -4.89 -16.02
CA ALA F 66 20.45 -4.46 -15.77
C ALA F 66 21.32 -5.66 -15.44
N TYR F 67 20.88 -6.46 -14.45
CA TYR F 67 21.60 -7.66 -14.03
C TYR F 67 21.80 -8.67 -15.17
N GLN F 68 20.93 -8.60 -16.17
CA GLN F 68 20.98 -9.49 -17.33
C GLN F 68 21.94 -8.86 -18.36
N SER F 69 21.90 -7.55 -18.54
CA SER F 69 22.82 -6.99 -19.52
C SER F 69 24.23 -6.93 -18.96
N ASN F 70 24.36 -7.03 -17.64
CA ASN F 70 25.69 -6.96 -17.05
C ASN F 70 25.82 -7.74 -15.79
N PRO F 71 25.84 -9.07 -15.89
CA PRO F 71 25.96 -9.93 -14.73
C PRO F 71 27.07 -9.54 -13.73
N SER F 72 28.10 -8.81 -14.16
CA SER F 72 29.18 -8.49 -13.21
C SER F 72 28.77 -7.50 -12.08
N ILE F 73 27.74 -6.69 -12.32
CA ILE F 73 27.27 -5.76 -11.32
C ILE F 73 27.02 -6.54 -10.02
N ILE F 74 26.50 -7.76 -10.18
CA ILE F 74 26.17 -8.65 -9.07
C ILE F 74 27.44 -9.12 -8.43
N ASP F 75 28.47 -9.24 -9.25
CA ASP F 75 29.77 -9.64 -8.77
C ASP F 75 30.35 -8.53 -7.90
N CYS F 76 30.23 -7.28 -8.34
CA CYS F 76 30.73 -6.16 -7.55
C CYS F 76 29.95 -6.13 -6.20
N ALA F 77 28.70 -6.53 -6.22
CA ALA F 77 27.92 -6.56 -4.99
C ALA F 77 28.55 -7.58 -3.98
N ALA F 78 28.80 -8.82 -4.40
CA ALA F 78 29.42 -9.76 -3.48
C ALA F 78 30.75 -9.16 -2.97
N CYS F 79 31.46 -8.47 -3.84
CA CYS F 79 32.71 -7.87 -3.39
C CYS F 79 32.51 -6.82 -2.30
N ASP F 80 31.43 -6.04 -2.41
CA ASP F 80 31.17 -5.01 -1.43
C ASP F 80 30.79 -5.70 -0.12
N ILE F 81 30.10 -6.82 -0.25
CA ILE F 81 29.69 -7.56 0.94
C ILE F 81 30.90 -8.03 1.75
N GLN F 82 31.86 -8.61 1.05
CA GLN F 82 33.09 -9.12 1.67
C GLN F 82 33.78 -8.00 2.38
N ALA F 83 33.80 -6.83 1.75
CA ALA F 83 34.45 -5.68 2.34
C ALA F 83 33.85 -5.16 3.61
N VAL F 84 32.52 -5.00 3.64
CA VAL F 84 31.90 -4.46 4.83
C VAL F 84 32.25 -5.51 5.82
N ARG F 85 32.05 -6.74 5.40
CA ARG F 85 32.33 -7.82 6.31
C ARG F 85 33.70 -7.68 6.90
N HIS F 86 34.79 -7.83 6.16
CA HIS F 86 35.98 -7.74 6.98
C HIS F 86 36.57 -6.39 7.31
N ARG F 87 35.95 -5.29 6.89
CA ARG F 87 36.51 -3.98 7.24
C ARG F 87 35.82 -3.41 8.49
N ASP F 88 34.84 -4.15 9.00
CA ASP F 88 34.14 -3.81 10.26
C ASP F 88 33.90 -5.11 11.08
N PRO F 89 34.69 -5.32 12.15
CA PRO F 89 34.60 -6.51 13.02
C PRO F 89 33.19 -6.66 13.59
N ALA F 90 32.37 -5.60 13.56
CA ALA F 90 30.97 -5.69 14.06
C ALA F 90 30.03 -6.39 13.07
N VAL F 91 30.48 -6.54 11.82
CA VAL F 91 29.64 -7.24 10.86
C VAL F 91 30.32 -8.55 10.84
N GLU F 92 29.63 -9.60 11.25
CA GLU F 92 30.23 -10.93 11.30
C GLU F 92 29.62 -11.88 10.23
N LEU F 93 28.31 -11.75 10.01
CA LEU F 93 27.55 -12.56 9.06
C LEU F 93 27.57 -11.96 7.63
N TRP F 94 27.72 -12.78 6.59
CA TRP F 94 27.76 -12.27 5.20
C TRP F 94 26.38 -11.69 4.74
N SER F 95 25.31 -12.21 5.35
CA SER F 95 23.96 -11.76 5.03
C SER F 95 23.65 -10.32 5.53
N THR F 96 24.32 -9.90 6.58
CA THR F 96 24.08 -8.59 7.16
C THR F 96 24.14 -7.36 6.23
N PRO F 97 25.20 -7.26 5.42
CA PRO F 97 25.31 -6.11 4.51
C PRO F 97 24.17 -6.13 3.51
N LEU F 98 23.88 -7.30 2.98
CA LEU F 98 22.81 -7.47 1.99
C LEU F 98 21.42 -7.08 2.50
N LEU F 99 21.11 -7.56 3.70
CA LEU F 99 19.80 -7.35 4.31
C LEU F 99 19.56 -6.07 5.05
N TYR F 100 20.58 -5.46 5.61
CA TYR F 100 20.29 -4.31 6.44
C TYR F 100 20.89 -2.95 6.23
N LEU F 101 22.15 -2.92 5.78
CA LEU F 101 22.93 -1.69 5.62
C LEU F 101 22.64 -0.77 4.43
N LYS F 102 21.92 0.33 4.69
CA LYS F 102 21.55 1.25 3.62
C LYS F 102 22.72 1.76 2.75
N GLY F 103 23.94 1.74 3.27
CA GLY F 103 25.07 2.18 2.50
C GLY F 103 25.30 1.17 1.39
N PHE F 104 25.31 -0.09 1.80
CA PHE F 104 25.50 -1.17 0.88
C PHE F 104 24.46 -1.06 -0.24
N HIS F 105 23.22 -0.83 0.16
CA HIS F 105 22.11 -0.74 -0.78
C HIS F 105 22.26 0.41 -1.77
N ALA F 106 22.60 1.60 -1.24
CA ALA F 106 22.74 2.80 -2.06
C ALA F 106 23.80 2.55 -3.07
N ILE F 107 24.88 1.90 -2.66
CA ILE F 107 25.91 1.59 -3.63
C ILE F 107 25.46 0.64 -4.72
N GLN F 108 24.80 -0.45 -4.38
CA GLN F 108 24.39 -1.41 -5.45
C GLN F 108 23.34 -0.80 -6.37
N SER F 109 22.50 0.07 -5.78
CA SER F 109 21.48 0.80 -6.52
C SER F 109 22.18 1.78 -7.48
N TYR F 110 23.26 2.40 -7.01
CA TYR F 110 23.97 3.34 -7.85
C TYR F 110 24.55 2.56 -9.05
N ARG F 111 24.96 1.32 -8.83
CA ARG F 111 25.53 0.58 -9.93
C ARG F 111 24.52 0.44 -11.07
N ILE F 112 23.26 0.26 -10.73
CA ILE F 112 22.22 0.17 -11.74
C ILE F 112 22.10 1.51 -12.44
N THR F 113 22.17 2.61 -11.69
CA THR F 113 22.06 3.89 -12.34
C THR F 113 23.26 4.10 -13.26
N HIS F 114 24.46 3.66 -12.84
CA HIS F 114 25.64 3.84 -13.64
C HIS F 114 25.53 3.11 -14.98
N TYR F 115 25.08 1.86 -14.95
CA TYR F 115 24.85 1.06 -16.17
C TYR F 115 23.79 1.78 -17.01
N LEU F 116 22.79 2.37 -16.39
CA LEU F 116 21.79 3.08 -17.19
C LEU F 116 22.38 4.33 -17.86
N TRP F 117 23.31 4.97 -17.15
CA TRP F 117 23.96 6.17 -17.66
C TRP F 117 24.79 5.79 -18.87
N ASN F 118 25.50 4.70 -18.77
CA ASN F 118 26.28 4.31 -19.92
C ASN F 118 25.43 3.69 -21.04
N GLN F 119 24.16 3.42 -20.79
CA GLN F 119 23.31 2.90 -21.85
C GLN F 119 22.58 4.11 -22.45
N ASN F 120 23.03 5.28 -22.03
CA ASN F 120 22.39 6.52 -22.42
C ASN F 120 20.88 6.58 -22.03
N ARG F 121 20.53 5.91 -20.94
CA ARG F 121 19.15 5.95 -20.48
C ARG F 121 19.20 6.84 -19.19
N LYS F 122 19.33 8.14 -19.42
CA LYS F 122 19.50 9.11 -18.35
C LYS F 122 18.27 9.53 -17.58
N SER F 123 17.13 9.62 -18.25
CA SER F 123 15.98 10.02 -17.48
C SER F 123 15.80 8.93 -16.41
N LEU F 124 16.04 7.67 -16.76
CA LEU F 124 15.88 6.58 -15.80
C LEU F 124 16.92 6.59 -14.69
N ALA F 125 18.17 6.78 -15.08
CA ALA F 125 19.26 6.86 -14.14
C ALA F 125 19.00 8.03 -13.20
N LEU F 126 18.50 9.16 -13.72
CA LEU F 126 18.23 10.31 -12.83
C LEU F 126 17.10 10.06 -11.85
N TYR F 127 16.11 9.31 -12.30
CA TYR F 127 14.97 8.98 -11.46
C TYR F 127 15.50 8.13 -10.31
N LEU F 128 16.25 7.09 -10.64
CA LEU F 128 16.75 6.23 -9.59
C LEU F 128 17.76 6.96 -8.70
N GLN F 129 18.63 7.79 -9.27
CA GLN F 129 19.61 8.52 -8.46
C GLN F 129 18.89 9.18 -7.30
N ASN F 130 17.83 9.89 -7.64
CA ASN F 130 17.11 10.60 -6.64
C ASN F 130 16.21 9.78 -5.76
N GLN F 131 15.81 8.58 -6.19
CA GLN F 131 14.98 7.76 -5.29
C GLN F 131 15.93 7.18 -4.24
N ILE F 132 17.14 6.86 -4.66
CA ILE F 132 18.17 6.34 -3.77
C ILE F 132 18.41 7.42 -2.70
N SER F 133 18.34 8.67 -3.12
CA SER F 133 18.55 9.74 -2.18
C SER F 133 17.38 9.75 -1.19
N VAL F 134 16.17 9.56 -1.70
CA VAL F 134 15.02 9.55 -0.83
C VAL F 134 15.05 8.35 0.05
N ALA F 135 15.30 7.17 -0.51
CA ALA F 135 15.29 5.95 0.31
C ALA F 135 16.44 5.78 1.31
N PHE F 136 17.68 6.02 0.90
CA PHE F 136 18.80 5.77 1.78
C PHE F 136 19.59 7.00 2.20
N ASP F 137 19.16 8.16 1.74
CA ASP F 137 19.81 9.41 2.09
C ASP F 137 21.25 9.47 1.57
N VAL F 138 21.45 8.86 0.41
CA VAL F 138 22.74 8.85 -0.26
C VAL F 138 22.49 9.37 -1.67
N ASP F 139 23.24 10.39 -2.07
CA ASP F 139 23.08 10.95 -3.39
C ASP F 139 24.39 10.82 -4.19
N ILE F 140 24.42 9.82 -5.06
CA ILE F 140 25.57 9.50 -5.92
C ILE F 140 25.18 9.75 -7.36
N HIS F 141 25.86 10.65 -8.02
CA HIS F 141 25.54 10.93 -9.40
C HIS F 141 25.83 9.71 -10.23
N PRO F 142 24.89 9.32 -11.10
CA PRO F 142 25.09 8.14 -11.93
C PRO F 142 26.41 8.10 -12.72
N ALA F 143 26.99 9.25 -13.05
CA ALA F 143 28.23 9.27 -13.83
C ALA F 143 29.50 9.05 -13.04
N ALA F 144 29.40 9.10 -11.73
CA ALA F 144 30.54 8.84 -10.88
C ALA F 144 31.08 7.49 -11.24
N LYS F 145 32.39 7.30 -11.05
CA LYS F 145 33.04 6.02 -11.34
C LYS F 145 33.50 5.41 -10.04
N ILE F 146 32.85 4.32 -9.66
CA ILE F 146 33.14 3.66 -8.40
C ILE F 146 33.53 2.16 -8.55
N GLY F 147 34.60 1.77 -7.86
CA GLY F 147 35.05 0.38 -7.91
C GLY F 147 34.29 -0.53 -6.96
N HIS F 148 34.97 -1.58 -6.46
CA HIS F 148 34.37 -2.53 -5.54
C HIS F 148 35.15 -2.67 -4.23
N GLY F 149 34.53 -3.37 -3.29
CA GLY F 149 35.11 -3.55 -1.96
C GLY F 149 34.88 -2.23 -1.27
N ILE F 150 33.79 -1.58 -1.66
CA ILE F 150 33.43 -0.27 -1.16
C ILE F 150 32.64 -0.35 0.11
N PHE F 152 30.24 2.11 2.62
CA PHE F 152 29.58 3.41 2.95
C PHE F 152 28.95 3.18 4.34
N ASP F 153 29.75 3.35 5.37
CA ASP F 153 29.34 3.10 6.75
C ASP F 153 28.34 4.15 7.31
N HIS F 154 27.19 3.68 7.76
CA HIS F 154 26.14 4.55 8.30
C HIS F 154 25.55 5.29 7.12
N ALA F 155 26.40 5.92 6.31
CA ALA F 155 25.99 6.53 5.04
C ALA F 155 25.15 7.81 4.89
N THR F 156 24.34 8.11 5.90
CA THR F 156 23.51 9.28 5.87
C THR F 156 24.23 10.55 5.44
N GLY F 157 23.67 11.28 4.47
CA GLY F 157 24.29 12.52 4.01
C GLY F 157 25.47 12.46 3.04
N ILE F 158 25.75 11.27 2.48
CA ILE F 158 26.85 11.15 1.52
C ILE F 158 26.33 11.67 0.17
N VAL F 159 27.13 12.52 -0.43
CA VAL F 159 26.86 13.11 -1.73
C VAL F 159 28.11 12.86 -2.59
N VAL F 160 27.92 12.40 -3.82
CA VAL F 160 29.08 12.14 -4.65
C VAL F 160 28.88 12.82 -5.99
N GLY F 161 29.84 13.68 -6.36
CA GLY F 161 29.73 14.46 -7.58
C GLY F 161 29.80 13.68 -8.88
N GLU F 162 29.21 14.27 -9.93
CA GLU F 162 29.16 13.71 -11.27
C GLU F 162 30.50 13.16 -11.80
N THR F 163 31.58 13.92 -11.61
CA THR F 163 32.88 13.52 -12.10
C THR F 163 33.80 12.90 -11.08
N SER F 164 33.24 12.39 -9.99
CA SER F 164 34.05 11.77 -8.95
C SER F 164 34.53 10.37 -9.31
N VAL F 165 35.65 9.97 -8.74
CA VAL F 165 36.13 8.61 -8.94
C VAL F 165 36.46 8.12 -7.55
N ILE F 166 35.99 6.93 -7.25
CA ILE F 166 36.19 6.27 -5.98
C ILE F 166 36.77 4.92 -6.31
N GLU F 167 38.08 4.73 -6.15
CA GLU F 167 38.66 3.42 -6.51
C GLU F 167 38.29 2.33 -5.48
N ASN F 168 38.83 1.13 -5.70
CA ASN F 168 38.61 -0.03 -4.82
C ASN F 168 39.03 0.12 -3.38
N ASP F 169 38.27 -0.55 -2.52
CA ASP F 169 38.50 -0.61 -1.07
C ASP F 169 38.44 0.65 -0.25
N VAL F 170 37.72 1.62 -0.76
CA VAL F 170 37.56 2.88 -0.04
C VAL F 170 36.43 2.78 0.97
N SER F 171 36.54 3.50 2.06
CA SER F 171 35.50 3.53 3.09
C SER F 171 35.14 4.98 3.35
N ILE F 172 33.84 5.27 3.24
CA ILE F 172 33.33 6.61 3.44
C ILE F 172 32.27 6.58 4.53
N LEU F 173 32.35 7.53 5.45
CA LEU F 173 31.39 7.59 6.55
C LEU F 173 30.28 8.63 6.27
N GLN F 174 29.36 8.74 7.23
CA GLN F 174 28.24 9.66 7.18
C GLN F 174 28.64 11.08 6.94
N GLY F 175 27.79 11.83 6.25
CA GLY F 175 28.08 13.24 6.01
C GLY F 175 29.21 13.70 5.14
N VAL F 176 29.90 12.80 4.42
CA VAL F 176 30.95 13.31 3.59
C VAL F 176 30.46 13.69 2.20
N THR F 177 31.01 14.77 1.69
CA THR F 177 30.70 15.26 0.35
C THR F 177 31.94 15.16 -0.54
N LEU F 178 31.77 14.68 -1.77
CA LEU F 178 32.82 14.64 -2.79
C LEU F 178 32.25 15.63 -3.83
N GLY F 179 32.56 16.89 -3.65
CA GLY F 179 32.02 17.88 -4.56
C GLY F 179 32.96 18.78 -5.31
N GLY F 180 32.41 19.91 -5.74
CA GLY F 180 33.19 20.88 -6.50
C GLY F 180 33.40 22.17 -5.74
N THR F 181 34.25 23.06 -6.28
CA THR F 181 34.51 24.34 -5.64
C THR F 181 33.72 25.44 -6.30
N GLY F 182 33.09 25.13 -7.45
CA GLY F 182 32.34 26.14 -8.20
C GLY F 182 32.59 26.28 -9.72
N LYS F 183 33.53 25.50 -10.30
CA LYS F 183 33.79 25.44 -11.77
C LYS F 183 32.47 24.81 -12.17
N GLU F 184 31.66 25.46 -13.02
CA GLU F 184 30.33 24.88 -13.28
C GLU F 184 30.28 23.62 -14.12
N SER F 185 31.30 23.39 -14.94
CA SER F 185 31.27 22.20 -15.78
C SER F 185 32.67 21.60 -15.91
N GLY F 186 32.75 20.41 -16.47
CA GLY F 186 34.07 19.79 -16.67
C GLY F 186 34.56 19.01 -15.47
N ASP F 187 35.77 18.49 -15.54
CA ASP F 187 36.26 17.77 -14.36
C ASP F 187 36.28 18.68 -13.16
N ARG F 188 35.51 18.36 -12.14
CA ARG F 188 35.52 19.28 -11.03
C ARG F 188 35.28 18.58 -9.71
N HIS F 189 35.33 17.27 -9.74
CA HIS F 189 35.15 16.53 -8.52
C HIS F 189 36.36 15.65 -8.19
N PRO F 190 36.46 15.23 -6.92
CA PRO F 190 37.55 14.39 -6.39
C PRO F 190 37.80 13.05 -6.99
N LYS F 191 39.07 12.69 -7.04
CA LYS F 191 39.53 11.40 -7.51
C LYS F 191 40.06 10.78 -6.23
N VAL F 192 39.24 9.93 -5.61
CA VAL F 192 39.60 9.24 -4.37
C VAL F 192 40.32 7.91 -4.69
N ARG F 193 41.60 7.80 -4.38
CA ARG F 193 42.30 6.57 -4.74
C ARG F 193 42.07 5.39 -3.79
N GLU F 194 42.58 4.23 -4.21
CA GLU F 194 42.36 3.00 -3.47
C GLU F 194 42.78 3.00 -1.99
N GLY F 195 41.96 2.30 -1.19
CA GLY F 195 42.27 2.15 0.23
C GLY F 195 41.98 3.38 1.07
N VAL F 196 41.58 4.46 0.44
CA VAL F 196 41.27 5.65 1.22
C VAL F 196 40.10 5.47 2.20
N ILE F 198 37.56 7.90 4.55
CA ILE F 198 37.13 9.26 4.83
C ILE F 198 36.25 9.32 6.07
N GLY F 199 36.67 10.10 7.06
CA GLY F 199 35.88 10.21 8.28
C GLY F 199 34.59 11.02 8.16
N ALA F 200 33.76 10.89 9.19
CA ALA F 200 32.47 11.57 9.24
C ALA F 200 32.48 13.08 8.97
N GLY F 201 31.59 13.48 8.05
CA GLY F 201 31.41 14.89 7.71
C GLY F 201 32.44 15.61 6.86
N ALA F 202 33.51 14.93 6.45
CA ALA F 202 34.48 15.61 5.65
C ALA F 202 33.87 16.05 4.32
N LYS F 203 34.34 17.20 3.85
CA LYS F 203 33.90 17.71 2.57
C LYS F 203 35.16 17.80 1.72
N ILE F 204 35.19 17.07 0.62
CA ILE F 204 36.34 17.08 -0.26
C ILE F 204 35.86 17.74 -1.57
N LEU F 205 36.35 18.95 -1.81
CA LEU F 205 35.94 19.75 -2.96
C LEU F 205 36.96 20.01 -4.06
N GLY F 206 36.54 19.85 -5.30
CA GLY F 206 37.46 20.10 -6.39
C GLY F 206 37.99 18.84 -7.07
N ASN F 207 38.49 19.04 -8.27
CA ASN F 207 39.06 17.97 -9.05
C ASN F 207 40.46 17.78 -8.45
N ILE F 208 40.54 17.16 -7.28
CA ILE F 208 41.82 16.95 -6.60
C ILE F 208 42.07 15.49 -6.29
N GLU F 209 43.34 15.17 -6.15
CA GLU F 209 43.80 13.84 -5.85
C GLU F 209 43.80 13.49 -4.36
N VAL F 210 43.20 12.35 -4.04
CA VAL F 210 43.24 11.89 -2.66
C VAL F 210 44.02 10.58 -2.77
N GLY F 211 45.31 10.67 -2.51
CA GLY F 211 46.22 9.54 -2.61
C GLY F 211 45.81 8.24 -2.00
N LYS F 212 46.17 7.15 -2.67
CA LYS F 212 45.82 5.85 -2.20
C LYS F 212 46.24 5.71 -0.73
N TYR F 213 45.37 5.06 0.06
CA TYR F 213 45.57 4.82 1.51
C TYR F 213 45.63 6.04 2.43
N ALA F 214 45.23 7.18 1.86
CA ALA F 214 45.15 8.43 2.61
C ALA F 214 43.98 8.29 3.61
N LYS F 215 43.96 9.15 4.62
CA LYS F 215 42.93 9.15 5.65
C LYS F 215 42.55 10.59 5.86
N ILE F 216 41.26 10.85 5.90
CA ILE F 216 40.74 12.19 6.07
C ILE F 216 40.04 12.25 7.42
N GLY F 217 40.43 13.20 8.26
CA GLY F 217 39.83 13.32 9.58
C GLY F 217 38.46 13.95 9.51
N ALA F 218 37.60 13.54 10.43
CA ALA F 218 36.24 14.04 10.52
C ALA F 218 36.12 15.57 10.35
N ASN F 219 35.02 16.01 9.72
CA ASN F 219 34.68 17.44 9.46
C ASN F 219 35.71 18.24 8.73
N SER F 220 36.71 17.55 8.21
CA SER F 220 37.73 18.22 7.43
C SER F 220 37.15 18.78 6.13
N VAL F 221 37.84 19.80 5.61
CA VAL F 221 37.47 20.42 4.35
C VAL F 221 38.77 20.40 3.54
N VAL F 222 38.83 19.45 2.61
CA VAL F 222 39.97 19.17 1.77
C VAL F 222 39.82 19.90 0.48
N LEU F 223 40.75 20.81 0.21
CA LEU F 223 40.73 21.65 -0.98
C LEU F 223 42.01 21.53 -1.78
N ASN F 224 42.98 20.80 -1.26
CA ASN F 224 44.29 20.58 -1.91
C ASN F 224 44.57 19.10 -1.91
N PRO F 225 45.29 18.63 -2.92
CA PRO F 225 45.71 17.26 -3.15
C PRO F 225 46.26 16.63 -1.87
N VAL F 226 45.94 15.36 -1.65
CA VAL F 226 46.41 14.70 -0.44
C VAL F 226 47.34 13.57 -0.86
N PRO F 227 48.60 13.60 -0.38
CA PRO F 227 49.60 12.59 -0.70
C PRO F 227 49.18 11.17 -0.29
N GLU F 228 49.70 10.18 -1.02
CA GLU F 228 49.44 8.80 -0.69
C GLU F 228 49.89 8.59 0.77
N TYR F 229 49.16 7.73 1.46
CA TYR F 229 49.35 7.36 2.86
C TYR F 229 49.37 8.51 3.81
N ALA F 230 49.12 9.71 3.32
CA ALA F 230 49.10 10.87 4.23
C ALA F 230 47.77 10.98 4.97
N THR F 231 47.79 11.64 6.11
CA THR F 231 46.58 11.87 6.83
C THR F 231 46.34 13.37 6.71
N ALA F 232 45.09 13.75 6.42
CA ALA F 232 44.74 15.17 6.31
C ALA F 232 43.68 15.46 7.30
N ALA F 233 43.68 16.65 7.86
CA ALA F 233 42.64 17.02 8.82
C ALA F 233 42.65 18.51 9.11
N GLY F 234 41.46 19.08 9.24
CA GLY F 234 41.33 20.47 9.56
C GLY F 234 40.38 21.19 8.63
N VAL F 235 40.07 22.43 9.00
CA VAL F 235 39.18 23.27 8.24
C VAL F 235 39.87 24.57 7.95
N PRO F 236 40.55 24.73 6.79
CA PRO F 236 40.70 23.72 5.76
C PRO F 236 41.76 22.75 6.23
N ALA F 237 41.82 21.61 5.56
CA ALA F 237 42.74 20.53 5.92
C ALA F 237 44.24 20.76 5.63
N ARG F 238 45.07 20.21 6.52
CA ARG F 238 46.54 20.29 6.42
C ARG F 238 47.11 18.86 6.48
N ILE F 239 48.14 18.55 5.70
CA ILE F 239 48.74 17.21 5.78
C ILE F 239 49.21 17.00 7.22
N VAL F 240 48.67 16.02 7.94
CA VAL F 240 49.10 15.91 9.30
C VAL F 240 49.92 14.68 9.74
#